data_9K9U
#
_entry.id   9K9U
#
_cell.length_a   1.00
_cell.length_b   1.00
_cell.length_c   1.00
_cell.angle_alpha   90.00
_cell.angle_beta   90.00
_cell.angle_gamma   90.00
#
_symmetry.space_group_name_H-M   'P 1'
#
loop_
_entity.id
_entity.type
_entity.pdbx_description
1 polymer 'DNA polymerase'
2 polymer E4R
3 polymer 'DNA polymerase processivity factor component A20'
4 polymer 'DNA (25-MER)'
5 polymer 'DNA (38-MER)'
#
loop_
_entity_poly.entity_id
_entity_poly.type
_entity_poly.pdbx_seq_one_letter_code
_entity_poly.pdbx_strand_id
1 'polypeptide(L)'
;MWSHPQFEKGSGSWSHPQFEKGSGSMDVRCINWFESHGENRFLYLKSRCRNGETVFIRFPHYFYYVVTDEIYQSLSPPPF
NARPMGKMRTIDIDETISYNLDIKDRKCSVADMWLIEEPKKRSIQNATMDEFFNISWFYISNGISPDGCYSLDEQYLTKI
NNGCYHCDDPRNCFAKEIPRFDIPRSYLFLAIACHFDKKFPSVFINPISHTSYCYIDLSGKRLLFTLINEEMLTEQEIQE
AVDRGCLRIQSLMEMDYERELVLCSEIVLLRIAKQLLELTFDYVVTFNGHNFDLRYITNRLELLTGEKIIFRSPDKKEAV
HLCIYERNQSSHKGVCGMANTTFHVNNNNGTIFFDLYSFIQKSEKLDSYKLDSISKNAFSCMGKVLNRGVREMTFIGDDT
TDAKGKADTFAKVLTTGNYVTVDEDIICKVIRKDILENGFKVVLSCPTLPNDIYKLSFGKDDIDLAQMYKDYNLNIALDM
ARYCIHDACLCQYLWEYYGVETKTDAGAATYVLPQSMVFEYRASTIIKGPLLKLLLETKTILVRSETKQKFPYEGGKVFA
PKQKMFSNNVLIFDYNSLYPNVCIFGNLSPETLVGVVVSTNRLEEEINNQLLLQKYPPPRYITVHCEPRLPNLISEIAIF
DRSIEGTIPRLLRTFLAERARYKKMLKQATSSTEKAIYDSMQYTYKIVANSVYGLMGFRNSALYSYASAKSCTSIGRRMI
LYLESVLNGAELSNGMLRFANTLSNPFYMDDRDINPIVKTSLPIDYRFRFRSVYGDTDSVFTEIDSQDVDKSIEIAKELE
RLINSRVLFNNFKIEFEAVYKNLIMQSKKKYTTMKYSASSNSKSVPERINKGTSETRRDVSKFHKNMIKTYKTRLSEMLS
EGRMNSNQVCIDILRSLETDLRSEFDSRSSPLELFMLSRMHHSNYKSADNPNMYLVTEYNKNNPETIELGERYYFAYICP
ANVPWTKKLVNIKTYETIIDRSFKLGSNQRIFYEVYFKRLTSEIVNLLDNKVLCISFFQRMFGSRPTFYEA
;
A
2 'polypeptide(L)'
;MNSVTISHAPYTITYHDDWEPVMSQLVEFYNEVASWLLRDETSPIPDKFFIQLKQPLRNKRVCVCGIDPYPKDGTGVPFE
SPNFTKKSIKEIASSISRLTGVIDYKGYNLNIIDGVIPWNYYLSCKLGETKSHAIYWDKISKLLLQHITKHVSVLYCLGK
TDFSNIRAKLESPVTTIVGYHPAARDHQFEKDRSFEIINVLLELDNKTPINWAQGFIY
;
B
3 'polypeptide(L)'
;MTSSADLTNLKELLSLYKSLRFSDSVAIEKYNSLVEWGTSTYWKIGVQKVTNVETSISDYYDEVKNKPFNIDPGYYIFLP
VYFGSVFIYSKGKNMVELGSGNSFQIPDEIRSACNKVLDSDNGIDFLRFVLLNNRWIMEDAISKYQSPVNIFKLASEYGL
NIPNYLEIEIEEDTLFDDELYSIMERSFDDTFPKISISYIKLGELKRQVVDFFKFSFMYIESIKVDRIGDNIFIPSVITK
SGKKILVKDVDHLIRSKVREHTFVKVKKKNTFSILYDYDGNGTETRGEVIKRIIDTIGRDYYVNGKYFSKVGIAGLKQLT
NKLDINECATVDELVDEINKSGTVKRKIKNQSVFDLSRECLGYPEADFITLVNNMRFKIENCKVVNFNIENTNCLNNPSI
ETIYGNFNQFVSIFNTVTDVKKRLFE
;
C
4 'polydeoxyribonucleotide'
;(DA)(DG)(DC)(DT)(DA)(DT)(DG)(DA)(DC)(DC)(DA)(DT)(DG)(DA)(DT)(DT)(DA)(DC)(DG)(DA)
(DA)(DT)(DT)(DG)(DC)
;
P
5 'polydeoxyribonucleotide'
;(DC)(DT)(DG)(DC)(DA)(DC)(DG)(DA)(DA)(DT)(DT)(DA)(DA)(DG)(DC)(DA)(DA)(DT)(DT)(DC)
(DG)(DT)(DA)(DA)(DT)(DC)(DA)(DT)(DG)(DG)(DT)(DC)(DA)(DT)(DA)(DG)(DC)(DT)
;
E
#
loop_
_chem_comp.id
_chem_comp.type
_chem_comp.name
_chem_comp.formula
DA DNA linking 2'-DEOXYADENOSINE-5'-MONOPHOSPHATE 'C10 H14 N5 O6 P'
DC DNA linking 2'-DEOXYCYTIDINE-5'-MONOPHOSPHATE 'C9 H14 N3 O7 P'
DG DNA linking 2'-DEOXYGUANOSINE-5'-MONOPHOSPHATE 'C10 H14 N5 O7 P'
DT DNA linking THYMIDINE-5'-MONOPHOSPHATE 'C10 H15 N2 O8 P'
#
# COMPACT_ATOMS: atom_id res chain seq x y z
N MET A 26 -26.51 -32.05 29.06
CA MET A 26 -25.85 -30.80 29.38
C MET A 26 -24.50 -30.68 28.67
N ASP A 27 -24.08 -31.76 28.03
CA ASP A 27 -22.84 -31.76 27.25
C ASP A 27 -23.11 -31.05 25.93
N VAL A 28 -22.34 -30.00 25.65
CA VAL A 28 -22.58 -29.14 24.49
C VAL A 28 -21.28 -28.96 23.72
N ARG A 29 -21.40 -28.91 22.40
CA ARG A 29 -20.31 -28.55 21.50
C ARG A 29 -20.64 -27.20 20.86
N CYS A 30 -19.67 -26.29 20.88
CA CYS A 30 -19.88 -24.94 20.40
C CYS A 30 -19.86 -24.89 18.88
N ILE A 31 -20.62 -23.95 18.32
CA ILE A 31 -20.71 -23.74 16.88
C ILE A 31 -20.29 -22.34 16.48
N ASN A 32 -20.85 -21.32 17.15
CA ASN A 32 -20.54 -19.94 16.80
C ASN A 32 -20.64 -19.06 18.04
N TRP A 33 -19.84 -18.00 18.05
CA TRP A 33 -19.92 -16.94 19.04
C TRP A 33 -20.17 -15.63 18.31
N PHE A 34 -21.21 -14.90 18.72
CA PHE A 34 -21.57 -13.65 18.07
C PHE A 34 -21.98 -12.62 19.11
N GLU A 35 -21.96 -11.36 18.70
CA GLU A 35 -22.19 -10.23 19.58
C GLU A 35 -23.42 -9.45 19.14
N SER A 36 -24.05 -8.77 20.10
CA SER A 36 -25.22 -7.94 19.85
C SER A 36 -24.83 -6.48 20.06
N HIS A 37 -25.15 -5.63 19.08
CA HIS A 37 -24.74 -4.23 19.08
C HIS A 37 -25.85 -3.30 19.53
N GLY A 38 -26.67 -3.73 20.48
CA GLY A 38 -27.73 -2.90 21.02
C GLY A 38 -27.23 -1.93 22.07
N GLU A 39 -28.18 -1.32 22.77
CA GLU A 39 -27.83 -0.40 23.85
C GLU A 39 -27.08 -1.12 24.96
N ASN A 40 -27.55 -2.31 25.34
CA ASN A 40 -26.87 -3.16 26.30
C ASN A 40 -26.26 -4.34 25.55
N ARG A 41 -24.93 -4.37 25.47
CA ARG A 41 -24.24 -5.37 24.69
C ARG A 41 -23.98 -6.62 25.51
N PHE A 42 -24.03 -7.77 24.84
CA PHE A 42 -23.82 -9.07 25.47
C PHE A 42 -22.91 -9.90 24.56
N LEU A 43 -22.72 -11.16 24.92
CA LEU A 43 -22.03 -12.12 24.08
C LEU A 43 -22.84 -13.40 24.06
N TYR A 44 -22.91 -14.03 22.89
CA TYR A 44 -23.78 -15.18 22.68
C TYR A 44 -22.98 -16.40 22.28
N LEU A 45 -23.35 -17.55 22.84
CA LEU A 45 -22.77 -18.84 22.48
C LEU A 45 -23.87 -19.75 21.97
N LYS A 46 -23.67 -20.31 20.78
CA LYS A 46 -24.57 -21.28 20.18
C LYS A 46 -23.92 -22.65 20.26
N SER A 47 -24.66 -23.65 20.73
CA SER A 47 -24.11 -24.97 20.94
C SER A 47 -25.15 -26.03 20.61
N ARG A 48 -24.66 -27.24 20.35
CA ARG A 48 -25.52 -28.38 20.07
C ARG A 48 -25.18 -29.53 21.02
N CYS A 49 -26.20 -30.26 21.43
CA CYS A 49 -26.04 -31.41 22.30
C CYS A 49 -25.90 -32.67 21.45
N ARG A 50 -25.94 -33.84 22.09
CA ARG A 50 -25.82 -35.08 21.35
C ARG A 50 -27.08 -35.35 20.52
N ASN A 51 -28.26 -35.12 21.09
CA ASN A 51 -29.50 -35.43 20.40
C ASN A 51 -29.69 -34.56 19.15
N GLY A 52 -29.37 -33.28 19.25
CA GLY A 52 -29.51 -32.39 18.11
C GLY A 52 -30.12 -31.05 18.46
N GLU A 53 -30.52 -30.88 19.72
CA GLU A 53 -31.13 -29.63 20.14
C GLU A 53 -30.09 -28.51 20.19
N THR A 54 -30.58 -27.28 20.05
CA THR A 54 -29.74 -26.09 20.04
C THR A 54 -29.90 -25.33 21.35
N VAL A 55 -28.78 -24.90 21.92
CA VAL A 55 -28.76 -24.18 23.19
C VAL A 55 -28.00 -22.88 22.99
N PHE A 56 -28.60 -21.78 23.43
CA PHE A 56 -27.97 -20.46 23.41
C PHE A 56 -27.67 -20.03 24.83
N ILE A 57 -26.49 -19.47 25.03
CA ILE A 57 -26.05 -18.98 26.34
C ILE A 57 -25.61 -17.53 26.18
N ARG A 58 -26.05 -16.67 27.10
CA ARG A 58 -25.76 -15.25 27.06
C ARG A 58 -24.87 -14.86 28.22
N PHE A 59 -23.73 -14.23 27.92
CA PHE A 59 -22.76 -13.72 28.88
C PHE A 59 -22.70 -12.20 28.83
N PRO A 60 -22.37 -11.55 29.94
CA PRO A 60 -22.09 -10.11 29.89
C PRO A 60 -20.68 -9.83 29.39
N HIS A 61 -20.55 -8.79 28.57
CA HIS A 61 -19.27 -8.45 27.95
C HIS A 61 -18.72 -7.20 28.61
N TYR A 62 -17.49 -7.29 29.10
CA TYR A 62 -16.82 -6.22 29.82
C TYR A 62 -15.67 -5.66 28.99
N PHE A 63 -15.13 -4.53 29.46
CA PHE A 63 -13.94 -3.91 28.91
C PHE A 63 -12.77 -4.25 29.82
N TYR A 64 -11.72 -4.83 29.25
CA TYR A 64 -10.60 -5.36 30.01
C TYR A 64 -9.42 -4.41 29.96
N TYR A 65 -8.80 -4.16 31.11
CA TYR A 65 -7.64 -3.28 31.20
C TYR A 65 -6.58 -3.91 32.07
N VAL A 66 -5.32 -3.67 31.72
CA VAL A 66 -4.17 -4.18 32.47
C VAL A 66 -3.44 -2.99 33.08
N VAL A 67 -3.24 -3.03 34.39
CA VAL A 67 -2.65 -1.91 35.12
C VAL A 67 -1.57 -2.41 36.06
N THR A 68 -0.74 -1.48 36.51
CA THR A 68 0.27 -1.72 37.53
C THR A 68 -0.38 -1.59 38.91
N ASP A 69 0.27 -2.17 39.93
CA ASP A 69 -0.31 -2.20 41.27
C ASP A 69 -0.56 -0.80 41.80
N GLU A 70 0.39 0.11 41.61
CA GLU A 70 0.20 1.48 42.10
C GLU A 70 -0.97 2.16 41.42
N ILE A 71 -1.15 1.95 40.11
CA ILE A 71 -2.29 2.53 39.42
C ILE A 71 -3.59 1.93 39.93
N TYR A 72 -3.59 0.62 40.20
CA TYR A 72 -4.78 -0.02 40.73
C TYR A 72 -5.17 0.55 42.09
N GLN A 73 -4.18 0.76 42.97
CA GLN A 73 -4.47 1.35 44.27
C GLN A 73 -4.68 2.85 44.20
N SER A 74 -4.40 3.49 43.06
CA SER A 74 -4.57 4.93 42.90
C SER A 74 -5.73 5.27 41.98
N LEU A 75 -6.83 4.51 42.08
CA LEU A 75 -8.05 4.78 41.33
C LEU A 75 -9.11 5.26 42.31
N SER A 76 -9.55 6.51 42.12
CA SER A 76 -10.58 7.08 43.01
C SER A 76 -11.89 6.31 42.93
N PRO A 77 -12.48 6.03 41.77
CA PRO A 77 -13.64 5.15 41.73
C PRO A 77 -13.19 3.70 41.58
N PRO A 78 -13.58 2.83 42.50
CA PRO A 78 -13.15 1.42 42.43
C PRO A 78 -13.65 0.75 41.16
N PRO A 79 -12.84 -0.12 40.57
CA PRO A 79 -13.31 -0.86 39.38
C PRO A 79 -14.34 -1.91 39.75
N PHE A 80 -15.03 -2.41 38.72
CA PHE A 80 -16.08 -3.38 38.94
C PHE A 80 -15.52 -4.67 39.53
N ASN A 81 -14.39 -5.14 39.01
CA ASN A 81 -13.75 -6.35 39.52
C ASN A 81 -12.30 -6.37 39.07
N ALA A 82 -11.43 -6.86 39.95
CA ALA A 82 -10.00 -6.93 39.68
C ALA A 82 -9.48 -8.31 40.03
N ARG A 83 -8.65 -8.88 39.15
CA ARG A 83 -8.06 -10.18 39.35
C ARG A 83 -6.55 -10.07 39.24
N PRO A 84 -5.80 -10.58 40.22
CA PRO A 84 -4.34 -10.45 40.17
C PRO A 84 -3.74 -11.26 39.03
N MET A 85 -2.62 -10.75 38.50
CA MET A 85 -1.89 -11.42 37.45
C MET A 85 -0.49 -11.84 37.86
N GLY A 86 0.07 -11.26 38.91
CA GLY A 86 1.38 -11.64 39.40
C GLY A 86 2.48 -10.73 38.93
N LYS A 87 3.71 -11.24 39.05
CA LYS A 87 4.89 -10.52 38.60
C LYS A 87 4.97 -10.51 37.08
N MET A 88 5.22 -9.32 36.52
CA MET A 88 5.46 -9.19 35.10
C MET A 88 6.64 -8.25 34.87
N ARG A 89 7.40 -8.53 33.83
CA ARG A 89 8.57 -7.77 33.45
C ARG A 89 8.24 -6.95 32.20
N THR A 90 8.31 -5.64 32.32
CA THR A 90 8.03 -4.73 31.22
C THR A 90 9.35 -4.26 30.62
N ILE A 91 9.50 -4.44 29.32
CA ILE A 91 10.74 -4.12 28.60
C ILE A 91 10.41 -3.10 27.52
N ASP A 92 11.24 -2.08 27.42
CA ASP A 92 11.11 -1.08 26.36
C ASP A 92 11.82 -1.60 25.11
N ILE A 93 11.05 -1.80 24.04
CA ILE A 93 11.59 -2.38 22.82
C ILE A 93 11.88 -1.31 21.76
N ASP A 94 12.07 -0.07 22.19
CA ASP A 94 12.46 0.98 21.25
C ASP A 94 13.87 0.72 20.72
N GLU A 95 14.11 1.16 19.50
CA GLU A 95 15.39 0.97 18.83
C GLU A 95 16.08 2.31 18.69
N THR A 96 17.33 2.38 19.14
CA THR A 96 18.12 3.61 19.09
C THR A 96 19.39 3.35 18.31
N ILE A 97 19.68 4.22 17.35
CA ILE A 97 20.87 4.10 16.52
C ILE A 97 22.07 4.62 17.31
N SER A 98 23.15 3.84 17.32
CA SER A 98 24.37 4.21 18.03
C SER A 98 25.50 4.44 17.04
N TYR A 99 26.36 5.44 17.22
CA TYR A 99 27.50 5.61 16.28
C TYR A 99 28.85 5.16 16.85
N ASN A 100 28.88 4.67 18.08
CA ASN A 100 30.13 4.21 18.73
C ASN A 100 29.96 2.75 19.13
N LEU A 101 30.59 2.29 20.21
CA LEU A 101 30.36 0.90 20.68
C LEU A 101 30.07 0.92 22.18
N ASP A 102 29.75 2.10 22.71
CA ASP A 102 29.36 2.24 24.13
C ASP A 102 27.84 2.17 24.18
N ILE A 103 27.27 1.05 24.57
CA ILE A 103 25.79 0.90 24.47
C ILE A 103 25.15 0.84 25.85
N LYS A 104 24.11 1.63 26.08
CA LYS A 104 23.35 1.54 27.33
C LYS A 104 22.44 0.32 27.29
N ASP A 105 22.32 -0.34 28.44
CA ASP A 105 21.56 -1.58 28.53
C ASP A 105 20.05 -1.29 28.48
N ARG A 106 19.29 -2.35 28.23
CA ARG A 106 17.83 -2.23 28.21
C ARG A 106 17.32 -1.88 29.61
N LYS A 107 16.26 -1.08 29.64
CA LYS A 107 15.61 -0.71 30.89
C LYS A 107 14.33 -1.52 31.06
N CYS A 108 14.31 -2.39 32.08
CA CYS A 108 13.19 -3.26 32.35
C CYS A 108 12.72 -3.07 33.78
N SER A 109 11.41 -3.20 33.98
CA SER A 109 10.80 -3.01 35.28
C SER A 109 9.96 -4.22 35.65
N VAL A 110 10.21 -4.81 36.81
CA VAL A 110 9.48 -5.98 37.29
C VAL A 110 8.50 -5.52 38.36
N ALA A 111 7.22 -5.80 38.16
CA ALA A 111 6.21 -5.29 39.08
C ALA A 111 4.98 -6.18 39.05
N ASP A 112 4.16 -6.05 40.10
CA ASP A 112 2.87 -6.72 40.13
C ASP A 112 1.92 -6.08 39.15
N MET A 113 1.09 -6.90 38.51
CA MET A 113 0.11 -6.40 37.55
C MET A 113 -1.28 -6.91 37.90
N TRP A 114 -2.29 -6.13 37.53
CA TRP A 114 -3.68 -6.44 37.81
C TRP A 114 -4.50 -6.31 36.53
N LEU A 115 -5.53 -7.16 36.43
CA LEU A 115 -6.48 -7.12 35.33
C LEU A 115 -7.83 -6.67 35.87
N ILE A 116 -8.38 -5.62 35.29
CA ILE A 116 -9.63 -5.03 35.77
C ILE A 116 -10.66 -5.03 34.66
N GLU A 117 -11.93 -5.10 35.05
CA GLU A 117 -13.05 -5.15 34.14
C GLU A 117 -13.99 -3.98 34.41
N GLU A 118 -14.44 -3.33 33.33
CA GLU A 118 -15.35 -2.19 33.45
C GLU A 118 -16.54 -2.39 32.51
N PRO A 119 -17.77 -2.30 33.01
CA PRO A 119 -18.93 -2.44 32.11
C PRO A 119 -18.93 -1.45 30.97
N LYS A 120 -18.50 -0.22 31.20
CA LYS A 120 -18.44 0.82 30.18
C LYS A 120 -17.00 1.23 29.96
N LYS A 121 -16.77 1.96 28.86
CA LYS A 121 -15.43 2.39 28.52
C LYS A 121 -14.90 3.39 29.54
N ARG A 122 -13.64 3.25 29.89
CA ARG A 122 -12.99 4.12 30.86
C ARG A 122 -11.58 4.43 30.38
N SER A 123 -11.17 5.69 30.54
CA SER A 123 -9.85 6.13 30.12
C SER A 123 -8.88 6.04 31.29
N ILE A 124 -7.78 5.32 31.09
CA ILE A 124 -6.75 5.15 32.10
C ILE A 124 -5.47 5.81 31.62
N GLN A 125 -4.83 6.58 32.51
CA GLN A 125 -3.69 7.41 32.11
C GLN A 125 -2.51 6.56 31.64
N ASN A 126 -2.20 5.50 32.37
CA ASN A 126 -0.99 4.72 32.12
C ASN A 126 -1.31 3.23 32.02
N ALA A 127 -2.34 2.90 31.24
CA ALA A 127 -2.64 1.50 30.99
C ALA A 127 -1.63 0.90 30.01
N THR A 128 -1.48 -0.41 30.09
CA THR A 128 -0.57 -1.16 29.23
C THR A 128 -1.32 -2.26 28.52
N MET A 129 -0.69 -2.82 27.48
CA MET A 129 -1.24 -3.92 26.70
C MET A 129 -2.57 -3.53 26.07
N ASP A 130 -2.52 -2.49 25.24
CA ASP A 130 -3.71 -1.90 24.65
C ASP A 130 -3.94 -2.35 23.20
N GLU A 131 -3.19 -3.34 22.73
CA GLU A 131 -3.30 -3.80 21.34
C GLU A 131 -3.93 -5.18 21.25
N PHE A 132 -4.81 -5.54 22.18
CA PHE A 132 -5.45 -6.84 22.20
C PHE A 132 -6.95 -6.67 22.30
N PHE A 133 -7.69 -7.55 21.63
CA PHE A 133 -9.14 -7.47 21.58
C PHE A 133 -9.75 -7.92 22.91
N ASN A 134 -11.01 -7.55 23.12
CA ASN A 134 -11.71 -7.93 24.34
C ASN A 134 -12.14 -9.39 24.32
N ILE A 135 -12.46 -9.94 23.15
CA ILE A 135 -12.89 -11.33 23.07
C ILE A 135 -11.73 -12.27 23.41
N SER A 136 -10.52 -11.93 22.97
CA SER A 136 -9.36 -12.74 23.33
C SER A 136 -9.12 -12.73 24.84
N TRP A 137 -9.27 -11.57 25.47
CA TRP A 137 -9.16 -11.49 26.91
C TRP A 137 -10.22 -12.34 27.59
N PHE A 138 -11.46 -12.27 27.09
CA PHE A 138 -12.54 -13.11 27.61
C PHE A 138 -12.15 -14.58 27.58
N TYR A 139 -11.72 -15.05 26.40
CA TYR A 139 -11.40 -16.46 26.23
C TYR A 139 -10.25 -16.88 27.15
N ILE A 140 -9.17 -16.10 27.17
CA ILE A 140 -7.99 -16.51 27.91
C ILE A 140 -8.23 -16.43 29.41
N SER A 141 -8.85 -15.35 29.88
CA SER A 141 -9.12 -15.21 31.31
C SER A 141 -10.07 -16.28 31.80
N ASN A 142 -11.13 -16.57 31.03
CA ASN A 142 -12.08 -17.58 31.45
C ASN A 142 -11.62 -19.00 31.16
N GLY A 143 -10.53 -19.17 30.40
CA GLY A 143 -10.03 -20.48 30.07
C GLY A 143 -10.97 -21.31 29.22
N ILE A 144 -11.55 -20.69 28.19
CA ILE A 144 -12.52 -21.34 27.33
C ILE A 144 -11.96 -21.42 25.92
N SER A 145 -12.13 -22.59 25.30
CA SER A 145 -11.78 -22.79 23.90
C SER A 145 -12.99 -22.56 23.02
N PRO A 146 -12.82 -21.86 21.89
CA PRO A 146 -13.98 -21.47 21.06
C PRO A 146 -14.77 -22.65 20.51
N ASP A 147 -14.17 -23.83 20.36
CA ASP A 147 -14.88 -24.96 19.77
C ASP A 147 -14.82 -26.22 20.65
N GLY A 148 -14.40 -26.09 21.91
CA GLY A 148 -14.32 -27.24 22.76
C GLY A 148 -15.69 -27.75 23.19
N CYS A 149 -15.74 -29.02 23.56
CA CYS A 149 -16.94 -29.64 24.08
C CYS A 149 -16.90 -29.61 25.60
N TYR A 150 -17.98 -29.13 26.22
CA TYR A 150 -18.00 -28.88 27.64
C TYR A 150 -19.23 -29.50 28.28
N SER A 151 -19.04 -29.99 29.51
CA SER A 151 -20.13 -30.48 30.35
C SER A 151 -20.51 -29.36 31.30
N LEU A 152 -21.53 -28.59 30.94
CA LEU A 152 -21.86 -27.39 31.70
C LEU A 152 -22.51 -27.74 33.03
N ASP A 153 -22.53 -26.76 33.93
CA ASP A 153 -23.17 -26.89 35.23
C ASP A 153 -24.43 -26.04 35.24
N GLU A 154 -25.54 -26.64 35.67
CA GLU A 154 -26.83 -25.97 35.62
C GLU A 154 -27.04 -24.97 36.75
N GLN A 155 -26.13 -24.92 37.74
CA GLN A 155 -26.31 -24.03 38.87
C GLN A 155 -26.21 -22.56 38.45
N TYR A 156 -25.28 -22.25 37.54
CA TYR A 156 -24.98 -20.88 37.18
C TYR A 156 -25.76 -20.38 35.98
N LEU A 157 -26.68 -21.17 35.45
CA LEU A 157 -27.48 -20.80 34.28
C LEU A 157 -28.91 -20.53 34.70
N THR A 158 -29.45 -19.39 34.27
CA THR A 158 -30.82 -19.01 34.56
C THR A 158 -31.61 -18.96 33.26
N LYS A 159 -32.77 -19.62 33.24
CA LYS A 159 -33.57 -19.66 32.03
C LYS A 159 -34.32 -18.33 31.85
N ILE A 160 -34.28 -17.79 30.64
CA ILE A 160 -34.98 -16.56 30.32
C ILE A 160 -35.96 -16.71 29.17
N ASN A 161 -35.76 -17.65 28.26
CA ASN A 161 -36.68 -17.90 27.15
C ASN A 161 -36.62 -19.38 26.81
N ASN A 162 -37.13 -19.73 25.63
CA ASN A 162 -37.10 -21.11 25.15
C ASN A 162 -35.82 -21.30 24.35
N GLY A 163 -34.86 -22.04 24.92
CA GLY A 163 -33.59 -22.30 24.27
C GLY A 163 -32.49 -21.29 24.56
N CYS A 164 -32.77 -20.26 25.34
CA CYS A 164 -31.77 -19.24 25.68
C CYS A 164 -31.64 -19.12 27.18
N TYR A 165 -30.42 -19.30 27.68
CA TYR A 165 -30.09 -19.19 29.10
C TYR A 165 -29.13 -18.03 29.30
N HIS A 166 -28.99 -17.61 30.55
CA HIS A 166 -28.08 -16.54 30.93
C HIS A 166 -27.08 -17.06 31.95
N CYS A 167 -25.80 -16.75 31.73
CA CYS A 167 -24.72 -17.13 32.62
C CYS A 167 -24.03 -15.89 33.16
N ASP A 168 -23.47 -16.01 34.37
CA ASP A 168 -22.77 -14.91 35.00
C ASP A 168 -21.39 -15.25 35.53
N ASP A 169 -21.06 -16.54 35.70
CA ASP A 169 -19.75 -16.97 36.19
C ASP A 169 -19.18 -17.99 35.21
N PRO A 170 -18.62 -17.52 34.09
CA PRO A 170 -18.11 -18.46 33.08
C PRO A 170 -16.95 -19.32 33.57
N ARG A 171 -16.23 -18.87 34.59
CA ARG A 171 -15.05 -19.61 35.04
C ARG A 171 -15.42 -20.98 35.60
N ASN A 172 -16.50 -21.06 36.38
CA ASN A 172 -16.89 -22.32 37.00
C ASN A 172 -17.88 -23.13 36.17
N CYS A 173 -18.67 -22.46 35.33
CA CYS A 173 -19.62 -23.19 34.48
C CYS A 173 -18.91 -23.96 33.37
N PHE A 174 -17.73 -23.49 32.96
CA PHE A 174 -16.98 -24.10 31.87
C PHE A 174 -15.71 -24.78 32.39
N ALA A 175 -15.73 -25.25 33.63
CA ALA A 175 -14.53 -25.84 34.22
C ALA A 175 -14.25 -27.23 33.66
N LYS A 176 -15.30 -28.02 33.42
CA LYS A 176 -15.15 -29.39 32.97
C LYS A 176 -15.08 -29.45 31.45
N GLU A 177 -14.16 -30.26 30.94
CA GLU A 177 -13.96 -30.46 29.51
C GLU A 177 -14.07 -31.94 29.18
N ILE A 178 -14.72 -32.24 28.06
CA ILE A 178 -14.97 -33.62 27.65
C ILE A 178 -14.49 -33.79 26.22
N PRO A 179 -14.18 -35.02 25.81
CA PRO A 179 -13.72 -35.26 24.44
C PRO A 179 -14.79 -34.93 23.41
N ARG A 180 -14.33 -34.59 22.20
CA ARG A 180 -15.21 -34.14 21.14
C ARG A 180 -16.14 -35.26 20.68
N PHE A 181 -17.39 -34.89 20.40
CA PHE A 181 -18.39 -35.81 19.89
C PHE A 181 -19.07 -35.21 18.68
N ASP A 182 -19.49 -36.07 17.76
CA ASP A 182 -20.07 -35.63 16.49
C ASP A 182 -21.49 -35.13 16.70
N ILE A 183 -21.85 -34.09 15.94
CA ILE A 183 -23.18 -33.48 16.03
C ILE A 183 -23.70 -33.25 14.62
N PRO A 184 -25.01 -33.24 14.45
CA PRO A 184 -25.60 -32.93 13.14
C PRO A 184 -25.58 -31.42 12.88
N ARG A 185 -25.90 -31.08 11.63
CA ARG A 185 -25.90 -29.69 11.19
C ARG A 185 -26.96 -29.51 10.11
N SER A 186 -27.31 -28.26 9.85
CA SER A 186 -28.30 -27.89 8.85
C SER A 186 -27.71 -26.85 7.91
N TYR A 187 -27.86 -27.07 6.60
CA TYR A 187 -27.25 -26.23 5.59
C TYR A 187 -28.29 -25.76 4.59
N LEU A 188 -28.04 -24.58 4.00
CA LEU A 188 -28.88 -24.06 2.93
C LEU A 188 -28.00 -23.51 1.81
N PHE A 189 -28.35 -23.84 0.57
CA PHE A 189 -27.68 -23.34 -0.62
C PHE A 189 -28.72 -22.83 -1.60
N LEU A 190 -28.45 -21.69 -2.24
CA LEU A 190 -29.44 -21.03 -3.06
C LEU A 190 -28.83 -20.56 -4.37
N ALA A 191 -29.69 -20.44 -5.38
CA ALA A 191 -29.28 -19.91 -6.68
C ALA A 191 -30.45 -19.16 -7.29
N ILE A 192 -30.15 -18.09 -8.02
CA ILE A 192 -31.15 -17.18 -8.57
C ILE A 192 -30.88 -16.98 -10.06
N ALA A 193 -31.94 -16.95 -10.85
CA ALA A 193 -31.84 -16.64 -12.27
C ALA A 193 -32.89 -15.60 -12.62
N CYS A 194 -32.42 -14.43 -13.08
CA CYS A 194 -33.25 -13.30 -13.43
C CYS A 194 -33.40 -13.21 -14.94
N HIS A 195 -34.00 -12.11 -15.41
CA HIS A 195 -34.25 -11.88 -16.82
C HIS A 195 -33.38 -10.75 -17.33
N PHE A 196 -32.77 -10.92 -18.49
CA PHE A 196 -31.93 -9.90 -19.09
C PHE A 196 -31.94 -10.05 -20.60
N ASP A 197 -31.91 -8.93 -21.30
CA ASP A 197 -31.93 -8.92 -22.77
C ASP A 197 -30.69 -8.29 -23.38
N LYS A 198 -30.26 -7.14 -22.88
CA LYS A 198 -29.12 -6.44 -23.47
C LYS A 198 -28.04 -6.11 -22.46
N LYS A 199 -28.40 -5.75 -21.23
CA LYS A 199 -27.45 -5.29 -20.23
C LYS A 199 -27.57 -6.14 -18.97
N PHE A 200 -26.78 -5.78 -17.96
CA PHE A 200 -26.84 -6.48 -16.70
C PHE A 200 -28.20 -6.26 -16.05
N PRO A 201 -28.74 -7.26 -15.34
CA PRO A 201 -30.07 -7.12 -14.77
C PRO A 201 -30.16 -5.99 -13.75
N SER A 202 -31.34 -5.36 -13.69
CA SER A 202 -31.64 -4.33 -12.72
C SER A 202 -33.00 -4.61 -12.10
N VAL A 203 -33.19 -4.15 -10.87
CA VAL A 203 -34.41 -4.45 -10.13
C VAL A 203 -35.63 -3.84 -10.79
N PHE A 204 -35.47 -2.66 -11.37
CA PHE A 204 -36.62 -1.85 -11.78
C PHE A 204 -37.32 -2.36 -13.03
N ILE A 205 -36.63 -3.09 -13.91
CA ILE A 205 -37.21 -3.45 -15.19
C ILE A 205 -37.11 -4.95 -15.46
N ASN A 206 -36.29 -5.66 -14.68
CA ASN A 206 -36.02 -7.07 -14.94
C ASN A 206 -36.52 -7.93 -13.79
N PRO A 207 -37.42 -8.88 -14.03
CA PRO A 207 -37.94 -9.72 -12.94
C PRO A 207 -37.13 -10.98 -12.70
N ILE A 208 -37.52 -11.75 -11.69
CA ILE A 208 -36.87 -13.01 -11.34
C ILE A 208 -37.64 -14.15 -11.99
N SER A 209 -36.93 -15.06 -12.65
CA SER A 209 -37.55 -16.18 -13.34
C SER A 209 -37.45 -17.48 -12.55
N HIS A 210 -36.27 -17.82 -12.05
CA HIS A 210 -36.05 -19.11 -11.41
C HIS A 210 -35.33 -18.95 -10.09
N THR A 211 -35.72 -19.78 -9.11
CA THR A 211 -34.96 -19.92 -7.87
C THR A 211 -34.72 -21.40 -7.59
N SER A 212 -33.53 -21.72 -7.13
CA SER A 212 -33.16 -23.11 -6.84
C SER A 212 -32.64 -23.20 -5.41
N TYR A 213 -33.06 -24.25 -4.70
CA TYR A 213 -32.75 -24.38 -3.28
C TYR A 213 -32.33 -25.81 -2.97
N CYS A 214 -31.22 -25.93 -2.24
CA CYS A 214 -30.76 -27.19 -1.66
C CYS A 214 -30.80 -27.04 -0.14
N TYR A 215 -31.43 -28.01 0.53
CA TYR A 215 -31.81 -27.88 1.93
C TYR A 215 -31.37 -29.14 2.66
N ILE A 216 -30.65 -28.97 3.77
CA ILE A 216 -30.25 -30.08 4.63
C ILE A 216 -30.67 -29.76 6.05
N ASP A 217 -31.49 -30.63 6.64
CA ASP A 217 -32.02 -30.44 7.98
C ASP A 217 -31.21 -31.26 8.99
N LEU A 218 -31.68 -31.28 10.24
CA LEU A 218 -30.96 -31.98 11.29
C LEU A 218 -31.09 -33.49 11.18
N SER A 219 -32.05 -33.99 10.41
CA SER A 219 -32.27 -35.43 10.30
C SER A 219 -31.41 -36.09 9.23
N GLY A 220 -30.64 -35.32 8.46
CA GLY A 220 -29.77 -35.87 7.46
C GLY A 220 -30.42 -36.13 6.12
N LYS A 221 -31.55 -35.49 5.82
CA LYS A 221 -32.26 -35.70 4.56
C LYS A 221 -32.01 -34.49 3.66
N ARG A 222 -31.62 -34.76 2.42
CA ARG A 222 -31.18 -33.73 1.49
C ARG A 222 -32.30 -33.44 0.49
N LEU A 223 -32.97 -32.30 0.67
CA LEU A 223 -34.06 -31.90 -0.21
C LEU A 223 -33.55 -30.89 -1.24
N LEU A 224 -34.30 -30.79 -2.34
CA LEU A 224 -33.84 -30.10 -3.54
C LEU A 224 -35.05 -29.67 -4.34
N PHE A 225 -35.26 -28.37 -4.49
CA PHE A 225 -36.44 -27.91 -5.20
C PHE A 225 -36.13 -26.64 -5.99
N THR A 226 -37.07 -26.30 -6.89
CA THR A 226 -36.93 -25.18 -7.80
C THR A 226 -38.29 -24.54 -8.03
N LEU A 227 -38.31 -23.21 -7.93
CA LEU A 227 -39.50 -22.39 -8.14
C LEU A 227 -39.37 -21.63 -9.45
N ILE A 228 -40.43 -21.69 -10.26
CA ILE A 228 -40.48 -21.05 -11.56
C ILE A 228 -41.58 -19.99 -11.56
N ASN A 229 -41.32 -18.88 -12.25
CA ASN A 229 -42.30 -17.81 -12.37
C ASN A 229 -43.40 -18.18 -13.35
N GLU A 230 -44.55 -17.52 -13.23
CA GLU A 230 -45.69 -17.78 -14.10
C GLU A 230 -45.96 -16.65 -15.09
N GLU A 231 -45.40 -15.46 -14.87
CA GLU A 231 -45.78 -14.29 -15.64
C GLU A 231 -45.40 -14.38 -17.12
N MET A 232 -44.55 -15.33 -17.50
CA MET A 232 -44.16 -15.53 -18.88
C MET A 232 -44.72 -16.84 -19.46
N LEU A 233 -45.84 -17.31 -18.92
CA LEU A 233 -46.32 -18.67 -19.11
C LEU A 233 -47.81 -18.67 -19.45
N THR A 234 -48.19 -17.94 -20.50
CA THR A 234 -49.60 -17.72 -20.87
C THR A 234 -50.46 -18.96 -20.64
N GLU A 235 -51.65 -18.72 -20.08
CA GLU A 235 -52.48 -19.68 -19.36
C GLU A 235 -52.45 -21.12 -19.88
N GLN A 236 -52.72 -21.31 -21.18
CA GLN A 236 -52.73 -22.67 -21.73
C GLN A 236 -51.39 -23.35 -21.53
N GLU A 237 -50.31 -22.58 -21.54
CA GLU A 237 -48.98 -23.16 -21.33
C GLU A 237 -48.83 -23.67 -19.90
N ILE A 238 -49.34 -22.93 -18.92
CA ILE A 238 -49.37 -23.43 -17.54
C ILE A 238 -50.24 -24.68 -17.44
N GLN A 239 -51.36 -24.70 -18.16
CA GLN A 239 -52.22 -25.89 -18.14
C GLN A 239 -51.46 -27.11 -18.62
N GLU A 240 -50.75 -26.97 -19.74
CA GLU A 240 -49.95 -28.08 -20.25
C GLU A 240 -48.81 -28.46 -19.30
N ALA A 241 -48.14 -27.47 -18.69
CA ALA A 241 -47.07 -27.77 -17.76
C ALA A 241 -47.57 -28.54 -16.55
N VAL A 242 -48.73 -28.13 -16.01
CA VAL A 242 -49.32 -28.85 -14.89
C VAL A 242 -49.71 -30.26 -15.31
N ASP A 243 -50.27 -30.41 -16.51
CA ASP A 243 -50.58 -31.72 -17.03
C ASP A 243 -49.33 -32.59 -17.19
N ARG A 244 -48.16 -31.98 -17.38
CA ARG A 244 -46.94 -32.77 -17.47
C ARG A 244 -46.53 -33.34 -16.12
N GLY A 245 -46.82 -32.66 -15.03
CA GLY A 245 -46.50 -33.20 -13.72
C GLY A 245 -46.07 -32.19 -12.67
N CYS A 246 -45.86 -30.94 -13.07
CA CYS A 246 -45.45 -29.93 -12.12
C CYS A 246 -46.63 -29.54 -11.22
N LEU A 247 -46.32 -28.80 -10.16
CA LEU A 247 -47.31 -28.36 -9.19
C LEU A 247 -47.47 -26.84 -9.26
N ARG A 248 -48.71 -26.39 -9.25
CA ARG A 248 -49.03 -24.97 -9.24
C ARG A 248 -49.65 -24.59 -7.90
N ILE A 249 -49.14 -23.53 -7.29
CA ILE A 249 -49.64 -23.06 -6.01
C ILE A 249 -50.05 -21.59 -6.15
N GLN A 250 -51.01 -21.18 -5.33
CA GLN A 250 -51.53 -19.83 -5.35
C GLN A 250 -51.23 -19.04 -4.08
N SER A 251 -51.11 -19.71 -2.93
CA SER A 251 -50.82 -19.05 -1.67
C SER A 251 -49.54 -19.63 -1.07
N LEU A 252 -49.00 -18.92 -0.08
CA LEU A 252 -47.73 -19.31 0.53
C LEU A 252 -47.87 -20.62 1.32
N MET A 253 -49.03 -20.85 1.92
CA MET A 253 -49.17 -21.97 2.86
C MET A 253 -49.20 -23.33 2.17
N GLU A 254 -49.55 -23.38 0.89
CA GLU A 254 -49.82 -24.64 0.21
C GLU A 254 -48.63 -25.15 -0.59
N MET A 255 -47.41 -24.94 -0.10
CA MET A 255 -46.21 -25.44 -0.74
C MET A 255 -45.62 -26.60 0.06
N ASP A 256 -45.27 -27.67 -0.64
CA ASP A 256 -44.61 -28.82 -0.04
C ASP A 256 -43.17 -28.91 -0.55
N TYR A 257 -42.23 -29.16 0.36
CA TYR A 257 -40.82 -29.13 -0.01
C TYR A 257 -40.40 -30.38 -0.79
N GLU A 258 -41.15 -31.47 -0.65
CA GLU A 258 -40.76 -32.73 -1.27
C GLU A 258 -40.97 -32.75 -2.78
N ARG A 259 -41.66 -31.77 -3.33
CA ARG A 259 -41.91 -31.73 -4.77
C ARG A 259 -40.87 -30.86 -5.45
N GLU A 260 -40.24 -31.41 -6.50
CA GLU A 260 -39.04 -30.80 -7.05
C GLU A 260 -39.33 -29.47 -7.74
N LEU A 261 -40.35 -29.42 -8.59
CA LEU A 261 -40.64 -28.23 -9.38
C LEU A 261 -41.98 -27.64 -8.94
N VAL A 262 -41.97 -26.36 -8.57
CA VAL A 262 -43.18 -25.64 -8.20
C VAL A 262 -43.27 -24.41 -9.09
N LEU A 263 -44.45 -24.21 -9.69
CA LEU A 263 -44.69 -23.16 -10.67
C LEU A 263 -45.68 -22.17 -10.08
N CYS A 264 -45.21 -20.96 -9.77
CA CYS A 264 -46.02 -19.98 -9.05
C CYS A 264 -45.64 -18.58 -9.54
N SER A 265 -46.23 -17.57 -8.89
CA SER A 265 -46.02 -16.18 -9.27
C SER A 265 -44.76 -15.63 -8.61
N GLU A 266 -44.44 -14.37 -8.94
CA GLU A 266 -43.24 -13.74 -8.43
C GLU A 266 -43.37 -13.33 -6.97
N ILE A 267 -44.53 -12.81 -6.58
CA ILE A 267 -44.72 -12.39 -5.19
C ILE A 267 -44.64 -13.59 -4.25
N VAL A 268 -45.27 -14.69 -4.63
CA VAL A 268 -45.19 -15.91 -3.82
C VAL A 268 -43.77 -16.43 -3.78
N LEU A 269 -43.05 -16.32 -4.90
CA LEU A 269 -41.65 -16.75 -4.95
C LEU A 269 -40.80 -15.95 -3.96
N LEU A 270 -40.98 -14.63 -3.94
CA LEU A 270 -40.23 -13.80 -3.01
C LEU A 270 -40.62 -14.07 -1.57
N ARG A 271 -41.91 -14.32 -1.32
CA ARG A 271 -42.34 -14.67 0.04
C ARG A 271 -41.69 -15.97 0.51
N ILE A 272 -41.62 -16.97 -0.38
CA ILE A 272 -40.98 -18.23 -0.03
C ILE A 272 -39.49 -18.00 0.25
N ALA A 273 -38.84 -17.19 -0.59
CA ALA A 273 -37.43 -16.91 -0.37
C ALA A 273 -37.19 -16.22 0.97
N LYS A 274 -38.03 -15.24 1.30
CA LYS A 274 -37.89 -14.55 2.58
C LYS A 274 -38.11 -15.50 3.75
N GLN A 275 -39.12 -16.37 3.65
CA GLN A 275 -39.38 -17.32 4.71
C GLN A 275 -38.21 -18.28 4.90
N LEU A 276 -37.61 -18.73 3.79
CA LEU A 276 -36.48 -19.64 3.88
C LEU A 276 -35.26 -18.96 4.49
N LEU A 277 -35.00 -17.70 4.12
CA LEU A 277 -33.83 -17.00 4.64
C LEU A 277 -33.98 -16.62 6.11
N GLU A 278 -35.20 -16.60 6.64
CA GLU A 278 -35.44 -16.18 8.02
C GLU A 278 -35.26 -17.31 9.02
N LEU A 279 -35.13 -18.55 8.58
CA LEU A 279 -35.03 -19.67 9.50
C LEU A 279 -33.67 -19.68 10.20
N THR A 280 -33.63 -20.35 11.35
CA THR A 280 -32.42 -20.43 12.17
C THR A 280 -31.53 -21.59 11.70
N PHE A 281 -30.96 -21.39 10.51
CA PHE A 281 -30.06 -22.37 9.92
C PHE A 281 -28.70 -22.30 10.63
N ASP A 282 -27.74 -23.06 10.12
CA ASP A 282 -26.36 -23.00 10.59
C ASP A 282 -25.41 -22.39 9.57
N TYR A 283 -25.60 -22.71 8.29
CA TYR A 283 -24.82 -22.11 7.21
C TYR A 283 -25.73 -21.83 6.03
N VAL A 284 -25.63 -20.63 5.48
CA VAL A 284 -26.28 -20.27 4.22
C VAL A 284 -25.16 -19.92 3.26
N VAL A 285 -24.88 -20.80 2.30
CA VAL A 285 -23.70 -20.70 1.45
C VAL A 285 -24.13 -20.22 0.07
N THR A 286 -23.46 -19.19 -0.43
CA THR A 286 -23.78 -18.67 -1.76
C THR A 286 -22.51 -18.16 -2.42
N PHE A 287 -22.44 -18.33 -3.74
CA PHE A 287 -21.30 -17.88 -4.53
C PHE A 287 -21.59 -16.48 -5.05
N ASN A 288 -20.87 -15.49 -4.51
CA ASN A 288 -21.06 -14.09 -4.88
C ASN A 288 -22.52 -13.66 -4.69
N GLY A 289 -23.13 -14.12 -3.61
CA GLY A 289 -24.52 -13.83 -3.34
C GLY A 289 -24.74 -12.63 -2.46
N HIS A 290 -23.69 -12.18 -1.78
CA HIS A 290 -23.79 -10.98 -0.96
C HIS A 290 -23.81 -9.71 -1.80
N ASN A 291 -23.44 -9.79 -3.08
CA ASN A 291 -23.47 -8.65 -3.98
C ASN A 291 -24.64 -8.67 -4.93
N PHE A 292 -25.05 -9.85 -5.41
CA PHE A 292 -26.10 -9.96 -6.42
C PHE A 292 -27.34 -10.67 -5.90
N ASP A 293 -27.22 -11.88 -5.37
CA ASP A 293 -28.40 -12.71 -5.13
C ASP A 293 -29.26 -12.14 -4.00
N LEU A 294 -28.70 -12.07 -2.78
CA LEU A 294 -29.47 -11.59 -1.65
C LEU A 294 -29.89 -10.14 -1.83
N ARG A 295 -29.01 -9.31 -2.38
CA ARG A 295 -29.36 -7.91 -2.62
C ARG A 295 -30.51 -7.80 -3.61
N TYR A 296 -30.47 -8.56 -4.69
CA TYR A 296 -31.57 -8.53 -5.66
C TYR A 296 -32.87 -8.99 -5.02
N ILE A 297 -32.82 -10.08 -4.25
CA ILE A 297 -34.03 -10.60 -3.62
C ILE A 297 -34.63 -9.56 -2.69
N THR A 298 -33.80 -8.96 -1.84
CA THR A 298 -34.31 -7.98 -0.88
C THR A 298 -34.86 -6.74 -1.59
N ASN A 299 -34.13 -6.23 -2.57
CA ASN A 299 -34.58 -5.03 -3.27
C ASN A 299 -35.89 -5.28 -4.01
N ARG A 300 -35.99 -6.41 -4.72
CA ARG A 300 -37.22 -6.69 -5.46
C ARG A 300 -38.38 -6.94 -4.52
N LEU A 301 -38.15 -7.63 -3.40
CA LEU A 301 -39.21 -7.87 -2.44
C LEU A 301 -39.72 -6.55 -1.87
N GLU A 302 -38.80 -5.65 -1.50
CA GLU A 302 -39.20 -4.35 -0.97
C GLU A 302 -39.94 -3.53 -2.02
N LEU A 303 -39.48 -3.59 -3.27
CA LEU A 303 -40.09 -2.80 -4.33
C LEU A 303 -41.51 -3.26 -4.62
N LEU A 304 -41.72 -4.59 -4.72
CA LEU A 304 -43.04 -5.10 -5.02
C LEU A 304 -43.99 -4.97 -3.82
N THR A 305 -43.50 -5.31 -2.64
CA THR A 305 -44.31 -5.28 -1.43
C THR A 305 -43.53 -4.58 -0.32
N GLY A 306 -44.24 -3.83 0.52
CA GLY A 306 -43.57 -3.14 1.61
C GLY A 306 -43.04 -4.05 2.70
N GLU A 307 -43.34 -5.34 2.63
CA GLU A 307 -42.94 -6.27 3.68
C GLU A 307 -41.44 -6.53 3.62
N LYS A 308 -40.79 -6.48 4.78
CA LYS A 308 -39.35 -6.60 4.91
C LYS A 308 -38.98 -7.95 5.52
N ILE A 309 -37.68 -8.17 5.69
CA ILE A 309 -37.14 -9.39 6.28
C ILE A 309 -36.46 -9.01 7.59
N ILE A 310 -36.80 -9.73 8.66
CA ILE A 310 -36.39 -9.38 10.01
C ILE A 310 -35.54 -10.50 10.60
N PHE A 311 -34.37 -10.14 11.12
CA PHE A 311 -33.56 -11.05 11.93
C PHE A 311 -33.76 -10.70 13.40
N ARG A 312 -33.92 -11.72 14.23
CA ARG A 312 -34.22 -11.54 15.65
C ARG A 312 -33.15 -12.20 16.50
N SER A 313 -32.83 -11.55 17.62
CA SER A 313 -31.86 -12.08 18.56
C SER A 313 -32.43 -13.30 19.28
N PRO A 314 -31.56 -14.19 19.76
CA PRO A 314 -32.05 -15.39 20.48
C PRO A 314 -32.94 -15.06 21.67
N ASP A 315 -32.71 -13.95 22.35
CA ASP A 315 -33.54 -13.56 23.49
C ASP A 315 -34.74 -12.72 23.09
N LYS A 316 -34.98 -12.55 21.80
CA LYS A 316 -36.12 -11.79 21.29
C LYS A 316 -36.12 -10.36 21.81
N LYS A 317 -34.94 -9.74 21.83
CA LYS A 317 -34.77 -8.38 22.31
C LYS A 317 -34.32 -7.40 21.24
N GLU A 318 -33.75 -7.88 20.13
CA GLU A 318 -33.28 -7.00 19.06
C GLU A 318 -33.77 -7.53 17.72
N ALA A 319 -34.25 -6.63 16.88
CA ALA A 319 -34.71 -6.96 15.54
C ALA A 319 -34.04 -6.05 14.54
N VAL A 320 -33.47 -6.63 13.49
CA VAL A 320 -32.75 -5.88 12.47
C VAL A 320 -33.26 -6.27 11.09
N HIS A 321 -32.98 -5.40 10.12
CA HIS A 321 -33.30 -5.65 8.72
C HIS A 321 -32.02 -5.87 7.93
N LEU A 322 -32.16 -6.47 6.75
CA LEU A 322 -31.00 -6.79 5.93
C LEU A 322 -30.44 -5.54 5.29
N CYS A 323 -29.13 -5.33 5.46
CA CYS A 323 -28.42 -4.23 4.80
C CYS A 323 -26.98 -4.70 4.60
N ILE A 324 -26.67 -5.16 3.39
CA ILE A 324 -25.33 -5.64 3.09
C ILE A 324 -24.37 -4.47 3.17
N TYR A 325 -23.34 -4.60 3.99
CA TYR A 325 -22.35 -3.55 4.15
C TYR A 325 -21.01 -4.01 3.56
N GLU A 326 -20.10 -3.05 3.42
CA GLU A 326 -18.85 -3.27 2.69
C GLU A 326 -17.66 -3.12 3.62
N ARG A 327 -16.60 -3.88 3.31
CA ARG A 327 -15.31 -3.77 3.98
C ARG A 327 -14.24 -3.61 2.92
N ASN A 328 -13.30 -2.71 3.16
CA ASN A 328 -12.23 -2.41 2.20
C ASN A 328 -10.95 -3.06 2.69
N GLN A 329 -10.32 -3.86 1.83
CA GLN A 329 -9.07 -4.53 2.18
C GLN A 329 -8.10 -4.49 1.01
N ASN A 340 -10.10 -6.47 -2.38
CA ASN A 340 -10.82 -5.22 -2.55
C ASN A 340 -12.06 -5.17 -1.66
N THR A 341 -13.17 -4.69 -2.22
CA THR A 341 -14.42 -4.56 -1.47
C THR A 341 -15.03 -5.94 -1.25
N THR A 342 -15.38 -6.22 0.01
CA THR A 342 -16.01 -7.48 0.38
C THR A 342 -17.30 -7.18 1.11
N PHE A 343 -18.38 -7.84 0.71
CA PHE A 343 -19.71 -7.55 1.23
C PHE A 343 -20.10 -8.57 2.31
N HIS A 344 -20.76 -8.06 3.35
CA HIS A 344 -21.14 -8.88 4.50
C HIS A 344 -22.57 -8.54 4.91
N VAL A 345 -23.21 -9.53 5.54
CA VAL A 345 -24.59 -9.41 6.00
C VAL A 345 -24.60 -9.02 7.46
N ASN A 346 -25.66 -8.35 7.89
CA ASN A 346 -25.78 -7.81 9.24
C ASN A 346 -26.71 -8.65 10.12
N ASN A 347 -26.69 -9.97 9.97
CA ASN A 347 -27.55 -10.82 10.77
C ASN A 347 -27.03 -10.92 12.20
N ASN A 348 -27.95 -11.20 13.14
CA ASN A 348 -27.60 -11.32 14.55
C ASN A 348 -28.33 -12.50 15.20
N ASN A 349 -28.62 -13.55 14.43
CA ASN A 349 -29.29 -14.73 14.95
C ASN A 349 -28.37 -15.93 15.11
N GLY A 350 -27.10 -15.81 14.73
CA GLY A 350 -26.14 -16.89 14.85
C GLY A 350 -25.85 -17.63 13.58
N THR A 351 -26.71 -17.51 12.57
CA THR A 351 -26.45 -18.15 11.29
C THR A 351 -25.27 -17.50 10.59
N ILE A 352 -24.52 -18.31 9.85
CA ILE A 352 -23.34 -17.84 9.13
C ILE A 352 -23.70 -17.76 7.66
N PHE A 353 -23.74 -16.53 7.12
CA PHE A 353 -23.94 -16.31 5.69
C PHE A 353 -22.56 -16.31 5.05
N PHE A 354 -22.23 -17.41 4.38
CA PHE A 354 -20.87 -17.63 3.89
C PHE A 354 -20.84 -17.53 2.37
N ASP A 355 -19.77 -16.92 1.86
CA ASP A 355 -19.60 -16.66 0.44
C ASP A 355 -18.35 -17.38 -0.04
N LEU A 356 -18.51 -18.20 -1.08
CA LEU A 356 -17.38 -18.96 -1.60
C LEU A 356 -16.39 -18.07 -2.33
N TYR A 357 -16.86 -16.96 -2.91
CA TYR A 357 -15.99 -16.12 -3.73
C TYR A 357 -14.84 -15.54 -2.92
N SER A 358 -15.15 -14.91 -1.78
CA SER A 358 -14.12 -14.29 -0.96
C SER A 358 -13.17 -15.34 -0.40
N PHE A 359 -13.71 -16.48 0.03
CA PHE A 359 -12.86 -17.53 0.58
C PHE A 359 -11.89 -18.05 -0.47
N ILE A 360 -12.35 -18.21 -1.70
CA ILE A 360 -11.48 -18.68 -2.77
C ILE A 360 -10.42 -17.63 -3.11
N GLN A 361 -10.82 -16.35 -3.14
CA GLN A 361 -9.85 -15.30 -3.47
C GLN A 361 -8.74 -15.22 -2.42
N LYS A 362 -9.11 -15.26 -1.13
CA LYS A 362 -8.08 -15.08 -0.11
C LYS A 362 -7.38 -16.38 0.29
N SER A 363 -7.96 -17.54 0.02
CA SER A 363 -7.33 -18.79 0.44
C SER A 363 -6.09 -19.09 -0.38
N GLU A 364 -6.19 -18.99 -1.71
CA GLU A 364 -5.06 -19.28 -2.57
C GLU A 364 -5.31 -18.65 -3.93
N LYS A 365 -4.23 -18.54 -4.71
CA LYS A 365 -4.23 -17.77 -5.95
C LYS A 365 -4.44 -18.67 -7.16
N LEU A 366 -5.37 -18.29 -8.02
CA LEU A 366 -5.65 -18.98 -9.27
C LEU A 366 -5.38 -18.02 -10.43
N ASP A 367 -5.72 -18.47 -11.64
CA ASP A 367 -5.65 -17.61 -12.81
C ASP A 367 -6.95 -16.86 -13.04
N SER A 368 -8.07 -17.58 -13.05
CA SER A 368 -9.39 -16.99 -13.17
C SER A 368 -10.25 -17.45 -12.01
N TYR A 369 -11.04 -16.53 -11.45
CA TYR A 369 -11.87 -16.81 -10.29
C TYR A 369 -13.33 -17.04 -10.67
N LYS A 370 -13.59 -17.41 -11.92
CA LYS A 370 -14.95 -17.76 -12.33
C LYS A 370 -15.36 -19.10 -11.74
N LEU A 371 -16.67 -19.30 -11.61
CA LEU A 371 -17.18 -20.57 -11.09
C LEU A 371 -16.81 -21.74 -12.00
N ASP A 372 -16.93 -21.54 -13.31
CA ASP A 372 -16.63 -22.62 -14.25
C ASP A 372 -15.16 -23.01 -14.18
N SER A 373 -14.26 -22.02 -14.07
CA SER A 373 -12.83 -22.33 -13.96
C SER A 373 -12.52 -23.10 -12.69
N ILE A 374 -13.15 -22.72 -11.58
CA ILE A 374 -12.94 -23.44 -10.33
C ILE A 374 -13.44 -24.87 -10.44
N SER A 375 -14.59 -25.07 -11.10
CA SER A 375 -15.08 -26.42 -11.33
C SER A 375 -14.13 -27.20 -12.22
N LYS A 376 -13.56 -26.55 -13.24
CA LYS A 376 -12.54 -27.17 -14.07
C LYS A 376 -11.39 -27.69 -13.22
N ASN A 377 -10.84 -26.82 -12.39
CA ASN A 377 -9.65 -27.16 -11.61
C ASN A 377 -9.94 -28.07 -10.43
N ALA A 378 -11.20 -28.21 -10.03
CA ALA A 378 -11.56 -28.99 -8.85
C ALA A 378 -12.01 -30.41 -9.19
N PHE A 379 -13.03 -30.54 -10.03
CA PHE A 379 -13.60 -31.83 -10.38
C PHE A 379 -13.00 -32.29 -11.71
N SER A 380 -12.14 -33.31 -11.65
CA SER A 380 -11.51 -33.84 -12.83
C SER A 380 -11.21 -35.32 -12.61
N CYS A 381 -11.08 -36.04 -13.72
CA CYS A 381 -10.83 -37.47 -13.67
C CYS A 381 -10.28 -37.92 -15.01
N MET A 382 -9.80 -39.16 -15.05
CA MET A 382 -9.37 -39.80 -16.28
C MET A 382 -10.30 -40.95 -16.60
N GLY A 383 -10.70 -41.05 -17.86
CA GLY A 383 -11.64 -42.07 -18.28
C GLY A 383 -11.17 -42.82 -19.49
N LYS A 384 -11.77 -43.98 -19.71
CA LYS A 384 -11.44 -44.85 -20.84
C LYS A 384 -12.63 -44.94 -21.79
N VAL A 385 -12.34 -44.94 -23.08
CA VAL A 385 -13.39 -45.02 -24.09
C VAL A 385 -13.76 -46.48 -24.30
N LEU A 386 -15.03 -46.82 -24.06
CA LEU A 386 -15.50 -48.18 -24.17
C LEU A 386 -16.35 -48.43 -25.42
N ASN A 387 -16.71 -47.39 -26.16
CA ASN A 387 -17.53 -47.53 -27.35
C ASN A 387 -17.33 -46.32 -28.24
N ARG A 388 -17.79 -46.45 -29.48
CA ARG A 388 -17.67 -45.38 -30.46
C ARG A 388 -18.87 -45.48 -31.40
N GLY A 389 -18.78 -44.83 -32.55
CA GLY A 389 -19.86 -44.88 -33.52
C GLY A 389 -20.76 -43.67 -33.42
N VAL A 390 -21.40 -43.34 -34.54
CA VAL A 390 -22.27 -42.18 -34.71
C VAL A 390 -21.65 -40.95 -34.05
N ARG A 391 -22.46 -40.03 -33.55
CA ARG A 391 -21.96 -38.80 -32.92
C ARG A 391 -21.95 -38.91 -31.40
N GLU A 392 -21.64 -40.08 -30.85
CA GLU A 392 -21.64 -40.28 -29.41
C GLU A 392 -20.45 -41.13 -29.00
N MET A 393 -20.06 -40.98 -27.74
CA MET A 393 -19.00 -41.77 -27.13
C MET A 393 -19.46 -42.27 -25.77
N THR A 394 -18.88 -43.39 -25.34
CA THR A 394 -19.15 -43.97 -24.03
C THR A 394 -17.86 -43.98 -23.23
N PHE A 395 -17.88 -43.33 -22.07
CA PHE A 395 -16.72 -43.21 -21.20
C PHE A 395 -16.98 -43.94 -19.89
N ILE A 396 -15.97 -44.71 -19.47
CA ILE A 396 -15.98 -45.43 -18.20
C ILE A 396 -14.95 -44.77 -17.28
N GLY A 397 -15.34 -44.57 -16.03
CA GLY A 397 -14.46 -44.00 -15.04
C GLY A 397 -14.44 -44.81 -13.77
N ASP A 398 -13.25 -45.22 -13.34
CA ASP A 398 -13.08 -46.07 -12.17
C ASP A 398 -11.75 -45.72 -11.52
N ASP A 399 -11.57 -46.21 -10.29
CA ASP A 399 -10.35 -45.95 -9.54
C ASP A 399 -9.12 -46.60 -10.17
N THR A 400 -9.31 -47.53 -11.10
CA THR A 400 -8.20 -48.16 -11.81
C THR A 400 -7.73 -47.35 -13.01
N THR A 401 -8.15 -46.09 -13.11
CA THR A 401 -7.79 -45.24 -14.23
C THR A 401 -7.01 -44.00 -13.81
N ASP A 402 -7.47 -43.27 -12.80
CA ASP A 402 -6.82 -42.03 -12.41
C ASP A 402 -6.19 -42.10 -11.03
N ALA A 403 -6.96 -42.38 -9.99
CA ALA A 403 -6.47 -42.35 -8.62
C ALA A 403 -7.58 -42.91 -7.72
N LYS A 404 -7.35 -42.84 -6.41
CA LYS A 404 -8.35 -43.27 -5.42
C LYS A 404 -9.13 -42.05 -4.96
N GLY A 405 -10.43 -42.05 -5.21
CA GLY A 405 -11.33 -41.01 -4.75
C GLY A 405 -11.81 -40.06 -5.82
N LYS A 406 -11.08 -39.94 -6.93
CA LYS A 406 -11.50 -39.03 -7.99
C LYS A 406 -12.80 -39.50 -8.65
N ALA A 407 -12.93 -40.82 -8.86
CA ALA A 407 -14.14 -41.35 -9.48
C ALA A 407 -15.36 -41.10 -8.61
N ASP A 408 -15.25 -41.26 -7.30
CA ASP A 408 -16.37 -41.01 -6.41
C ASP A 408 -16.81 -39.56 -6.45
N THR A 409 -15.85 -38.63 -6.44
CA THR A 409 -16.18 -37.21 -6.52
C THR A 409 -16.85 -36.87 -7.85
N PHE A 410 -16.32 -37.41 -8.94
CA PHE A 410 -16.94 -37.17 -10.24
C PHE A 410 -18.35 -37.72 -10.30
N ALA A 411 -18.56 -38.91 -9.72
CA ALA A 411 -19.91 -39.48 -9.67
C ALA A 411 -20.84 -38.61 -8.85
N LYS A 412 -20.34 -38.05 -7.74
CA LYS A 412 -21.16 -37.15 -6.93
C LYS A 412 -21.56 -35.91 -7.71
N VAL A 413 -20.63 -35.32 -8.46
CA VAL A 413 -20.97 -34.15 -9.26
C VAL A 413 -21.91 -34.52 -10.40
N LEU A 414 -21.76 -35.71 -10.98
CA LEU A 414 -22.53 -36.11 -12.15
C LEU A 414 -24.03 -36.22 -11.90
N THR A 415 -24.46 -36.25 -10.64
CA THR A 415 -25.89 -36.42 -10.35
C THR A 415 -26.71 -35.28 -10.93
N THR A 416 -26.22 -34.04 -10.82
CA THR A 416 -26.90 -32.87 -11.33
C THR A 416 -26.22 -32.26 -12.55
N GLY A 417 -25.13 -32.85 -13.03
CA GLY A 417 -24.43 -32.30 -14.17
C GLY A 417 -25.22 -32.45 -15.46
N ASN A 418 -24.92 -31.56 -16.40
CA ASN A 418 -25.59 -31.57 -17.69
C ASN A 418 -24.59 -31.53 -18.84
N TYR A 419 -23.44 -30.91 -18.62
CA TYR A 419 -22.40 -30.78 -19.63
C TYR A 419 -21.07 -31.26 -19.08
N VAL A 420 -20.27 -31.86 -19.94
CA VAL A 420 -18.99 -32.44 -19.55
C VAL A 420 -17.93 -32.00 -20.56
N THR A 421 -16.76 -31.62 -20.06
CA THR A 421 -15.64 -31.22 -20.90
C THR A 421 -14.72 -32.41 -21.13
N VAL A 422 -14.33 -32.62 -22.39
CA VAL A 422 -13.44 -33.71 -22.78
C VAL A 422 -12.18 -33.10 -23.38
N ASP A 423 -11.02 -33.61 -22.96
CA ASP A 423 -9.71 -33.20 -23.44
C ASP A 423 -9.43 -31.73 -23.18
N GLU A 424 -10.17 -31.11 -22.25
CA GLU A 424 -10.07 -29.68 -21.97
C GLU A 424 -10.31 -28.83 -23.20
N ASP A 425 -10.91 -29.40 -24.24
CA ASP A 425 -11.10 -28.70 -25.50
C ASP A 425 -12.54 -28.76 -26.00
N ILE A 426 -13.24 -29.86 -25.81
CA ILE A 426 -14.58 -30.01 -26.37
C ILE A 426 -15.61 -30.11 -25.26
N ILE A 427 -16.83 -29.67 -25.57
CA ILE A 427 -17.94 -29.64 -24.64
C ILE A 427 -19.01 -30.60 -25.13
N CYS A 428 -19.56 -31.41 -24.24
CA CYS A 428 -20.49 -32.46 -24.59
C CYS A 428 -21.70 -32.41 -23.68
N LYS A 429 -22.84 -32.86 -24.22
CA LYS A 429 -24.10 -32.91 -23.48
C LYS A 429 -24.37 -34.34 -23.04
N VAL A 430 -24.70 -34.51 -21.76
CA VAL A 430 -24.93 -35.83 -21.20
C VAL A 430 -26.28 -36.35 -21.65
N ILE A 431 -26.30 -37.57 -22.18
CA ILE A 431 -27.54 -38.22 -22.59
C ILE A 431 -27.95 -39.30 -21.60
N ARG A 432 -27.04 -40.21 -21.27
CA ARG A 432 -27.30 -41.26 -20.30
C ARG A 432 -26.11 -41.41 -19.36
N LYS A 433 -26.40 -41.42 -18.06
CA LYS A 433 -25.39 -41.57 -17.03
C LYS A 433 -25.80 -42.69 -16.08
N ASP A 434 -24.87 -43.59 -15.78
CA ASP A 434 -25.12 -44.67 -14.82
C ASP A 434 -23.97 -44.72 -13.83
N ILE A 435 -24.29 -44.56 -12.56
CA ILE A 435 -23.30 -44.61 -11.49
C ILE A 435 -23.12 -46.08 -11.10
N LEU A 436 -21.93 -46.63 -11.34
CA LEU A 436 -21.66 -48.03 -11.06
C LEU A 436 -21.38 -48.20 -9.57
N GLU A 437 -20.92 -49.39 -9.18
CA GLU A 437 -20.66 -49.67 -7.78
C GLU A 437 -19.53 -48.80 -7.23
N ASN A 438 -18.46 -48.66 -8.00
CA ASN A 438 -17.31 -47.86 -7.58
C ASN A 438 -16.81 -47.00 -8.74
N GLY A 439 -17.71 -46.34 -9.44
CA GLY A 439 -17.32 -45.54 -10.58
C GLY A 439 -18.53 -45.01 -11.31
N PHE A 440 -18.37 -44.78 -12.61
CA PHE A 440 -19.45 -44.25 -13.43
C PHE A 440 -19.23 -44.61 -14.89
N LYS A 441 -20.31 -44.53 -15.67
CA LYS A 441 -20.20 -44.60 -17.13
C LYS A 441 -21.21 -43.64 -17.73
N VAL A 442 -20.76 -42.85 -18.71
CA VAL A 442 -21.56 -41.78 -19.26
C VAL A 442 -21.43 -41.77 -20.78
N VAL A 443 -22.54 -41.50 -21.46
CA VAL A 443 -22.54 -41.34 -22.91
C VAL A 443 -22.66 -39.85 -23.24
N LEU A 444 -21.87 -39.40 -24.20
CA LEU A 444 -21.79 -37.99 -24.57
C LEU A 444 -21.89 -37.87 -26.08
N SER A 445 -22.10 -36.63 -26.54
CA SER A 445 -22.17 -36.32 -27.97
C SER A 445 -20.94 -35.52 -28.35
N CYS A 446 -20.01 -36.15 -29.07
CA CYS A 446 -18.78 -35.50 -29.48
C CYS A 446 -18.26 -36.20 -30.73
N PRO A 447 -17.45 -35.51 -31.53
CA PRO A 447 -16.85 -36.16 -32.70
C PRO A 447 -15.84 -37.23 -32.29
N THR A 448 -15.60 -38.16 -33.20
CA THR A 448 -14.68 -39.26 -32.93
C THR A 448 -13.25 -38.74 -32.80
N LEU A 449 -12.52 -39.29 -31.82
CA LEU A 449 -11.15 -38.90 -31.54
C LEU A 449 -10.26 -40.13 -31.48
N PRO A 450 -9.14 -40.14 -32.19
CA PRO A 450 -8.26 -41.33 -32.25
C PRO A 450 -7.41 -41.53 -30.99
N ASN A 451 -8.06 -41.91 -29.91
CA ASN A 451 -7.38 -42.22 -28.66
C ASN A 451 -8.21 -43.21 -27.87
N ASP A 452 -7.71 -43.59 -26.69
CA ASP A 452 -8.35 -44.59 -25.85
C ASP A 452 -8.59 -44.14 -24.42
N ILE A 453 -7.69 -43.34 -23.85
CA ILE A 453 -7.86 -42.76 -22.51
C ILE A 453 -7.88 -41.25 -22.64
N TYR A 454 -8.89 -40.62 -22.05
CA TYR A 454 -9.06 -39.17 -22.13
C TYR A 454 -9.31 -38.60 -20.74
N LYS A 455 -9.47 -37.28 -20.69
CA LYS A 455 -9.66 -36.54 -19.45
C LYS A 455 -11.06 -35.95 -19.41
N LEU A 456 -11.68 -36.01 -18.23
CA LEU A 456 -13.04 -35.54 -18.02
C LEU A 456 -13.06 -34.49 -16.91
N SER A 457 -13.88 -33.46 -17.11
CA SER A 457 -14.03 -32.40 -16.11
C SER A 457 -15.34 -31.67 -16.36
N PHE A 458 -15.77 -30.93 -15.34
CA PHE A 458 -16.97 -30.11 -15.43
C PHE A 458 -16.56 -28.65 -15.56
N GLY A 459 -17.10 -27.98 -16.58
CA GLY A 459 -16.71 -26.60 -16.84
C GLY A 459 -17.78 -25.75 -17.50
N LYS A 460 -17.37 -25.01 -18.53
CA LYS A 460 -18.28 -24.08 -19.19
C LYS A 460 -19.41 -24.81 -19.89
N ASP A 461 -20.54 -24.12 -20.03
CA ASP A 461 -21.73 -24.66 -20.67
C ASP A 461 -21.99 -23.90 -21.97
N ASP A 462 -22.26 -24.62 -23.05
CA ASP A 462 -22.54 -24.02 -24.35
C ASP A 462 -24.01 -23.60 -24.44
N ILE A 463 -24.39 -22.69 -23.55
CA ILE A 463 -25.76 -22.21 -23.44
C ILE A 463 -25.73 -20.68 -23.46
N ASP A 464 -26.54 -20.09 -24.34
CA ASP A 464 -26.67 -18.64 -24.43
C ASP A 464 -28.01 -18.24 -23.81
N LEU A 465 -27.96 -17.59 -22.65
CA LEU A 465 -29.19 -17.21 -21.96
C LEU A 465 -29.89 -16.04 -22.61
N ALA A 466 -29.18 -15.22 -23.38
CA ALA A 466 -29.82 -14.06 -24.01
C ALA A 466 -30.84 -14.49 -25.05
N GLN A 467 -30.50 -15.48 -25.87
CA GLN A 467 -31.41 -15.90 -26.94
C GLN A 467 -32.63 -16.62 -26.37
N MET A 468 -32.44 -17.39 -25.30
CA MET A 468 -33.54 -18.18 -24.75
C MET A 468 -34.66 -17.31 -24.19
N TYR A 469 -34.34 -16.14 -23.64
CA TYR A 469 -35.36 -15.26 -23.10
C TYR A 469 -36.16 -14.55 -24.20
N LYS A 470 -35.62 -14.46 -25.42
CA LYS A 470 -36.36 -13.85 -26.51
C LYS A 470 -37.58 -14.67 -26.88
N ASP A 471 -37.41 -15.98 -27.01
CA ASP A 471 -38.49 -16.91 -27.33
C ASP A 471 -38.64 -17.88 -26.16
N TYR A 472 -39.47 -17.49 -25.20
CA TYR A 472 -39.62 -18.25 -23.95
C TYR A 472 -40.62 -19.38 -24.17
N ASN A 473 -40.31 -20.55 -23.61
CA ASN A 473 -41.17 -21.72 -23.75
C ASN A 473 -40.88 -22.68 -22.60
N LEU A 474 -41.62 -23.77 -22.55
CA LEU A 474 -41.47 -24.72 -21.45
C LEU A 474 -40.14 -25.45 -21.53
N ASN A 475 -39.67 -25.77 -22.73
CA ASN A 475 -38.38 -26.42 -22.86
C ASN A 475 -37.28 -25.55 -22.29
N ILE A 476 -37.30 -24.26 -22.62
CA ILE A 476 -36.32 -23.33 -22.05
C ILE A 476 -36.49 -23.23 -20.54
N ALA A 477 -37.72 -23.19 -20.06
CA ALA A 477 -37.95 -23.07 -18.62
C ALA A 477 -37.37 -24.27 -17.86
N LEU A 478 -37.64 -25.47 -18.36
CA LEU A 478 -37.12 -26.68 -17.70
C LEU A 478 -35.61 -26.75 -17.79
N ASP A 479 -35.04 -26.40 -18.95
CA ASP A 479 -33.59 -26.43 -19.08
C ASP A 479 -32.93 -25.44 -18.12
N MET A 480 -33.49 -24.23 -18.02
CA MET A 480 -32.95 -23.24 -17.09
C MET A 480 -33.12 -23.67 -15.65
N ALA A 481 -34.22 -24.34 -15.32
CA ALA A 481 -34.38 -24.87 -13.97
C ALA A 481 -33.29 -25.90 -13.66
N ARG A 482 -32.99 -26.78 -14.61
CA ARG A 482 -31.92 -27.74 -14.41
C ARG A 482 -30.58 -27.05 -14.23
N TYR A 483 -30.31 -26.02 -15.04
CA TYR A 483 -29.04 -25.30 -14.90
C TYR A 483 -28.94 -24.62 -13.54
N CYS A 484 -30.04 -24.02 -13.08
CA CYS A 484 -30.04 -23.34 -11.79
C CYS A 484 -29.82 -24.33 -10.64
N ILE A 485 -30.44 -25.50 -10.71
CA ILE A 485 -30.25 -26.47 -9.64
C ILE A 485 -28.83 -27.02 -9.65
N HIS A 486 -28.23 -27.18 -10.83
CA HIS A 486 -26.83 -27.57 -10.88
C HIS A 486 -25.93 -26.50 -10.28
N ASP A 487 -26.23 -25.23 -10.57
CA ASP A 487 -25.47 -24.13 -9.99
C ASP A 487 -25.59 -24.15 -8.47
N ALA A 488 -26.79 -24.39 -7.95
CA ALA A 488 -26.99 -24.45 -6.51
C ALA A 488 -26.19 -25.59 -5.89
N CYS A 489 -26.20 -26.77 -6.52
CA CYS A 489 -25.48 -27.91 -5.96
C CYS A 489 -23.96 -27.78 -6.09
N LEU A 490 -23.50 -26.99 -7.05
CA LEU A 490 -22.05 -26.75 -7.17
C LEU A 490 -21.49 -26.12 -5.91
N CYS A 491 -22.27 -25.25 -5.26
CA CYS A 491 -21.80 -24.64 -4.02
C CYS A 491 -21.56 -25.69 -2.94
N GLN A 492 -22.50 -26.64 -2.79
CA GLN A 492 -22.31 -27.73 -1.83
C GLN A 492 -21.09 -28.58 -2.19
N TYR A 493 -20.94 -28.89 -3.48
CA TYR A 493 -19.80 -29.71 -3.88
C TYR A 493 -18.48 -29.03 -3.57
N LEU A 494 -18.37 -27.73 -3.87
CA LEU A 494 -17.14 -27.00 -3.57
C LEU A 494 -16.93 -26.87 -2.06
N TRP A 495 -18.01 -26.66 -1.30
CA TRP A 495 -17.90 -26.57 0.14
C TRP A 495 -17.37 -27.86 0.74
N GLU A 496 -17.83 -29.01 0.25
CA GLU A 496 -17.29 -30.28 0.73
C GLU A 496 -15.88 -30.52 0.23
N TYR A 497 -15.55 -30.02 -0.96
CA TYR A 497 -14.22 -30.24 -1.52
C TYR A 497 -13.16 -29.48 -0.73
N TYR A 498 -13.43 -28.21 -0.41
CA TYR A 498 -12.42 -27.39 0.27
C TYR A 498 -12.36 -27.63 1.78
N GLY A 499 -13.35 -28.29 2.36
CA GLY A 499 -13.33 -28.56 3.78
C GLY A 499 -13.42 -27.31 4.64
N VAL A 500 -14.36 -26.42 4.30
CA VAL A 500 -14.46 -25.14 5.00
C VAL A 500 -14.84 -25.32 6.46
N GLU A 501 -15.67 -26.31 6.77
CA GLU A 501 -16.10 -26.55 8.14
C GLU A 501 -14.91 -26.82 9.07
N THR A 502 -14.07 -27.78 8.69
CA THR A 502 -12.94 -28.15 9.53
C THR A 502 -11.92 -27.02 9.62
N LYS A 503 -11.70 -26.30 8.52
CA LYS A 503 -10.80 -25.16 8.54
C LYS A 503 -11.31 -24.07 9.47
N THR A 504 -12.63 -23.82 9.45
CA THR A 504 -13.21 -22.84 10.35
C THR A 504 -13.02 -23.25 11.81
N ASP A 505 -13.27 -24.52 12.12
CA ASP A 505 -13.09 -24.99 13.49
C ASP A 505 -11.63 -24.88 13.93
N ALA A 506 -10.71 -25.30 13.07
CA ALA A 506 -9.28 -25.24 13.41
C ALA A 506 -8.83 -23.80 13.63
N GLY A 507 -9.25 -22.89 12.75
CA GLY A 507 -8.89 -21.49 12.91
C GLY A 507 -9.47 -20.89 14.17
N ALA A 508 -10.72 -21.22 14.49
CA ALA A 508 -11.33 -20.72 15.72
C ALA A 508 -10.57 -21.21 16.94
N ALA A 509 -10.16 -22.48 16.94
CA ALA A 509 -9.42 -23.01 18.08
C ALA A 509 -8.04 -22.35 18.20
N THR A 510 -7.28 -22.31 17.10
CA THR A 510 -5.91 -21.84 17.17
C THR A 510 -5.82 -20.34 17.40
N TYR A 511 -6.57 -19.56 16.62
CA TYR A 511 -6.47 -18.10 16.68
C TYR A 511 -7.15 -17.50 17.89
N VAL A 512 -7.90 -18.30 18.66
CA VAL A 512 -8.68 -17.81 19.80
C VAL A 512 -9.62 -16.73 19.30
N LEU A 513 -10.50 -17.09 18.36
CA LEU A 513 -11.43 -16.17 17.74
C LEU A 513 -12.75 -16.88 17.50
N PRO A 514 -13.85 -16.13 17.41
CA PRO A 514 -15.14 -16.76 17.07
C PRO A 514 -15.13 -17.31 15.65
N GLN A 515 -16.02 -18.28 15.43
CA GLN A 515 -16.04 -18.99 14.15
C GLN A 515 -16.38 -18.05 13.00
N SER A 516 -17.30 -17.12 13.21
CA SER A 516 -17.73 -16.23 12.14
C SER A 516 -16.67 -15.22 11.74
N MET A 517 -15.67 -14.99 12.58
CA MET A 517 -14.64 -13.98 12.34
C MET A 517 -13.33 -14.57 11.82
N VAL A 518 -13.31 -15.88 11.51
CA VAL A 518 -12.06 -16.52 11.11
C VAL A 518 -11.60 -16.02 9.75
N PHE A 519 -12.51 -15.96 8.78
CA PHE A 519 -12.18 -15.64 7.40
C PHE A 519 -12.57 -14.21 7.03
N GLU A 520 -12.43 -13.27 7.96
CA GLU A 520 -12.73 -11.87 7.66
C GLU A 520 -11.62 -10.91 8.07
N TYR A 521 -10.57 -11.37 8.72
CA TYR A 521 -9.51 -10.51 9.25
C TYR A 521 -8.17 -10.89 8.64
N ARG A 522 -7.27 -9.91 8.61
CA ARG A 522 -5.95 -10.10 8.01
C ARG A 522 -5.00 -10.71 9.03
N ALA A 523 -3.70 -10.74 8.70
CA ALA A 523 -2.73 -11.41 9.56
C ALA A 523 -2.52 -10.68 10.88
N SER A 524 -2.73 -9.36 10.90
CA SER A 524 -2.50 -8.57 12.10
C SER A 524 -3.51 -8.87 13.21
N THR A 525 -4.58 -9.59 12.92
CA THR A 525 -5.60 -9.90 13.92
C THR A 525 -5.58 -11.36 14.36
N ILE A 526 -5.20 -12.28 13.49
CA ILE A 526 -5.22 -13.70 13.80
C ILE A 526 -3.95 -14.11 14.54
N ILE A 527 -3.11 -13.12 14.87
CA ILE A 527 -1.83 -13.37 15.53
C ILE A 527 -1.85 -12.98 17.00
N LYS A 528 -2.84 -12.20 17.43
CA LYS A 528 -2.82 -11.65 18.79
C LYS A 528 -3.14 -12.69 19.85
N GLY A 529 -3.90 -13.73 19.51
CA GLY A 529 -4.26 -14.75 20.46
C GLY A 529 -3.09 -15.56 20.97
N PRO A 530 -2.41 -16.28 20.07
CA PRO A 530 -1.20 -17.01 20.48
C PRO A 530 -0.13 -16.12 21.07
N LEU A 531 0.03 -14.89 20.55
CA LEU A 531 1.01 -13.97 21.12
C LEU A 531 0.65 -13.61 22.56
N LEU A 532 -0.62 -13.35 22.83
CA LEU A 532 -1.05 -13.04 24.18
C LEU A 532 -0.84 -14.23 25.10
N LYS A 533 -1.15 -15.44 24.63
CA LYS A 533 -0.93 -16.63 25.44
C LYS A 533 0.55 -16.80 25.76
N LEU A 534 1.42 -16.62 24.77
CA LEU A 534 2.85 -16.75 25.00
C LEU A 534 3.36 -15.68 25.95
N LEU A 535 2.87 -14.45 25.82
CA LEU A 535 3.28 -13.38 26.73
C LEU A 535 2.87 -13.69 28.17
N LEU A 536 1.64 -14.19 28.36
CA LEU A 536 1.20 -14.51 29.71
C LEU A 536 1.99 -15.67 30.29
N GLU A 537 2.30 -16.69 29.47
CA GLU A 537 3.11 -17.81 29.97
C GLU A 537 4.52 -17.36 30.31
N THR A 538 5.13 -16.54 29.46
CA THR A 538 6.48 -16.05 29.68
C THR A 538 6.53 -14.94 30.73
N LYS A 539 5.39 -14.30 31.02
CA LYS A 539 5.31 -13.20 31.97
C LYS A 539 6.21 -12.04 31.56
N THR A 540 5.89 -11.45 30.41
CA THR A 540 6.65 -10.31 29.89
C THR A 540 5.72 -9.43 29.06
N ILE A 541 6.03 -8.13 29.08
CA ILE A 541 5.32 -7.12 28.30
C ILE A 541 6.35 -6.31 27.54
N LEU A 542 6.01 -5.95 26.30
CA LEU A 542 6.86 -5.12 25.46
C LEU A 542 6.16 -3.78 25.21
N VAL A 543 6.85 -2.69 25.50
CA VAL A 543 6.26 -1.35 25.39
C VAL A 543 7.11 -0.49 24.45
N ARG A 544 6.44 0.27 23.60
CA ARG A 544 7.07 1.25 22.73
C ARG A 544 6.67 2.64 23.21
N SER A 545 7.66 3.47 23.52
CA SER A 545 7.42 4.78 24.13
C SER A 545 7.84 5.92 23.20
N GLU A 546 7.64 5.75 21.91
CA GLU A 546 7.97 6.79 20.93
C GLU A 546 7.07 6.61 19.71
N THR A 547 7.40 7.33 18.65
CA THR A 547 6.73 7.17 17.36
C THR A 547 7.70 6.58 16.36
N LYS A 548 7.20 5.65 15.54
CA LYS A 548 8.02 4.92 14.59
C LYS A 548 8.03 5.66 13.26
N GLN A 549 9.20 6.12 12.86
CA GLN A 549 9.33 6.85 11.59
C GLN A 549 9.10 5.92 10.42
N LYS A 550 8.49 6.45 9.36
CA LYS A 550 8.21 5.66 8.18
C LYS A 550 9.48 5.44 7.36
N PHE A 551 10.37 4.61 7.86
CA PHE A 551 11.60 4.31 7.14
C PHE A 551 11.30 3.53 5.86
N PRO A 552 12.11 3.72 4.81
CA PRO A 552 11.93 3.00 3.54
C PRO A 552 12.05 1.49 3.69
N LYS A 557 13.43 -9.22 -3.65
CA LYS A 557 14.02 -8.90 -4.95
C LYS A 557 13.57 -9.89 -6.01
N VAL A 558 13.37 -9.39 -7.23
CA VAL A 558 12.94 -10.24 -8.34
C VAL A 558 14.14 -11.02 -8.85
N PHE A 559 13.98 -12.34 -8.96
CA PHE A 559 15.04 -13.22 -9.43
C PHE A 559 14.73 -13.71 -10.84
N ALA A 560 15.75 -13.75 -11.69
CA ALA A 560 15.61 -14.16 -13.06
C ALA A 560 16.46 -15.40 -13.33
N PRO A 561 15.91 -16.43 -13.95
CA PRO A 561 16.70 -17.63 -14.27
C PRO A 561 17.77 -17.33 -15.30
N LYS A 562 18.82 -18.15 -15.27
CA LYS A 562 19.94 -17.96 -16.20
C LYS A 562 19.48 -18.14 -17.65
N GLN A 563 18.64 -19.13 -17.92
CA GLN A 563 18.07 -19.30 -19.24
C GLN A 563 16.64 -19.83 -19.10
N LYS A 564 15.89 -19.71 -20.18
CA LYS A 564 14.46 -20.04 -20.18
C LYS A 564 14.18 -21.46 -20.66
N MET A 565 14.70 -21.84 -21.82
CA MET A 565 14.52 -23.18 -22.36
C MET A 565 15.66 -24.08 -21.90
N PHE A 566 15.31 -25.30 -21.47
CA PHE A 566 16.28 -26.17 -20.85
C PHE A 566 16.53 -27.46 -21.62
N SER A 567 15.48 -28.21 -21.93
CA SER A 567 15.58 -29.52 -22.59
C SER A 567 16.39 -30.53 -21.77
N ASN A 568 16.56 -30.26 -20.49
CA ASN A 568 17.21 -31.18 -19.56
C ASN A 568 16.40 -31.22 -18.27
N ASN A 569 16.57 -32.29 -17.51
CA ASN A 569 15.70 -32.50 -16.36
C ASN A 569 16.02 -31.49 -15.26
N VAL A 570 14.97 -31.00 -14.58
CA VAL A 570 15.13 -30.02 -13.52
C VAL A 570 14.63 -30.64 -12.22
N LEU A 571 15.49 -30.63 -11.20
CA LEU A 571 15.14 -31.14 -9.89
C LEU A 571 14.75 -29.96 -8.99
N ILE A 572 13.60 -30.06 -8.33
CA ILE A 572 13.10 -29.00 -7.49
C ILE A 572 13.27 -29.40 -6.03
N PHE A 573 13.88 -28.53 -5.24
CA PHE A 573 14.00 -28.73 -3.80
C PHE A 573 13.29 -27.60 -3.09
N ASP A 574 12.66 -27.91 -1.96
CA ASP A 574 11.88 -26.94 -1.20
C ASP A 574 12.52 -26.74 0.16
N TYR A 575 12.84 -25.49 0.50
CA TYR A 575 13.30 -25.17 1.84
C TYR A 575 12.18 -25.40 2.85
N ASN A 576 12.55 -25.89 4.02
CA ASN A 576 11.58 -26.20 5.08
C ASN A 576 11.42 -24.97 5.97
N SER A 577 10.56 -24.04 5.57
CA SER A 577 10.22 -22.86 6.35
C SER A 577 11.48 -22.03 6.65
N LEU A 578 12.03 -21.47 5.56
CA LEU A 578 13.33 -20.81 5.64
C LEU A 578 13.33 -19.67 6.66
N TYR A 579 12.38 -18.74 6.55
CA TYR A 579 12.37 -17.60 7.46
C TYR A 579 12.14 -17.98 8.92
N PRO A 580 11.18 -18.85 9.27
CA PRO A 580 11.08 -19.27 10.68
C PRO A 580 12.36 -19.88 11.23
N ASN A 581 13.05 -20.70 10.42
CA ASN A 581 14.29 -21.30 10.87
C ASN A 581 15.40 -20.26 11.00
N VAL A 582 15.44 -19.26 10.11
CA VAL A 582 16.40 -18.17 10.24
C VAL A 582 16.14 -17.40 11.52
N CYS A 583 14.87 -17.10 11.82
CA CYS A 583 14.54 -16.36 13.03
C CYS A 583 14.94 -17.15 14.28
N ILE A 584 14.70 -18.47 14.28
CA ILE A 584 15.09 -19.30 15.40
C ILE A 584 16.62 -19.32 15.55
N PHE A 585 17.32 -19.49 14.44
CA PHE A 585 18.77 -19.64 14.49
C PHE A 585 19.44 -18.34 14.96
N GLY A 586 19.02 -17.21 14.42
CA GLY A 586 19.62 -15.94 14.80
C GLY A 586 19.04 -15.31 16.05
N ASN A 587 17.97 -15.88 16.59
CA ASN A 587 17.30 -15.33 17.77
C ASN A 587 16.91 -13.86 17.56
N LEU A 588 16.36 -13.58 16.39
CA LEU A 588 16.00 -12.22 16.01
C LEU A 588 14.65 -11.88 16.63
N SER A 589 14.66 -11.15 17.74
CA SER A 589 13.47 -10.73 18.44
C SER A 589 13.66 -9.30 18.90
N PRO A 590 12.58 -8.53 19.04
CA PRO A 590 12.74 -7.11 19.47
C PRO A 590 13.42 -6.94 20.81
N GLU A 591 13.23 -7.87 21.75
CA GLU A 591 13.79 -7.73 23.09
C GLU A 591 15.16 -8.39 23.23
N THR A 592 15.68 -8.99 22.19
CA THR A 592 17.01 -9.60 22.22
C THR A 592 17.95 -8.91 21.22
N LEU A 593 17.78 -7.60 21.07
CA LEU A 593 18.63 -6.79 20.21
C LEU A 593 19.54 -5.97 21.12
N VAL A 594 20.81 -6.34 21.18
CA VAL A 594 21.76 -5.61 22.03
C VAL A 594 21.94 -4.19 21.52
N GLY A 595 22.05 -4.01 20.22
CA GLY A 595 22.16 -2.68 19.66
C GLY A 595 22.34 -2.70 18.17
N VAL A 596 22.38 -1.50 17.60
CA VAL A 596 22.67 -1.29 16.18
C VAL A 596 23.80 -0.28 16.10
N VAL A 597 24.95 -0.71 15.58
CA VAL A 597 26.13 0.13 15.47
C VAL A 597 26.29 0.54 14.02
N VAL A 598 26.35 1.85 13.78
CA VAL A 598 26.46 2.38 12.43
C VAL A 598 27.74 3.19 12.34
N SER A 599 28.21 3.36 11.10
CA SER A 599 29.40 4.14 10.83
C SER A 599 29.25 4.81 9.47
N THR A 600 29.81 6.02 9.38
CA THR A 600 29.75 6.82 8.16
C THR A 600 31.11 6.97 7.49
N ASN A 601 32.14 6.31 8.02
CA ASN A 601 33.47 6.36 7.41
C ASN A 601 34.23 5.09 7.78
N ARG A 602 35.30 4.82 7.03
CA ARG A 602 35.97 3.53 7.12
C ARG A 602 36.85 3.42 8.36
N LEU A 603 37.45 4.52 8.84
CA LEU A 603 38.29 4.44 10.02
C LEU A 603 37.49 4.01 11.25
N GLU A 604 36.39 4.72 11.51
CA GLU A 604 35.53 4.34 12.63
C GLU A 604 34.89 2.97 12.38
N GLU A 605 34.62 2.64 11.13
CA GLU A 605 34.08 1.32 10.81
C GLU A 605 35.04 0.21 11.22
N GLU A 606 36.32 0.37 10.88
CA GLU A 606 37.31 -0.65 11.22
C GLU A 606 37.53 -0.72 12.73
N ILE A 607 37.61 0.43 13.40
CA ILE A 607 37.76 0.41 14.85
C ILE A 607 36.57 -0.27 15.50
N ASN A 608 35.36 0.06 15.06
CA ASN A 608 34.16 -0.56 15.60
C ASN A 608 34.16 -2.06 15.35
N ASN A 609 34.59 -2.48 14.16
CA ASN A 609 34.62 -3.91 13.87
C ASN A 609 35.59 -4.64 14.78
N GLN A 610 36.77 -4.05 15.03
CA GLN A 610 37.74 -4.70 15.91
C GLN A 610 37.19 -4.81 17.33
N LEU A 611 36.63 -3.73 17.87
CA LEU A 611 36.05 -3.83 19.21
C LEU A 611 34.85 -4.76 19.24
N LEU A 612 34.11 -4.89 18.12
CA LEU A 612 33.00 -5.82 18.06
C LEU A 612 33.48 -7.26 18.18
N LEU A 613 34.48 -7.63 17.38
CA LEU A 613 35.04 -8.97 17.49
C LEU A 613 35.74 -9.19 18.82
N GLN A 614 36.17 -8.10 19.48
CA GLN A 614 36.86 -8.25 20.75
C GLN A 614 35.90 -8.50 21.92
N LYS A 615 34.88 -7.66 22.07
CA LYS A 615 34.06 -7.66 23.28
C LYS A 615 32.70 -8.30 23.11
N TYR A 616 32.30 -8.63 21.88
CA TYR A 616 31.08 -9.39 21.61
C TYR A 616 31.45 -10.62 20.80
N PRO A 617 31.87 -11.70 21.46
CA PRO A 617 32.37 -12.87 20.74
C PRO A 617 31.27 -13.87 20.47
N PRO A 618 31.39 -14.64 19.39
CA PRO A 618 30.47 -15.76 19.15
C PRO A 618 30.83 -16.93 20.04
N PRO A 619 29.91 -17.90 20.22
CA PRO A 619 28.58 -18.02 19.62
C PRO A 619 27.48 -17.38 20.45
N ARG A 620 27.83 -16.77 21.58
CA ARG A 620 26.82 -16.13 22.43
C ARG A 620 26.15 -14.98 21.71
N TYR A 621 26.92 -14.18 20.97
CA TYR A 621 26.42 -13.01 20.26
C TYR A 621 26.56 -13.23 18.77
N ILE A 622 25.57 -12.77 18.01
CA ILE A 622 25.60 -12.85 16.54
C ILE A 622 25.51 -11.44 15.99
N THR A 623 26.43 -11.10 15.09
CA THR A 623 26.49 -9.79 14.46
C THR A 623 26.12 -9.93 13.00
N VAL A 624 25.10 -9.18 12.57
CA VAL A 624 24.56 -9.26 11.22
C VAL A 624 24.74 -7.92 10.54
N HIS A 625 25.42 -7.93 9.40
CA HIS A 625 25.50 -6.73 8.57
C HIS A 625 24.18 -6.50 7.85
N CYS A 626 23.80 -5.23 7.71
CA CYS A 626 22.54 -4.89 7.08
C CYS A 626 22.71 -3.61 6.27
N GLU A 627 21.79 -3.42 5.34
CA GLU A 627 21.78 -2.20 4.55
C GLU A 627 21.42 -1.01 5.43
N PRO A 628 22.12 0.12 5.30
CA PRO A 628 21.81 1.28 6.14
C PRO A 628 20.45 1.86 5.83
N ARG A 629 19.85 2.47 6.86
CA ARG A 629 18.54 3.10 6.74
C ARG A 629 18.62 4.58 6.42
N LEU A 630 19.81 5.16 6.34
CA LEU A 630 20.00 6.56 6.02
C LEU A 630 20.99 6.71 4.88
N PRO A 631 20.84 7.74 4.04
CA PRO A 631 21.71 7.88 2.87
C PRO A 631 23.17 8.12 3.19
N ASN A 632 23.50 8.55 4.42
CA ASN A 632 24.88 8.88 4.77
C ASN A 632 25.63 7.76 5.46
N LEU A 633 24.93 6.83 6.12
CA LEU A 633 25.60 5.72 6.77
C LEU A 633 26.22 4.78 5.74
N ILE A 634 27.44 4.31 6.03
CA ILE A 634 28.12 3.40 5.11
C ILE A 634 28.06 1.99 5.66
N SER A 635 27.95 1.84 6.98
CA SER A 635 27.92 0.52 7.59
C SER A 635 26.88 0.48 8.70
N GLU A 636 26.12 -0.61 8.73
CA GLU A 636 25.15 -0.88 9.79
C GLU A 636 25.24 -2.34 10.22
N ILE A 637 25.44 -2.56 11.52
CA ILE A 637 25.59 -3.90 12.08
C ILE A 637 24.64 -4.03 13.26
N ALA A 638 23.79 -5.04 13.23
CA ALA A 638 22.89 -5.34 14.33
C ALA A 638 23.47 -6.47 15.17
N ILE A 639 23.27 -6.39 16.49
CA ILE A 639 23.83 -7.35 17.43
C ILE A 639 22.68 -8.04 18.14
N PHE A 640 22.67 -9.37 18.11
CA PHE A 640 21.64 -10.16 18.78
C PHE A 640 22.28 -11.10 19.78
N ASP A 641 21.59 -11.31 20.89
CA ASP A 641 22.07 -12.15 21.98
C ASP A 641 21.33 -13.48 21.99
N ARG A 642 22.09 -14.58 22.13
CA ARG A 642 21.52 -15.91 22.12
C ARG A 642 21.63 -16.59 23.48
N SER A 643 21.79 -15.82 24.56
CA SER A 643 21.86 -16.41 25.89
C SER A 643 20.49 -16.87 26.36
N ILE A 644 19.44 -16.08 26.09
CA ILE A 644 18.08 -16.41 26.50
C ILE A 644 17.17 -16.29 25.28
N GLU A 645 16.23 -17.21 25.19
CA GLU A 645 15.32 -17.26 24.06
C GLU A 645 14.40 -16.04 24.05
N GLY A 646 14.05 -15.58 22.86
CA GLY A 646 13.18 -14.43 22.70
C GLY A 646 11.72 -14.78 22.76
N THR A 647 10.91 -14.03 22.02
CA THR A 647 9.47 -14.24 21.95
C THR A 647 9.03 -14.77 20.59
N ILE A 648 9.42 -14.11 19.51
CA ILE A 648 9.11 -14.61 18.18
C ILE A 648 9.69 -16.00 17.92
N PRO A 649 10.96 -16.27 18.23
CA PRO A 649 11.47 -17.64 18.02
C PRO A 649 10.70 -18.69 18.80
N ARG A 650 10.26 -18.37 20.02
CA ARG A 650 9.47 -19.33 20.79
C ARG A 650 8.15 -19.64 20.09
N LEU A 651 7.46 -18.60 19.61
CA LEU A 651 6.21 -18.82 18.88
C LEU A 651 6.43 -19.65 17.62
N LEU A 652 7.49 -19.34 16.87
CA LEU A 652 7.74 -20.08 15.64
C LEU A 652 8.08 -21.54 15.92
N ARG A 653 8.89 -21.80 16.96
CA ARG A 653 9.23 -23.18 17.28
C ARG A 653 8.01 -23.94 17.77
N THR A 654 7.15 -23.29 18.55
CA THR A 654 5.90 -23.93 18.98
C THR A 654 5.04 -24.30 17.80
N PHE A 655 4.88 -23.36 16.84
CA PHE A 655 4.07 -23.64 15.66
C PHE A 655 4.64 -24.79 14.85
N LEU A 656 5.97 -24.79 14.64
CA LEU A 656 6.60 -25.86 13.87
C LEU A 656 6.43 -27.21 14.55
N ALA A 657 6.62 -27.27 15.86
CA ALA A 657 6.46 -28.52 16.58
C ALA A 657 5.02 -29.02 16.51
N GLU A 658 4.06 -28.12 16.67
CA GLU A 658 2.65 -28.52 16.59
C GLU A 658 2.31 -29.05 15.20
N ARG A 659 2.81 -28.39 14.15
CA ARG A 659 2.53 -28.86 12.79
C ARG A 659 3.16 -30.22 12.54
N ALA A 660 4.39 -30.44 13.02
CA ALA A 660 5.01 -31.74 12.85
C ALA A 660 4.24 -32.83 13.58
N ARG A 661 3.78 -32.52 14.80
CA ARG A 661 2.99 -33.49 15.56
C ARG A 661 1.70 -33.83 14.84
N TYR A 662 1.03 -32.82 14.27
CA TYR A 662 -0.23 -33.08 13.58
C TYR A 662 -0.01 -33.83 12.28
N LYS A 663 1.09 -33.56 11.57
CA LYS A 663 1.45 -34.40 10.42
C LYS A 663 1.62 -35.85 10.83
N LYS A 664 2.36 -36.09 11.91
CA LYS A 664 2.59 -37.46 12.35
C LYS A 664 1.28 -38.14 12.74
N MET A 665 0.40 -37.42 13.42
CA MET A 665 -0.88 -38.00 13.83
C MET A 665 -1.78 -38.26 12.63
N LEU A 666 -1.74 -37.39 11.62
CA LEU A 666 -2.51 -37.62 10.39
C LEU A 666 -2.01 -38.85 9.65
N LYS A 667 -0.69 -39.05 9.60
CA LYS A 667 -0.15 -40.18 8.86
C LYS A 667 -0.53 -41.52 9.48
N GLN A 668 -1.02 -41.50 10.73
CA GLN A 668 -1.37 -42.72 11.45
C GLN A 668 -2.86 -42.76 11.83
N ALA A 669 -3.72 -42.18 11.00
CA ALA A 669 -5.16 -42.17 11.22
C ALA A 669 -5.86 -42.85 10.07
N THR A 670 -6.91 -43.60 10.39
CA THR A 670 -7.67 -44.37 9.40
C THR A 670 -9.05 -43.81 9.12
N SER A 671 -9.70 -43.17 10.10
CA SER A 671 -11.00 -42.59 9.88
C SER A 671 -10.89 -41.33 9.02
N SER A 672 -11.91 -41.10 8.19
CA SER A 672 -11.89 -39.95 7.29
C SER A 672 -12.07 -38.64 8.06
N THR A 673 -12.95 -38.65 9.07
CA THR A 673 -13.18 -37.43 9.85
C THR A 673 -11.91 -37.00 10.59
N GLU A 674 -11.19 -37.96 11.18
CA GLU A 674 -9.95 -37.64 11.86
C GLU A 674 -8.92 -37.10 10.87
N LYS A 675 -8.85 -37.68 9.68
CA LYS A 675 -7.92 -37.19 8.67
C LYS A 675 -8.25 -35.76 8.29
N ALA A 676 -9.54 -35.44 8.09
CA ALA A 676 -9.93 -34.08 7.75
C ALA A 676 -9.58 -33.11 8.86
N ILE A 677 -9.85 -33.49 10.11
CA ILE A 677 -9.54 -32.62 11.25
C ILE A 677 -8.05 -32.34 11.32
N TYR A 678 -7.23 -33.39 11.18
CA TYR A 678 -5.78 -33.21 11.29
C TYR A 678 -5.24 -32.38 10.13
N ASP A 679 -5.77 -32.58 8.92
CA ASP A 679 -5.36 -31.76 7.78
C ASP A 679 -5.72 -30.29 8.00
N SER A 680 -6.91 -30.04 8.54
CA SER A 680 -7.30 -28.66 8.83
C SER A 680 -6.37 -28.03 9.86
N MET A 681 -6.03 -28.77 10.91
CA MET A 681 -5.15 -28.22 11.93
C MET A 681 -3.75 -27.93 11.37
N GLN A 682 -3.21 -28.85 10.58
CA GLN A 682 -1.88 -28.60 10.01
C GLN A 682 -1.90 -27.43 9.04
N TYR A 683 -2.96 -27.30 8.24
CA TYR A 683 -3.06 -26.16 7.33
C TYR A 683 -3.15 -24.85 8.10
N THR A 684 -3.93 -24.83 9.19
CA THR A 684 -4.04 -23.64 10.02
C THR A 684 -2.69 -23.25 10.60
N TYR A 685 -1.96 -24.24 11.14
CA TYR A 685 -0.65 -23.94 11.71
C TYR A 685 0.32 -23.42 10.66
N LYS A 686 0.26 -24.00 9.46
CA LYS A 686 1.12 -23.50 8.37
C LYS A 686 0.80 -22.06 8.03
N ILE A 687 -0.47 -21.74 7.86
CA ILE A 687 -0.83 -20.41 7.39
C ILE A 687 -0.62 -19.37 8.50
N VAL A 688 -0.61 -19.80 9.76
CA VAL A 688 -0.34 -18.82 10.82
C VAL A 688 1.15 -18.69 11.06
N ALA A 689 1.93 -19.71 10.73
CA ALA A 689 3.38 -19.61 10.93
C ALA A 689 4.09 -18.99 9.73
N ASN A 690 3.40 -18.87 8.59
CA ASN A 690 4.03 -18.22 7.43
C ASN A 690 3.74 -16.73 7.36
N SER A 691 3.07 -16.15 8.36
CA SER A 691 2.72 -14.74 8.32
C SER A 691 3.64 -13.89 9.20
N VAL A 692 4.62 -14.47 9.89
CA VAL A 692 5.42 -13.72 10.85
C VAL A 692 6.34 -12.74 10.15
N TYR A 693 6.95 -13.17 9.03
CA TYR A 693 7.91 -12.31 8.35
C TYR A 693 7.27 -11.03 7.85
N GLY A 694 6.07 -11.12 7.29
CA GLY A 694 5.36 -9.92 6.87
C GLY A 694 4.98 -9.04 8.04
N LEU A 695 4.65 -9.66 9.18
CA LEU A 695 4.22 -8.89 10.34
C LEU A 695 5.37 -8.18 11.03
N MET A 696 6.60 -8.69 10.92
CA MET A 696 7.72 -7.98 11.53
C MET A 696 8.02 -6.66 10.82
N GLY A 697 7.78 -6.59 9.53
CA GLY A 697 8.04 -5.39 8.76
C GLY A 697 6.85 -4.45 8.61
N PHE A 698 5.74 -4.71 9.29
CA PHE A 698 4.55 -3.88 9.20
C PHE A 698 4.54 -2.89 10.36
N ARG A 699 4.34 -1.62 10.05
CA ARG A 699 4.51 -0.56 11.04
C ARG A 699 3.50 -0.69 12.18
N ASN A 700 2.25 -1.01 11.86
CA ASN A 700 1.17 -1.03 12.84
C ASN A 700 0.84 -2.45 13.31
N SER A 701 1.85 -3.29 13.45
CA SER A 701 1.67 -4.65 13.94
C SER A 701 2.19 -4.76 15.36
N ALA A 702 1.96 -5.93 15.97
CA ALA A 702 2.38 -6.19 17.34
C ALA A 702 3.77 -6.82 17.42
N LEU A 703 4.42 -7.06 16.28
CA LEU A 703 5.74 -7.67 16.24
C LEU A 703 6.68 -6.85 15.36
N TYR A 704 6.57 -5.52 15.42
CA TYR A 704 7.38 -4.67 14.56
C TYR A 704 8.83 -4.70 15.01
N SER A 705 9.71 -5.13 14.12
CA SER A 705 11.15 -5.20 14.41
C SER A 705 11.88 -4.97 13.10
N TYR A 706 12.32 -3.73 12.87
CA TYR A 706 12.87 -3.35 11.58
C TYR A 706 14.27 -3.96 11.39
N ALA A 707 15.11 -3.86 12.43
CA ALA A 707 16.44 -4.47 12.38
C ALA A 707 16.35 -5.99 12.26
N SER A 708 15.40 -6.60 12.98
CA SER A 708 15.21 -8.04 12.85
C SER A 708 14.75 -8.41 11.44
N ALA A 709 13.95 -7.56 10.82
CA ALA A 709 13.55 -7.80 9.44
C ALA A 709 14.75 -7.79 8.51
N LYS A 710 15.62 -6.78 8.65
CA LYS A 710 16.81 -6.76 7.81
C LYS A 710 17.69 -7.98 8.07
N SER A 711 17.82 -8.38 9.34
CA SER A 711 18.65 -9.52 9.68
C SER A 711 18.12 -10.81 9.08
N CYS A 712 16.81 -11.02 9.15
CA CYS A 712 16.21 -12.21 8.55
C CYS A 712 16.45 -12.23 7.05
N THR A 713 16.23 -11.09 6.38
CA THR A 713 16.45 -11.05 4.94
C THR A 713 17.91 -11.33 4.60
N SER A 714 18.84 -10.74 5.34
CA SER A 714 20.26 -10.90 5.04
C SER A 714 20.71 -12.35 5.24
N ILE A 715 20.27 -12.97 6.33
CA ILE A 715 20.67 -14.35 6.60
C ILE A 715 20.06 -15.29 5.56
N GLY A 716 18.82 -15.05 5.17
CA GLY A 716 18.22 -15.85 4.12
C GLY A 716 18.99 -15.74 2.81
N ARG A 717 19.36 -14.52 2.43
CA ARG A 717 20.12 -14.32 1.22
C ARG A 717 21.48 -15.02 1.30
N ARG A 718 22.15 -14.93 2.44
CA ARG A 718 23.44 -15.59 2.59
C ARG A 718 23.33 -17.10 2.46
N MET A 719 22.32 -17.70 3.11
CA MET A 719 22.14 -19.14 3.01
C MET A 719 21.82 -19.57 1.59
N ILE A 720 20.96 -18.81 0.91
CA ILE A 720 20.60 -19.15 -0.47
C ILE A 720 21.82 -19.09 -1.37
N LEU A 721 22.62 -18.01 -1.24
CA LEU A 721 23.79 -17.87 -2.09
C LEU A 721 24.83 -18.95 -1.79
N TYR A 722 24.99 -19.31 -0.51
CA TYR A 722 25.94 -20.36 -0.17
C TYR A 722 25.53 -21.70 -0.78
N LEU A 723 24.24 -22.04 -0.69
CA LEU A 723 23.79 -23.29 -1.31
C LEU A 723 23.94 -23.25 -2.82
N GLU A 724 23.64 -22.10 -3.44
CA GLU A 724 23.81 -21.97 -4.89
C GLU A 724 25.28 -22.17 -5.28
N SER A 725 26.20 -21.58 -4.52
CA SER A 725 27.62 -21.73 -4.83
C SER A 725 28.08 -23.18 -4.65
N VAL A 726 27.63 -23.83 -3.58
CA VAL A 726 28.11 -25.19 -3.33
C VAL A 726 27.52 -26.17 -4.34
N LEU A 727 26.32 -25.91 -4.86
CA LEU A 727 25.70 -26.85 -5.79
C LEU A 727 26.15 -26.64 -7.23
N ASN A 728 26.43 -25.39 -7.61
CA ASN A 728 26.78 -25.08 -9.00
C ASN A 728 28.13 -25.71 -9.34
N GLY A 729 28.12 -26.76 -10.16
CA GLY A 729 29.33 -27.41 -10.58
C GLY A 729 29.64 -28.72 -9.89
N ALA A 730 28.90 -29.06 -8.83
CA ALA A 730 29.11 -30.33 -8.14
C ALA A 730 28.83 -31.49 -9.07
N GLU A 731 29.77 -32.44 -9.13
CA GLU A 731 29.66 -33.57 -10.04
C GLU A 731 29.87 -34.88 -9.30
N LEU A 732 29.47 -35.97 -9.96
CA LEU A 732 29.54 -37.32 -9.42
C LEU A 732 30.54 -38.10 -10.26
N SER A 733 31.76 -38.25 -9.73
CA SER A 733 32.82 -38.98 -10.40
C SER A 733 33.08 -40.29 -9.68
N ASN A 734 33.08 -41.39 -10.42
CA ASN A 734 33.22 -42.75 -9.87
C ASN A 734 32.11 -42.93 -8.84
N GLY A 735 32.41 -43.42 -7.64
CA GLY A 735 31.41 -43.49 -6.59
C GLY A 735 31.63 -42.41 -5.55
N MET A 736 32.01 -41.22 -6.02
CA MET A 736 32.38 -40.11 -5.14
C MET A 736 31.79 -38.83 -5.72
N LEU A 737 31.62 -37.82 -4.85
CA LEU A 737 31.01 -36.56 -5.23
C LEU A 737 31.94 -35.41 -4.90
N ARG A 738 32.00 -34.43 -5.78
CA ARG A 738 32.77 -33.22 -5.52
C ARG A 738 31.88 -32.00 -5.67
N PHE A 739 32.07 -31.04 -4.77
CA PHE A 739 31.38 -29.76 -4.80
C PHE A 739 32.31 -28.70 -5.41
N ALA A 740 31.79 -27.49 -5.52
CA ALA A 740 32.55 -26.40 -6.13
C ALA A 740 33.31 -25.55 -5.12
N ASN A 741 32.92 -25.59 -3.84
CA ASN A 741 33.59 -24.80 -2.82
C ASN A 741 33.57 -25.55 -1.50
N THR A 742 34.37 -25.06 -0.56
CA THR A 742 34.46 -25.69 0.75
C THR A 742 33.13 -25.60 1.48
N LEU A 743 32.83 -26.64 2.28
CA LEU A 743 31.62 -26.66 3.08
C LEU A 743 31.82 -25.87 4.36
N SER A 744 32.25 -24.63 4.23
CA SER A 744 32.52 -23.79 5.39
C SER A 744 31.25 -23.10 5.86
N ASN A 745 31.10 -23.00 7.17
CA ASN A 745 29.99 -22.25 7.73
C ASN A 745 30.09 -20.79 7.30
N PRO A 746 29.01 -20.20 6.76
CA PRO A 746 29.10 -18.85 6.20
C PRO A 746 28.95 -17.73 7.23
N PHE A 747 28.91 -18.04 8.52
CA PHE A 747 28.74 -17.03 9.56
C PHE A 747 29.91 -16.97 10.53
N TYR A 748 30.36 -18.11 11.04
CA TYR A 748 31.53 -18.16 11.91
C TYR A 748 32.12 -19.56 11.85
N MET A 749 33.17 -19.77 12.64
CA MET A 749 33.88 -21.05 12.64
C MET A 749 33.00 -22.14 13.24
N ASP A 750 33.13 -23.35 12.68
CA ASP A 750 32.36 -24.49 13.14
C ASP A 750 33.25 -25.73 13.11
N ASP A 751 32.84 -26.76 13.85
CA ASP A 751 33.66 -27.94 14.06
C ASP A 751 33.36 -29.08 13.10
N ARG A 752 32.48 -28.88 12.12
CA ARG A 752 32.15 -29.94 11.18
C ARG A 752 33.31 -30.18 10.21
N ASP A 753 33.25 -31.32 9.51
CA ASP A 753 34.19 -31.60 8.45
C ASP A 753 33.96 -30.68 7.27
N ILE A 754 35.05 -30.18 6.68
CA ILE A 754 34.96 -29.21 5.59
C ILE A 754 35.64 -29.76 4.35
N ASN A 755 35.63 -31.08 4.18
CA ASN A 755 36.23 -31.68 3.00
C ASN A 755 35.29 -31.56 1.81
N PRO A 756 35.68 -30.90 0.73
CA PRO A 756 34.77 -30.81 -0.44
C PRO A 756 34.39 -32.16 -1.01
N ILE A 757 35.30 -33.13 -0.97
CA ILE A 757 35.06 -34.45 -1.54
C ILE A 757 34.24 -35.27 -0.55
N VAL A 758 33.17 -35.89 -1.04
CA VAL A 758 32.30 -36.71 -0.20
C VAL A 758 32.15 -38.08 -0.85
N LYS A 759 31.90 -39.09 -0.03
CA LYS A 759 31.70 -40.45 -0.50
C LYS A 759 30.20 -40.76 -0.54
N THR A 760 29.74 -41.24 -1.68
CA THR A 760 28.33 -41.57 -1.89
C THR A 760 28.16 -43.08 -2.02
N SER A 761 26.91 -43.50 -2.29
CA SER A 761 26.57 -44.90 -2.41
C SER A 761 25.91 -45.24 -3.75
N LEU A 762 25.91 -44.29 -4.69
CA LEU A 762 25.29 -44.54 -5.99
C LEU A 762 26.16 -45.48 -6.82
N PRO A 763 25.58 -46.09 -7.85
CA PRO A 763 26.36 -46.98 -8.73
C PRO A 763 27.60 -46.31 -9.28
N ILE A 764 28.63 -47.12 -9.52
CA ILE A 764 29.94 -46.61 -9.92
C ILE A 764 29.88 -45.95 -11.30
N ASP A 765 29.14 -46.56 -12.23
CA ASP A 765 29.18 -46.16 -13.63
C ASP A 765 28.65 -44.75 -13.87
N TYR A 766 27.95 -44.15 -12.92
CA TYR A 766 27.37 -42.83 -13.14
C TYR A 766 28.47 -41.77 -13.18
N ARG A 767 28.44 -40.93 -14.22
CA ARG A 767 29.37 -39.80 -14.37
C ARG A 767 28.55 -38.62 -14.90
N PHE A 768 27.97 -37.84 -14.00
CA PHE A 768 27.11 -36.72 -14.35
C PHE A 768 27.72 -35.40 -13.87
N ARG A 769 27.23 -34.31 -14.47
CA ARG A 769 27.59 -32.96 -14.08
C ARG A 769 26.31 -32.17 -13.85
N PHE A 770 26.28 -31.42 -12.75
CA PHE A 770 25.07 -30.74 -12.30
C PHE A 770 25.24 -29.23 -12.47
N ARG A 771 24.11 -28.54 -12.59
CA ARG A 771 24.17 -27.09 -12.75
C ARG A 771 23.12 -26.44 -11.85
N SER A 772 23.36 -25.17 -11.51
CA SER A 772 22.44 -24.38 -10.70
C SER A 772 21.87 -23.26 -11.55
N VAL A 773 20.56 -23.08 -11.50
CA VAL A 773 19.89 -22.13 -12.38
C VAL A 773 19.12 -21.09 -11.59
N TYR A 774 18.13 -21.54 -10.80
CA TYR A 774 17.20 -20.64 -10.14
C TYR A 774 17.19 -20.90 -8.65
N GLY A 775 16.95 -19.83 -7.88
CA GLY A 775 16.86 -19.94 -6.44
C GLY A 775 16.20 -18.75 -5.79
N ASP A 776 15.24 -19.02 -4.90
CA ASP A 776 14.58 -17.98 -4.14
C ASP A 776 14.34 -18.50 -2.73
N THR A 777 13.48 -17.82 -1.98
CA THR A 777 13.28 -18.13 -0.57
C THR A 777 12.70 -19.53 -0.37
N ASP A 778 11.71 -19.90 -1.17
CA ASP A 778 10.93 -21.11 -0.91
C ASP A 778 11.33 -22.30 -1.76
N SER A 779 12.29 -22.16 -2.68
CA SER A 779 12.68 -23.28 -3.52
C SER A 779 14.05 -23.03 -4.12
N VAL A 780 14.66 -24.12 -4.57
CA VAL A 780 15.92 -24.08 -5.31
C VAL A 780 15.85 -25.09 -6.45
N PHE A 781 16.35 -24.69 -7.61
CA PHE A 781 16.29 -25.50 -8.82
C PHE A 781 17.68 -26.02 -9.16
N THR A 782 17.74 -27.25 -9.66
CA THR A 782 18.99 -27.85 -10.11
C THR A 782 18.77 -28.45 -11.48
N GLU A 783 19.82 -28.51 -12.29
CA GLU A 783 19.72 -29.00 -13.66
C GLU A 783 20.61 -30.21 -13.85
N ILE A 784 20.01 -31.31 -14.33
CA ILE A 784 20.73 -32.54 -14.65
C ILE A 784 20.53 -32.83 -16.14
N ASP A 785 21.61 -33.23 -16.80
CA ASP A 785 21.64 -33.40 -18.25
C ASP A 785 21.33 -34.86 -18.59
N SER A 786 20.04 -35.17 -18.65
CA SER A 786 19.58 -36.49 -19.04
C SER A 786 18.08 -36.40 -19.28
N GLN A 787 17.49 -37.51 -19.73
CA GLN A 787 16.05 -37.64 -19.86
C GLN A 787 15.50 -38.87 -19.14
N ASP A 788 16.29 -39.46 -18.24
CA ASP A 788 15.84 -40.61 -17.46
C ASP A 788 15.25 -40.11 -16.16
N VAL A 789 13.93 -40.29 -16.00
CA VAL A 789 13.26 -39.77 -14.82
C VAL A 789 13.64 -40.57 -13.57
N ASP A 790 13.77 -41.89 -13.70
CA ASP A 790 14.10 -42.72 -12.54
C ASP A 790 15.51 -42.42 -12.03
N LYS A 791 16.47 -42.29 -12.95
CA LYS A 791 17.82 -41.93 -12.55
C LYS A 791 17.84 -40.57 -11.86
N SER A 792 17.13 -39.59 -12.43
CA SER A 792 17.07 -38.27 -11.83
C SER A 792 16.47 -38.33 -10.44
N ILE A 793 15.41 -39.13 -10.26
CA ILE A 793 14.75 -39.23 -8.95
C ILE A 793 15.70 -39.84 -7.92
N GLU A 794 16.39 -40.93 -8.28
CA GLU A 794 17.26 -41.57 -7.30
C GLU A 794 18.46 -40.68 -6.97
N ILE A 795 19.03 -40.00 -7.96
CA ILE A 795 20.15 -39.11 -7.68
C ILE A 795 19.68 -37.91 -6.85
N ALA A 796 18.46 -37.42 -7.09
CA ALA A 796 17.93 -36.33 -6.28
C ALA A 796 17.75 -36.76 -4.84
N LYS A 797 17.27 -37.99 -4.61
CA LYS A 797 17.14 -38.50 -3.25
C LYS A 797 18.50 -38.58 -2.57
N GLU A 798 19.51 -39.11 -3.28
CA GLU A 798 20.84 -39.19 -2.69
C GLU A 798 21.40 -37.80 -2.38
N LEU A 799 21.22 -36.84 -3.30
CA LEU A 799 21.68 -35.48 -3.05
C LEU A 799 20.97 -34.87 -1.85
N GLU A 800 19.66 -35.08 -1.72
CA GLU A 800 18.94 -34.56 -0.58
C GLU A 800 19.48 -35.13 0.71
N ARG A 801 19.72 -36.44 0.75
CA ARG A 801 20.28 -37.05 1.96
C ARG A 801 21.64 -36.46 2.31
N LEU A 802 22.53 -36.36 1.31
CA LEU A 802 23.87 -35.84 1.57
C LEU A 802 23.84 -34.38 2.02
N ILE A 803 23.01 -33.56 1.37
CA ILE A 803 22.93 -32.15 1.73
C ILE A 803 22.38 -31.99 3.14
N ASN A 804 21.32 -32.73 3.48
CA ASN A 804 20.73 -32.62 4.80
C ASN A 804 21.69 -33.09 5.87
N SER A 805 22.41 -34.18 5.62
CA SER A 805 23.30 -34.76 6.63
C SER A 805 24.59 -33.98 6.83
N ARG A 806 25.23 -33.51 5.77
CA ARG A 806 26.58 -32.98 5.86
C ARG A 806 26.69 -31.51 5.50
N VAL A 807 26.17 -31.10 4.34
CA VAL A 807 26.43 -29.76 3.83
C VAL A 807 25.80 -28.70 4.74
N LEU A 808 24.55 -28.90 5.13
CA LEU A 808 23.82 -27.90 5.91
C LEU A 808 24.24 -27.95 7.37
N PHE A 809 23.55 -27.19 8.22
CA PHE A 809 23.94 -27.04 9.61
C PHE A 809 22.72 -26.62 10.43
N ASN A 810 22.74 -26.99 11.70
CA ASN A 810 21.68 -26.66 12.67
C ASN A 810 20.34 -27.15 12.11
N ASN A 811 19.28 -26.34 12.16
CA ASN A 811 17.94 -26.77 11.76
C ASN A 811 17.60 -26.35 10.34
N PHE A 812 18.58 -26.33 9.44
CA PHE A 812 18.36 -26.03 8.04
C PHE A 812 18.35 -27.33 7.26
N LYS A 813 17.26 -27.57 6.51
CA LYS A 813 17.13 -28.79 5.72
C LYS A 813 16.28 -28.48 4.49
N ILE A 814 16.43 -29.34 3.47
CA ILE A 814 15.71 -29.20 2.22
C ILE A 814 15.01 -30.50 1.90
N GLU A 815 13.96 -30.42 1.09
CA GLU A 815 13.16 -31.57 0.70
C GLU A 815 13.02 -31.60 -0.81
N PHE A 816 13.16 -32.80 -1.40
CA PHE A 816 13.01 -32.97 -2.84
C PHE A 816 11.53 -32.99 -3.19
N GLU A 817 11.11 -32.10 -4.08
CA GLU A 817 9.69 -31.90 -4.38
C GLU A 817 9.26 -32.64 -5.65
N ALA A 818 9.87 -32.33 -6.79
CA ALA A 818 9.43 -32.90 -8.05
C ALA A 818 10.53 -32.77 -9.10
N VAL A 819 10.26 -33.36 -10.26
CA VAL A 819 11.14 -33.24 -11.42
C VAL A 819 10.34 -32.64 -12.58
N TYR A 820 10.94 -31.66 -13.24
CA TYR A 820 10.31 -30.91 -14.32
C TYR A 820 10.99 -31.21 -15.64
N LYS A 821 10.18 -31.38 -16.68
CA LYS A 821 10.64 -31.61 -18.03
C LYS A 821 9.97 -30.61 -18.96
N ASN A 822 10.68 -30.25 -20.04
CA ASN A 822 10.21 -29.27 -21.01
C ASN A 822 9.79 -27.97 -20.33
N LEU A 823 10.75 -27.41 -19.60
CA LEU A 823 10.52 -26.22 -18.79
C LEU A 823 10.78 -24.98 -19.63
N ILE A 824 9.74 -24.15 -19.81
CA ILE A 824 9.91 -22.80 -20.35
C ILE A 824 9.28 -21.84 -19.36
N MET A 825 10.07 -20.91 -18.83
CA MET A 825 9.67 -20.06 -17.74
C MET A 825 10.20 -18.65 -17.94
N GLN A 826 9.45 -17.67 -17.42
CA GLN A 826 9.95 -16.31 -17.26
C GLN A 826 10.13 -15.93 -15.80
N SER A 827 9.29 -16.44 -14.93
CA SER A 827 9.41 -16.31 -13.49
C SER A 827 8.58 -17.42 -12.86
N LYS A 828 8.51 -17.41 -11.53
CA LYS A 828 7.60 -18.35 -10.88
C LYS A 828 6.14 -18.00 -11.15
N LYS A 829 5.86 -16.79 -11.60
CA LYS A 829 4.49 -16.45 -11.99
C LYS A 829 4.11 -17.06 -13.33
N LYS A 830 5.00 -17.02 -14.31
CA LYS A 830 4.70 -17.45 -15.68
C LYS A 830 5.63 -18.58 -16.08
N TYR A 831 5.08 -19.79 -16.22
CA TYR A 831 5.87 -20.89 -16.76
C TYR A 831 4.95 -22.04 -17.17
N THR A 832 5.46 -22.86 -18.09
CA THR A 832 4.81 -24.09 -18.52
C THR A 832 5.85 -25.20 -18.61
N THR A 833 5.44 -26.40 -18.20
CA THR A 833 6.30 -27.59 -18.19
C THR A 833 5.44 -28.81 -17.89
N MET A 834 6.10 -29.96 -17.78
CA MET A 834 5.47 -31.20 -17.34
C MET A 834 6.15 -31.65 -16.05
N LYS A 835 5.35 -32.12 -15.10
CA LYS A 835 5.79 -32.37 -13.74
C LYS A 835 5.59 -33.83 -13.40
N TYR A 836 6.62 -34.45 -12.81
CA TYR A 836 6.55 -35.77 -12.21
C TYR A 836 6.85 -35.65 -10.72
N SER A 837 6.02 -36.28 -9.91
CA SER A 837 6.24 -36.25 -8.47
C SER A 837 7.41 -37.15 -8.10
N ALA A 838 7.90 -36.97 -6.86
CA ALA A 838 9.01 -37.79 -6.38
C ALA A 838 8.62 -39.26 -6.29
N SER A 839 7.39 -39.55 -5.87
CA SER A 839 6.90 -40.93 -5.77
C SER A 839 6.14 -41.28 -7.05
N SER A 840 6.90 -41.42 -8.14
CA SER A 840 6.32 -41.77 -9.42
C SER A 840 7.41 -42.36 -10.30
N ASN A 841 7.04 -43.32 -11.13
CA ASN A 841 7.96 -43.98 -12.05
C ASN A 841 7.81 -43.40 -13.45
N SER A 842 8.56 -43.98 -14.39
CA SER A 842 8.50 -43.49 -15.77
C SER A 842 7.12 -43.69 -16.38
N LYS A 843 6.50 -44.85 -16.14
CA LYS A 843 5.19 -45.16 -16.69
C LYS A 843 4.11 -44.55 -15.81
N SER A 844 4.08 -43.22 -15.80
CA SER A 844 3.11 -42.47 -15.02
C SER A 844 2.58 -41.32 -15.85
N VAL A 845 1.36 -40.88 -15.54
CA VAL A 845 0.73 -39.77 -16.24
C VAL A 845 1.37 -38.47 -15.78
N PRO A 846 1.90 -37.65 -16.69
CA PRO A 846 2.51 -36.38 -16.29
C PRO A 846 1.45 -35.40 -15.80
N GLU A 847 1.92 -34.36 -15.11
CA GLU A 847 1.08 -33.24 -14.72
C GLU A 847 1.43 -32.05 -15.59
N ARG A 848 0.47 -31.55 -16.36
CA ARG A 848 0.72 -30.43 -17.28
C ARG A 848 0.65 -29.13 -16.50
N ILE A 849 1.79 -28.60 -16.10
CA ILE A 849 1.85 -27.36 -15.32
C ILE A 849 1.90 -26.19 -16.29
N ASN A 850 0.98 -25.24 -16.11
CA ASN A 850 0.86 -24.10 -17.02
C ASN A 850 0.20 -22.98 -16.21
N LYS A 851 0.95 -21.92 -15.94
CA LYS A 851 0.35 -20.79 -15.25
C LYS A 851 1.09 -19.50 -15.60
N GLY A 852 0.50 -18.39 -15.17
CA GLY A 852 0.87 -17.07 -15.64
C GLY A 852 -0.03 -16.57 -16.75
N THR A 853 -0.28 -17.40 -17.76
CA THR A 853 -1.24 -17.02 -18.79
C THR A 853 -2.66 -17.06 -18.25
N SER A 854 -3.51 -16.18 -18.76
CA SER A 854 -4.89 -16.11 -18.30
C SER A 854 -5.83 -16.92 -19.18
N GLU A 855 -5.73 -16.75 -20.51
CA GLU A 855 -6.58 -17.43 -21.47
C GLU A 855 -8.05 -17.09 -21.28
N THR A 856 -8.33 -16.05 -20.48
CA THR A 856 -9.69 -15.57 -20.27
C THR A 856 -9.82 -14.08 -20.55
N ARG A 857 -8.72 -13.41 -20.89
CA ARG A 857 -8.74 -11.99 -21.23
C ARG A 857 -9.53 -11.81 -22.51
N ARG A 858 -10.75 -11.27 -22.38
CA ARG A 858 -11.67 -11.14 -23.51
C ARG A 858 -11.37 -9.94 -24.38
N ASP A 859 -10.21 -9.29 -24.21
CA ASP A 859 -9.81 -8.16 -25.03
C ASP A 859 -8.55 -8.44 -25.83
N VAL A 860 -8.24 -9.70 -26.13
CA VAL A 860 -7.05 -10.00 -26.90
C VAL A 860 -7.42 -10.42 -28.31
N SER A 861 -8.06 -11.59 -28.44
CA SER A 861 -8.56 -12.07 -29.73
C SER A 861 -9.32 -13.38 -29.54
N LYS A 862 -9.70 -13.99 -30.67
CA LYS A 862 -10.03 -15.41 -30.72
C LYS A 862 -8.95 -16.19 -31.47
N PHE A 863 -8.11 -15.51 -32.25
CA PHE A 863 -7.11 -16.12 -33.12
C PHE A 863 -5.72 -16.16 -32.49
N HIS A 864 -5.34 -15.08 -31.79
CA HIS A 864 -4.04 -15.02 -31.13
C HIS A 864 -3.89 -16.12 -30.09
N LYS A 865 -4.97 -16.42 -29.36
CA LYS A 865 -4.93 -17.49 -28.37
C LYS A 865 -4.66 -18.83 -29.04
N ASN A 866 -5.34 -19.12 -30.15
CA ASN A 866 -5.13 -20.37 -30.85
C ASN A 866 -3.71 -20.48 -31.38
N MET A 867 -3.17 -19.39 -31.93
CA MET A 867 -1.81 -19.44 -32.45
C MET A 867 -0.78 -19.64 -31.34
N ILE A 868 -0.97 -18.96 -30.20
CA ILE A 868 -0.06 -19.18 -29.08
C ILE A 868 -0.13 -20.61 -28.59
N LYS A 869 -1.34 -21.17 -28.51
CA LYS A 869 -1.49 -22.56 -28.09
C LYS A 869 -0.76 -23.50 -29.05
N THR A 870 -0.94 -23.29 -30.36
CA THR A 870 -0.30 -24.15 -31.35
C THR A 870 1.22 -24.06 -31.26
N TYR A 871 1.76 -22.85 -31.13
CA TYR A 871 3.22 -22.72 -31.09
C TYR A 871 3.81 -23.19 -29.77
N LYS A 872 3.09 -23.04 -28.65
CA LYS A 872 3.57 -23.63 -27.40
C LYS A 872 3.58 -25.15 -27.48
N THR A 873 2.54 -25.74 -28.09
CA THR A 873 2.53 -27.19 -28.27
C THR A 873 3.69 -27.63 -29.16
N ARG A 874 3.95 -26.89 -30.23
CA ARG A 874 5.06 -27.23 -31.12
C ARG A 874 6.40 -27.12 -30.39
N LEU A 875 6.57 -26.07 -29.59
CA LEU A 875 7.80 -25.92 -28.81
C LEU A 875 8.00 -27.08 -27.85
N SER A 876 6.94 -27.45 -27.13
CA SER A 876 7.04 -28.55 -26.18
C SER A 876 7.33 -29.87 -26.89
N GLU A 877 6.71 -30.10 -28.06
CA GLU A 877 6.90 -31.34 -28.77
C GLU A 877 8.29 -31.43 -29.41
N MET A 878 8.86 -30.29 -29.80
CA MET A 878 10.14 -30.31 -30.50
C MET A 878 11.33 -30.20 -29.55
N LEU A 879 11.15 -29.64 -28.35
CA LEU A 879 12.26 -29.48 -27.43
C LEU A 879 12.79 -30.82 -26.91
N SER A 880 12.00 -31.88 -27.00
CA SER A 880 12.39 -33.18 -26.48
C SER A 880 13.19 -34.00 -27.47
N GLU A 881 13.44 -33.49 -28.69
CA GLU A 881 14.16 -34.26 -29.70
C GLU A 881 15.57 -34.60 -29.24
N GLY A 882 16.27 -33.64 -28.66
CA GLY A 882 17.60 -33.90 -28.15
C GLY A 882 18.66 -32.94 -28.62
N ARG A 883 18.58 -32.50 -29.87
CA ARG A 883 19.56 -31.58 -30.44
C ARG A 883 18.87 -30.23 -30.65
N MET A 884 18.81 -29.45 -29.58
CA MET A 884 18.13 -28.15 -29.57
C MET A 884 19.07 -26.98 -29.33
N ASN A 885 20.08 -27.15 -28.46
CA ASN A 885 21.00 -26.10 -28.01
C ASN A 885 20.29 -24.77 -27.80
N SER A 886 20.91 -23.67 -28.23
CA SER A 886 20.34 -22.34 -28.07
C SER A 886 19.94 -21.72 -29.39
N ASN A 887 20.88 -21.60 -30.33
CA ASN A 887 20.58 -20.99 -31.63
C ASN A 887 20.15 -22.04 -32.66
N GLN A 888 19.19 -22.88 -32.29
CA GLN A 888 18.61 -23.80 -33.25
C GLN A 888 17.09 -23.79 -33.23
N VAL A 889 16.48 -23.67 -32.04
CA VAL A 889 15.02 -23.66 -31.95
C VAL A 889 14.47 -22.33 -32.44
N CYS A 890 15.17 -21.24 -32.14
CA CYS A 890 14.69 -19.91 -32.53
C CYS A 890 14.53 -19.80 -34.03
N ILE A 891 15.49 -20.33 -34.79
CA ILE A 891 15.41 -20.27 -36.25
C ILE A 891 14.16 -20.98 -36.74
N ASP A 892 13.92 -22.19 -36.23
CA ASP A 892 12.77 -22.98 -36.69
C ASP A 892 11.46 -22.29 -36.34
N ILE A 893 11.34 -21.79 -35.11
CA ILE A 893 10.08 -21.17 -34.70
C ILE A 893 9.84 -19.88 -35.47
N LEU A 894 10.89 -19.08 -35.69
CA LEU A 894 10.73 -17.85 -36.47
C LEU A 894 10.37 -18.16 -37.91
N ARG A 895 10.97 -19.18 -38.51
CA ARG A 895 10.62 -19.55 -39.88
C ARG A 895 9.17 -20.00 -39.96
N SER A 896 8.72 -20.81 -39.01
CA SER A 896 7.34 -21.26 -39.01
C SER A 896 6.38 -20.09 -38.85
N LEU A 897 6.70 -19.16 -37.94
CA LEU A 897 5.86 -17.99 -37.75
C LEU A 897 5.78 -17.15 -39.02
N GLU A 898 6.92 -16.91 -39.66
CA GLU A 898 6.94 -16.13 -40.90
C GLU A 898 6.10 -16.79 -41.98
N THR A 899 6.29 -18.11 -42.18
CA THR A 899 5.55 -18.81 -43.22
C THR A 899 4.06 -18.80 -42.95
N ASP A 900 3.66 -19.08 -41.71
CA ASP A 900 2.23 -19.14 -41.39
C ASP A 900 1.58 -17.76 -41.53
N LEU A 901 2.26 -16.71 -41.05
CA LEU A 901 1.70 -15.37 -41.17
C LEU A 901 1.58 -14.94 -42.62
N ARG A 902 2.61 -15.23 -43.43
CA ARG A 902 2.54 -14.86 -44.84
C ARG A 902 1.42 -15.62 -45.56
N SER A 903 1.26 -16.90 -45.26
CA SER A 903 0.19 -17.68 -45.86
C SER A 903 -1.18 -17.14 -45.46
N GLU A 904 -1.35 -16.80 -44.19
CA GLU A 904 -2.62 -16.23 -43.75
C GLU A 904 -2.91 -14.90 -44.42
N PHE A 905 -1.90 -14.04 -44.55
CA PHE A 905 -2.09 -12.75 -45.20
C PHE A 905 -2.42 -12.93 -46.68
N ASP A 906 -1.78 -13.89 -47.34
CA ASP A 906 -2.01 -14.10 -48.77
C ASP A 906 -3.27 -14.90 -49.07
N SER A 907 -3.86 -15.56 -48.07
CA SER A 907 -5.05 -16.37 -48.29
C SER A 907 -6.34 -15.65 -47.91
N ARG A 908 -6.33 -14.90 -46.81
CA ARG A 908 -7.52 -14.19 -46.32
C ARG A 908 -8.68 -15.15 -46.09
N SER A 909 -8.36 -16.35 -45.59
CA SER A 909 -9.36 -17.38 -45.38
C SER A 909 -9.93 -17.40 -43.97
N SER A 910 -9.38 -16.63 -43.04
CA SER A 910 -9.88 -16.62 -41.67
C SER A 910 -11.17 -15.82 -41.59
N PRO A 911 -12.22 -16.35 -40.98
CA PRO A 911 -13.48 -15.60 -40.86
C PRO A 911 -13.33 -14.40 -39.94
N LEU A 912 -14.29 -13.47 -40.07
CA LEU A 912 -14.27 -12.25 -39.28
C LEU A 912 -14.50 -12.51 -37.81
N GLU A 913 -15.31 -13.51 -37.48
CA GLU A 913 -15.65 -13.79 -36.08
C GLU A 913 -14.44 -14.19 -35.25
N LEU A 914 -13.32 -14.55 -35.87
CA LEU A 914 -12.11 -14.88 -35.13
C LEU A 914 -11.30 -13.64 -34.75
N PHE A 915 -11.63 -12.48 -35.32
CA PHE A 915 -10.89 -11.25 -35.07
C PHE A 915 -11.72 -10.22 -34.30
N MET A 916 -12.75 -10.66 -33.59
CA MET A 916 -13.69 -9.75 -32.94
C MET A 916 -13.29 -9.51 -31.49
N LEU A 917 -13.25 -8.24 -31.09
CA LEU A 917 -12.95 -7.82 -29.73
C LEU A 917 -14.21 -7.24 -29.10
N SER A 918 -14.18 -7.10 -27.77
CA SER A 918 -15.34 -6.62 -27.05
C SER A 918 -14.93 -5.58 -26.01
N ARG A 919 -15.84 -4.66 -25.73
CA ARG A 919 -15.66 -3.69 -24.65
C ARG A 919 -17.02 -3.32 -24.10
N MET A 920 -17.01 -2.62 -22.96
CA MET A 920 -18.23 -2.19 -22.30
C MET A 920 -18.38 -0.68 -22.40
N HIS A 921 -19.58 -0.22 -22.71
CA HIS A 921 -19.84 1.20 -22.88
C HIS A 921 -20.22 1.83 -21.55
N HIS A 922 -19.49 2.87 -21.16
CA HIS A 922 -19.80 3.60 -19.94
C HIS A 922 -19.17 4.99 -20.05
N SER A 923 -19.89 5.99 -19.54
CA SER A 923 -19.49 7.38 -19.64
C SER A 923 -18.64 7.84 -18.46
N ASN A 924 -18.27 6.93 -17.56
CA ASN A 924 -17.44 7.29 -16.41
C ASN A 924 -16.01 7.52 -16.86
N TYR A 925 -15.79 8.54 -17.68
CA TYR A 925 -14.51 8.84 -18.27
C TYR A 925 -14.07 10.25 -17.89
N LYS A 926 -12.78 10.42 -17.66
CA LYS A 926 -12.20 11.75 -17.52
C LYS A 926 -11.80 12.27 -18.90
N SER A 927 -11.01 13.33 -18.94
CA SER A 927 -10.56 13.94 -20.19
C SER A 927 -11.74 14.46 -21.00
N ALA A 928 -11.48 14.87 -22.24
CA ALA A 928 -12.49 15.55 -23.04
C ALA A 928 -13.19 14.63 -24.03
N ASP A 929 -12.43 13.85 -24.80
CA ASP A 929 -12.98 13.08 -25.90
C ASP A 929 -13.00 11.59 -25.63
N ASN A 930 -11.83 10.98 -25.36
CA ASN A 930 -11.72 9.54 -25.16
C ASN A 930 -12.37 8.81 -26.33
N PRO A 931 -11.70 8.75 -27.49
CA PRO A 931 -12.38 8.52 -28.78
C PRO A 931 -13.45 7.44 -28.85
N ASN A 932 -13.49 6.51 -27.89
CA ASN A 932 -14.50 5.45 -27.94
C ASN A 932 -15.91 6.04 -27.84
N MET A 933 -16.08 7.07 -27.02
CA MET A 933 -17.40 7.71 -26.90
C MET A 933 -17.82 8.34 -28.23
N TYR A 934 -16.89 8.97 -28.93
CA TYR A 934 -17.22 9.57 -30.21
C TYR A 934 -17.64 8.51 -31.22
N LEU A 935 -16.93 7.38 -31.25
CA LEU A 935 -17.30 6.31 -32.17
C LEU A 935 -18.68 5.74 -31.84
N VAL A 936 -18.96 5.55 -30.55
CA VAL A 936 -20.27 5.03 -30.15
C VAL A 936 -21.37 6.00 -30.54
N THR A 937 -21.16 7.30 -30.31
CA THR A 937 -22.16 8.30 -30.66
C THR A 937 -22.38 8.37 -32.17
N GLU A 938 -21.30 8.28 -32.95
CA GLU A 938 -21.43 8.28 -34.40
C GLU A 938 -22.20 7.06 -34.89
N TYR A 939 -21.91 5.89 -34.30
CA TYR A 939 -22.65 4.68 -34.67
C TYR A 939 -24.12 4.82 -34.31
N ASN A 940 -24.42 5.42 -33.15
CA ASN A 940 -25.81 5.63 -32.76
C ASN A 940 -26.52 6.56 -33.74
N LYS A 941 -25.84 7.63 -34.16
CA LYS A 941 -26.44 8.58 -35.09
C LYS A 941 -26.67 7.94 -36.45
N ASN A 942 -25.73 7.14 -36.92
CA ASN A 942 -25.77 6.60 -38.28
C ASN A 942 -26.46 5.24 -38.37
N ASN A 943 -27.00 4.72 -37.27
CA ASN A 943 -27.67 3.42 -37.29
C ASN A 943 -28.89 3.49 -36.38
N PRO A 944 -30.06 3.07 -36.84
CA PRO A 944 -31.24 3.07 -35.97
C PRO A 944 -31.07 2.26 -34.70
N GLU A 945 -30.28 1.18 -34.74
CA GLU A 945 -30.00 0.41 -33.54
C GLU A 945 -29.25 1.28 -32.53
N THR A 946 -29.61 1.13 -31.26
CA THR A 946 -29.11 1.99 -30.20
C THR A 946 -28.24 1.19 -29.24
N ILE A 947 -27.10 1.75 -28.86
CA ILE A 947 -26.23 1.19 -27.83
C ILE A 947 -26.40 2.02 -26.58
N GLU A 948 -26.81 1.39 -25.48
CA GLU A 948 -27.07 2.09 -24.24
C GLU A 948 -25.76 2.27 -23.46
N LEU A 949 -25.86 2.82 -22.26
CA LEU A 949 -24.69 3.07 -21.42
C LEU A 949 -24.37 1.91 -20.48
N GLY A 950 -24.93 0.73 -20.74
CA GLY A 950 -24.58 -0.44 -19.97
C GLY A 950 -24.32 -1.65 -20.83
N GLU A 951 -24.64 -1.53 -22.11
CA GLU A 951 -24.49 -2.64 -23.04
C GLU A 951 -23.02 -2.89 -23.36
N ARG A 952 -22.73 -4.12 -23.78
CA ARG A 952 -21.39 -4.53 -24.18
C ARG A 952 -21.37 -4.64 -25.70
N TYR A 953 -20.41 -3.95 -26.33
CA TYR A 953 -20.37 -3.85 -27.78
C TYR A 953 -19.07 -4.42 -28.33
N TYR A 954 -19.18 -5.03 -29.51
CA TYR A 954 -18.06 -5.62 -30.22
C TYR A 954 -17.44 -4.60 -31.17
N PHE A 955 -16.16 -4.78 -31.43
CA PHE A 955 -15.44 -3.92 -32.36
C PHE A 955 -14.26 -4.69 -32.94
N ALA A 956 -13.76 -4.19 -34.06
CA ALA A 956 -12.65 -4.82 -34.75
C ALA A 956 -11.82 -3.74 -35.43
N TYR A 957 -10.74 -4.15 -36.08
CA TYR A 957 -9.85 -3.25 -36.80
C TYR A 957 -10.06 -3.46 -38.30
N ILE A 958 -10.64 -2.45 -38.95
CA ILE A 958 -10.99 -2.53 -40.36
C ILE A 958 -10.28 -1.40 -41.10
N CYS A 959 -9.59 -1.74 -42.18
CA CYS A 959 -8.88 -0.79 -43.01
C CYS A 959 -9.33 -0.95 -44.46
N PRO A 960 -9.01 -0.02 -45.35
CA PRO A 960 -9.36 -0.20 -46.76
C PRO A 960 -8.72 -1.46 -47.34
N ALA A 961 -9.43 -2.06 -48.30
CA ALA A 961 -9.01 -3.34 -48.87
C ALA A 961 -7.78 -3.22 -49.76
N ASN A 962 -7.34 -2.02 -50.09
CA ASN A 962 -6.23 -1.84 -51.02
C ASN A 962 -4.91 -1.48 -50.35
N VAL A 963 -4.91 -1.14 -49.07
CA VAL A 963 -3.66 -0.77 -48.41
C VAL A 963 -2.78 -2.00 -48.26
N PRO A 964 -1.49 -1.93 -48.61
CA PRO A 964 -0.62 -3.09 -48.46
C PRO A 964 -0.06 -3.24 -47.07
N TRP A 965 0.88 -4.17 -46.89
CA TRP A 965 1.60 -4.29 -45.63
C TRP A 965 2.30 -2.99 -45.28
N THR A 966 2.17 -2.56 -44.03
CA THR A 966 2.84 -1.37 -43.53
C THR A 966 3.69 -1.73 -42.33
N LYS A 967 4.87 -1.13 -42.24
CA LYS A 967 5.77 -1.40 -41.14
C LYS A 967 5.58 -0.38 -40.00
N LYS A 968 5.77 0.90 -40.31
CA LYS A 968 5.49 1.94 -39.32
C LYS A 968 4.00 1.96 -39.00
N LEU A 969 3.68 2.36 -37.77
CA LEU A 969 2.30 2.34 -37.30
C LEU A 969 1.95 3.69 -36.68
N VAL A 970 0.66 4.02 -36.76
CA VAL A 970 0.13 5.28 -36.26
C VAL A 970 -1.03 4.98 -35.32
N ASN A 971 -1.72 6.03 -34.87
CA ASN A 971 -2.82 5.87 -33.93
C ASN A 971 -3.82 4.83 -34.41
N ILE A 972 -3.97 3.76 -33.63
CA ILE A 972 -4.86 2.67 -33.99
C ILE A 972 -6.31 2.94 -33.56
N LYS A 973 -6.52 3.88 -32.64
CA LYS A 973 -7.87 4.21 -32.19
C LYS A 973 -8.76 4.68 -33.33
N THR A 974 -8.16 5.17 -34.43
CA THR A 974 -8.96 5.62 -35.57
C THR A 974 -9.61 4.46 -36.31
N TYR A 975 -8.94 3.31 -36.36
CA TYR A 975 -9.35 2.20 -37.20
C TYR A 975 -10.35 1.26 -36.53
N GLU A 976 -10.78 1.57 -35.30
CA GLU A 976 -11.74 0.72 -34.61
C GLU A 976 -13.14 0.94 -35.17
N THR A 977 -13.77 -0.15 -35.60
CA THR A 977 -15.12 -0.11 -36.16
C THR A 977 -16.03 -1.05 -35.37
N ILE A 978 -17.25 -0.59 -35.12
CA ILE A 978 -18.24 -1.38 -34.38
C ILE A 978 -18.87 -2.39 -35.33
N ILE A 979 -18.82 -3.66 -34.95
CA ILE A 979 -19.39 -4.75 -35.74
C ILE A 979 -20.75 -5.09 -35.18
N ASP A 980 -21.77 -5.00 -36.04
CA ASP A 980 -23.14 -5.30 -35.64
C ASP A 980 -23.49 -6.73 -36.05
N ARG A 981 -24.74 -7.12 -35.76
CA ARG A 981 -25.18 -8.46 -36.11
C ARG A 981 -25.28 -8.65 -37.62
N SER A 982 -25.64 -7.59 -38.35
CA SER A 982 -25.87 -7.67 -39.78
C SER A 982 -24.71 -7.13 -40.60
N PHE A 983 -23.54 -6.94 -39.99
CA PHE A 983 -22.41 -6.35 -40.69
C PHE A 983 -21.77 -7.41 -41.58
N LYS A 984 -21.68 -7.12 -42.88
CA LYS A 984 -20.99 -7.97 -43.85
C LYS A 984 -19.76 -7.23 -44.35
N LEU A 985 -18.60 -7.86 -44.21
CA LEU A 985 -17.36 -7.26 -44.68
C LEU A 985 -17.36 -7.12 -46.19
N GLY A 986 -17.47 -5.89 -46.68
CA GLY A 986 -17.55 -5.65 -48.10
C GLY A 986 -16.23 -5.83 -48.80
N SER A 987 -16.28 -5.76 -50.13
CA SER A 987 -15.08 -5.90 -50.96
C SER A 987 -14.17 -4.68 -50.89
N ASN A 988 -14.60 -3.59 -50.25
CA ASN A 988 -13.80 -2.39 -50.12
C ASN A 988 -13.10 -2.29 -48.77
N GLN A 989 -13.09 -3.38 -48.01
CA GLN A 989 -12.51 -3.35 -46.66
C GLN A 989 -11.78 -4.66 -46.40
N ARG A 990 -10.88 -4.63 -45.42
CA ARG A 990 -10.20 -5.81 -44.94
C ARG A 990 -9.84 -5.60 -43.47
N ILE A 991 -9.30 -6.64 -42.86
CA ILE A 991 -8.91 -6.61 -41.46
C ILE A 991 -7.48 -6.11 -41.35
N PHE A 992 -7.24 -5.20 -40.41
CA PHE A 992 -5.90 -4.69 -40.15
C PHE A 992 -5.09 -5.79 -39.46
N TYR A 993 -4.39 -6.59 -40.26
CA TYR A 993 -3.72 -7.78 -39.75
C TYR A 993 -2.44 -7.47 -39.00
N GLU A 994 -1.78 -6.35 -39.34
CA GLU A 994 -0.45 -6.07 -38.80
C GLU A 994 -0.50 -5.88 -37.28
N VAL A 995 -1.57 -5.31 -36.75
CA VAL A 995 -1.68 -5.13 -35.29
C VAL A 995 -1.71 -6.49 -34.59
N TYR A 996 -2.58 -7.39 -35.06
CA TYR A 996 -2.69 -8.71 -34.46
C TYR A 996 -1.39 -9.48 -34.57
N PHE A 997 -0.75 -9.41 -35.74
CA PHE A 997 0.50 -10.13 -35.92
C PHE A 997 1.62 -9.54 -35.07
N LYS A 998 1.60 -8.22 -34.85
CA LYS A 998 2.60 -7.62 -33.97
C LYS A 998 2.42 -8.11 -32.54
N ARG A 999 1.19 -8.19 -32.05
CA ARG A 999 0.95 -8.73 -30.71
C ARG A 999 1.38 -10.19 -30.63
N LEU A 1000 1.04 -10.98 -31.66
CA LEU A 1000 1.47 -12.38 -31.72
C LEU A 1000 2.98 -12.51 -31.60
N THR A 1001 3.73 -11.79 -32.44
CA THR A 1001 5.17 -11.90 -32.43
C THR A 1001 5.76 -11.38 -31.13
N SER A 1002 5.16 -10.34 -30.54
CA SER A 1002 5.66 -9.84 -29.26
C SER A 1002 5.53 -10.90 -28.18
N GLU A 1003 4.37 -11.55 -28.09
CA GLU A 1003 4.18 -12.54 -27.04
C GLU A 1003 5.04 -13.77 -27.28
N ILE A 1004 5.26 -14.15 -28.54
CA ILE A 1004 6.14 -15.27 -28.82
C ILE A 1004 7.58 -14.92 -28.47
N VAL A 1005 8.02 -13.71 -28.83
CA VAL A 1005 9.39 -13.27 -28.56
C VAL A 1005 9.63 -13.07 -27.07
N ASN A 1006 8.58 -12.88 -26.27
CA ASN A 1006 8.77 -12.88 -24.81
C ASN A 1006 9.43 -14.16 -24.33
N LEU A 1007 9.16 -15.27 -25.00
CA LEU A 1007 9.85 -16.54 -24.75
C LEU A 1007 11.20 -16.53 -25.47
N LEU A 1008 11.82 -17.71 -25.60
CA LEU A 1008 13.02 -17.89 -26.40
C LEU A 1008 14.24 -17.25 -25.74
N ASP A 1009 15.44 -17.63 -26.17
CA ASP A 1009 16.68 -17.23 -25.51
C ASP A 1009 17.35 -16.05 -26.20
N ASN A 1010 17.63 -16.16 -27.49
CA ASN A 1010 18.39 -15.14 -28.19
C ASN A 1010 17.64 -13.82 -28.23
N LYS A 1011 18.37 -12.72 -28.07
CA LYS A 1011 17.79 -11.39 -28.13
C LYS A 1011 18.01 -10.72 -29.47
N VAL A 1012 19.23 -10.80 -30.01
CA VAL A 1012 19.54 -10.08 -31.25
C VAL A 1012 18.72 -10.62 -32.42
N LEU A 1013 18.54 -11.94 -32.48
CA LEU A 1013 17.73 -12.52 -33.55
C LEU A 1013 16.29 -12.04 -33.47
N CYS A 1014 15.73 -11.97 -32.27
CA CYS A 1014 14.37 -11.48 -32.10
C CYS A 1014 14.26 -10.01 -32.52
N ILE A 1015 15.24 -9.19 -32.14
CA ILE A 1015 15.23 -7.78 -32.53
C ILE A 1015 15.26 -7.65 -34.05
N SER A 1016 16.15 -8.41 -34.70
CA SER A 1016 16.27 -8.36 -36.15
C SER A 1016 14.96 -8.78 -36.82
N PHE A 1017 14.37 -9.87 -36.34
CA PHE A 1017 13.11 -10.35 -36.91
C PHE A 1017 11.99 -9.32 -36.74
N PHE A 1018 11.88 -8.74 -35.55
CA PHE A 1018 10.80 -7.78 -35.30
C PHE A 1018 11.00 -6.52 -36.14
N GLN A 1019 12.24 -6.06 -36.29
CA GLN A 1019 12.49 -4.89 -37.13
C GLN A 1019 12.21 -5.20 -38.59
N ARG A 1020 12.53 -6.41 -39.04
CA ARG A 1020 12.22 -6.79 -40.42
C ARG A 1020 10.72 -6.80 -40.67
N MET A 1021 9.94 -7.32 -39.72
CA MET A 1021 8.49 -7.37 -39.92
C MET A 1021 7.85 -5.99 -39.76
N PHE A 1022 7.96 -5.40 -38.57
CA PHE A 1022 7.21 -4.20 -38.24
C PHE A 1022 8.08 -2.97 -37.98
N GLY A 1023 9.40 -3.11 -37.97
CA GLY A 1023 10.27 -1.96 -37.78
C GLY A 1023 10.11 -1.27 -36.45
N SER A 1024 9.98 -2.04 -35.37
CA SER A 1024 9.84 -1.48 -34.03
C SER A 1024 10.71 -2.30 -33.08
N ARG A 1025 10.97 -1.74 -31.91
CA ARG A 1025 11.76 -2.40 -30.88
C ARG A 1025 10.82 -3.11 -29.91
N PRO A 1026 10.93 -4.43 -29.75
CA PRO A 1026 10.06 -5.13 -28.80
C PRO A 1026 10.32 -4.67 -27.37
N THR A 1027 9.26 -4.68 -26.56
CA THR A 1027 9.37 -4.42 -25.13
C THR A 1027 9.44 -5.75 -24.40
N PHE A 1028 10.63 -6.12 -23.95
CA PHE A 1028 10.85 -7.40 -23.30
C PHE A 1028 10.43 -7.34 -21.83
N TYR A 1029 10.41 -8.52 -21.21
CA TYR A 1029 10.04 -8.68 -19.80
C TYR A 1029 8.68 -8.06 -19.50
N MET B 1 -28.59 26.49 -19.63
CA MET B 1 -29.85 27.22 -19.58
C MET B 1 -30.81 26.74 -20.66
N ASN B 2 -31.25 25.49 -20.55
CA ASN B 2 -32.18 24.90 -21.52
C ASN B 2 -33.16 24.02 -20.74
N SER B 3 -33.94 23.25 -21.48
CA SER B 3 -34.97 22.41 -20.88
C SER B 3 -34.95 21.03 -21.54
N VAL B 4 -35.37 20.02 -20.78
CA VAL B 4 -35.45 18.65 -21.26
C VAL B 4 -36.80 18.09 -20.83
N THR B 5 -37.26 17.09 -21.59
CA THR B 5 -38.55 16.44 -21.35
C THR B 5 -38.33 15.02 -20.86
N ILE B 6 -39.13 14.62 -19.87
CA ILE B 6 -39.06 13.29 -19.28
C ILE B 6 -40.42 12.63 -19.45
N SER B 7 -40.41 11.30 -19.55
CA SER B 7 -41.64 10.56 -19.77
C SER B 7 -42.62 10.73 -18.62
N HIS B 8 -42.14 10.66 -17.39
CA HIS B 8 -42.97 10.79 -16.20
C HIS B 8 -42.80 12.18 -15.60
N ALA B 9 -43.47 12.40 -14.46
CA ALA B 9 -43.40 13.69 -13.78
C ALA B 9 -41.97 13.96 -13.33
N PRO B 10 -41.55 15.25 -13.32
CA PRO B 10 -42.34 16.45 -13.59
C PRO B 10 -42.45 16.80 -15.08
N TYR B 11 -42.02 15.89 -15.95
CA TYR B 11 -42.19 15.98 -17.40
C TYR B 11 -41.30 17.06 -18.03
N THR B 12 -40.60 17.83 -17.20
CA THR B 12 -39.77 18.92 -17.71
C THR B 12 -38.75 19.36 -16.67
N ILE B 13 -37.48 19.35 -17.04
CA ILE B 13 -36.39 19.79 -16.17
C ILE B 13 -35.65 20.92 -16.87
N THR B 14 -35.52 22.06 -16.19
CA THR B 14 -34.78 23.21 -16.70
C THR B 14 -33.42 23.27 -16.01
N TYR B 15 -32.38 23.45 -16.81
CA TYR B 15 -31.01 23.28 -16.30
C TYR B 15 -30.13 24.42 -16.78
N HIS B 16 -29.07 24.65 -16.02
CA HIS B 16 -28.05 25.64 -16.33
C HIS B 16 -26.97 25.03 -17.23
N ASP B 17 -26.18 25.89 -17.85
CA ASP B 17 -25.15 25.43 -18.80
C ASP B 17 -24.11 24.56 -18.11
N ASP B 18 -23.67 24.96 -16.91
CA ASP B 18 -22.66 24.20 -16.19
C ASP B 18 -23.12 22.79 -15.86
N TRP B 19 -24.43 22.55 -15.81
CA TRP B 19 -24.98 21.23 -15.54
C TRP B 19 -25.17 20.40 -16.80
N GLU B 20 -24.80 20.93 -17.97
CA GLU B 20 -25.00 20.19 -19.21
C GLU B 20 -24.26 18.86 -19.29
N PRO B 21 -22.97 18.75 -18.99
CA PRO B 21 -22.22 17.55 -19.36
C PRO B 21 -22.45 16.34 -18.47
N VAL B 22 -23.40 16.38 -17.54
CA VAL B 22 -23.74 15.20 -16.76
C VAL B 22 -25.23 14.94 -16.85
N MET B 23 -26.01 16.02 -17.03
CA MET B 23 -27.46 15.93 -16.91
C MET B 23 -28.06 14.94 -17.91
N SER B 24 -27.45 14.82 -19.09
CA SER B 24 -27.90 13.82 -20.05
C SER B 24 -28.05 12.45 -19.38
N GLN B 25 -26.95 11.95 -18.81
CA GLN B 25 -27.01 10.63 -18.15
C GLN B 25 -28.12 10.60 -17.12
N LEU B 26 -28.34 11.72 -16.43
CA LEU B 26 -29.36 11.79 -15.39
C LEU B 26 -30.69 11.29 -15.89
N VAL B 27 -31.11 11.73 -17.08
CA VAL B 27 -32.45 11.38 -17.55
C VAL B 27 -32.58 9.87 -17.69
N GLU B 28 -31.53 9.20 -18.20
CA GLU B 28 -31.64 7.77 -18.43
C GLU B 28 -31.80 6.99 -17.14
N PHE B 29 -31.46 7.60 -16.00
CA PHE B 29 -31.76 6.95 -14.73
C PHE B 29 -33.15 7.30 -14.24
N TYR B 30 -33.56 8.57 -14.39
CA TYR B 30 -34.85 8.98 -13.86
C TYR B 30 -36.01 8.30 -14.58
N ASN B 31 -35.75 7.74 -15.77
CA ASN B 31 -36.79 7.00 -16.48
C ASN B 31 -37.06 5.65 -15.86
N GLU B 32 -36.06 5.04 -15.20
CA GLU B 32 -36.22 3.72 -14.61
C GLU B 32 -36.41 3.78 -13.10
N VAL B 33 -36.63 4.97 -12.55
CA VAL B 33 -36.88 5.12 -11.12
C VAL B 33 -38.17 5.87 -10.80
N ALA B 34 -38.65 6.76 -11.68
CA ALA B 34 -39.78 7.61 -11.34
C ALA B 34 -41.08 6.83 -11.26
N SER B 35 -41.17 5.71 -11.98
CA SER B 35 -42.43 4.96 -12.01
C SER B 35 -42.80 4.45 -10.63
N TRP B 36 -41.82 3.93 -9.88
CA TRP B 36 -42.09 3.47 -8.53
C TRP B 36 -42.08 4.62 -7.52
N LEU B 37 -41.55 5.78 -7.88
CA LEU B 37 -41.46 6.89 -6.95
C LEU B 37 -42.81 7.54 -6.72
N LEU B 38 -43.58 7.74 -7.80
CA LEU B 38 -44.84 8.47 -7.71
C LEU B 38 -45.94 7.68 -7.00
N ARG B 39 -45.72 6.40 -6.71
CA ARG B 39 -46.75 5.60 -6.05
C ARG B 39 -47.10 6.17 -4.67
N ASP B 40 -46.09 6.61 -3.93
CA ASP B 40 -46.27 7.14 -2.59
C ASP B 40 -46.08 8.66 -2.61
N GLU B 41 -46.95 9.36 -1.88
CA GLU B 41 -46.85 10.81 -1.80
C GLU B 41 -45.60 11.20 -1.03
N THR B 42 -44.82 12.12 -1.60
CA THR B 42 -43.53 12.51 -1.04
C THR B 42 -43.42 14.03 -1.02
N SER B 43 -42.57 14.53 -0.12
CA SER B 43 -42.27 15.95 -0.01
C SER B 43 -40.82 16.18 -0.40
N PRO B 44 -40.55 17.14 -1.30
CA PRO B 44 -41.51 18.06 -1.90
C PRO B 44 -42.28 17.45 -3.07
N ILE B 45 -43.01 18.29 -3.80
CA ILE B 45 -43.74 17.86 -4.99
C ILE B 45 -42.74 17.53 -6.07
N PRO B 46 -43.08 16.65 -7.03
CA PRO B 46 -42.10 16.28 -8.07
C PRO B 46 -41.61 17.46 -8.89
N ASP B 47 -42.41 18.51 -9.02
CA ASP B 47 -41.97 19.69 -9.76
C ASP B 47 -40.82 20.41 -9.08
N LYS B 48 -40.67 20.26 -7.77
CA LYS B 48 -39.64 20.95 -7.00
C LYS B 48 -38.43 20.07 -6.72
N PHE B 49 -38.33 18.90 -7.36
CA PHE B 49 -37.22 17.99 -7.10
C PHE B 49 -35.90 18.59 -7.59
N PHE B 50 -35.92 19.28 -8.72
CA PHE B 50 -34.71 19.77 -9.38
C PHE B 50 -34.70 21.29 -9.48
N ILE B 51 -35.04 21.98 -8.41
CA ILE B 51 -34.96 23.44 -8.41
C ILE B 51 -33.60 23.94 -7.95
N GLN B 52 -32.82 23.10 -7.26
CA GLN B 52 -31.48 23.49 -6.85
C GLN B 52 -30.50 23.52 -8.01
N LEU B 53 -30.89 23.01 -9.17
CA LEU B 53 -30.00 22.94 -10.33
C LEU B 53 -29.67 24.32 -10.89
N LYS B 54 -30.38 25.37 -10.49
CA LYS B 54 -30.16 26.69 -11.06
C LYS B 54 -28.89 27.34 -10.52
N GLN B 55 -28.45 26.98 -9.33
CA GLN B 55 -27.28 27.62 -8.74
C GLN B 55 -26.02 27.23 -9.51
N PRO B 56 -25.30 28.19 -10.09
CA PRO B 56 -24.10 27.84 -10.84
C PRO B 56 -22.99 27.31 -9.95
N LEU B 57 -22.14 26.47 -10.53
CA LEU B 57 -21.04 25.85 -9.78
C LEU B 57 -19.73 26.64 -9.89
N ARG B 58 -19.70 27.71 -10.70
CA ARG B 58 -18.45 28.45 -10.89
C ARG B 58 -18.07 29.23 -9.64
N ASN B 59 -19.02 29.95 -9.05
CA ASN B 59 -18.75 30.89 -7.97
C ASN B 59 -19.08 30.30 -6.60
N LYS B 60 -18.85 29.00 -6.40
CA LYS B 60 -19.09 28.36 -5.11
C LYS B 60 -17.82 27.64 -4.66
N ARG B 61 -17.60 27.64 -3.35
CA ARG B 61 -16.36 27.08 -2.81
C ARG B 61 -16.63 26.03 -1.73
N VAL B 62 -17.66 26.23 -0.94
CA VAL B 62 -17.95 25.37 0.20
C VAL B 62 -19.24 24.59 -0.10
N CYS B 63 -19.23 23.30 0.25
CA CYS B 63 -20.37 22.42 0.04
C CYS B 63 -20.84 21.88 1.38
N VAL B 64 -22.10 22.13 1.71
CA VAL B 64 -22.74 21.59 2.90
C VAL B 64 -23.85 20.65 2.44
N CYS B 65 -23.89 19.45 3.02
CA CYS B 65 -24.78 18.39 2.54
C CYS B 65 -25.53 17.76 3.70
N GLY B 66 -26.71 17.23 3.39
CA GLY B 66 -27.49 16.50 4.36
C GLY B 66 -27.94 15.18 3.76
N ILE B 67 -28.12 14.19 4.65
CA ILE B 67 -28.43 12.84 4.19
C ILE B 67 -29.85 12.78 3.63
N ASP B 68 -30.79 13.48 4.25
CA ASP B 68 -32.19 13.43 3.85
C ASP B 68 -32.75 14.84 3.87
N PRO B 69 -33.80 15.09 3.07
CA PRO B 69 -34.46 16.39 3.10
C PRO B 69 -35.38 16.48 4.32
N TYR B 70 -36.05 17.62 4.45
CA TYR B 70 -37.01 17.81 5.52
C TYR B 70 -38.23 16.93 5.26
N PRO B 71 -38.60 16.03 6.18
CA PRO B 71 -39.75 15.15 5.93
C PRO B 71 -41.06 15.91 5.75
N LYS B 72 -41.23 17.05 6.42
CA LYS B 72 -42.46 17.81 6.36
C LYS B 72 -42.17 19.24 5.93
N ASP B 73 -43.10 19.83 5.16
CA ASP B 73 -43.00 21.22 4.72
C ASP B 73 -41.72 21.48 3.94
N GLY B 74 -41.30 20.51 3.13
CA GLY B 74 -40.14 20.69 2.30
C GLY B 74 -40.40 21.67 1.17
N THR B 75 -39.33 22.36 0.75
CA THR B 75 -39.43 23.35 -0.31
C THR B 75 -38.56 23.04 -1.52
N GLY B 76 -37.53 22.22 -1.37
CA GLY B 76 -36.65 21.91 -2.48
C GLY B 76 -35.23 22.37 -2.23
N VAL B 77 -35.08 23.55 -1.65
CA VAL B 77 -33.77 24.06 -1.26
C VAL B 77 -33.40 23.41 0.07
N PRO B 78 -32.28 22.71 0.15
CA PRO B 78 -31.94 22.00 1.38
C PRO B 78 -31.69 22.94 2.54
N PHE B 79 -32.02 22.47 3.74
CA PHE B 79 -31.79 23.19 4.99
C PHE B 79 -32.45 24.58 4.97
N GLU B 80 -33.66 24.64 4.41
CA GLU B 80 -34.42 25.89 4.33
C GLU B 80 -35.70 25.74 5.13
N SER B 81 -35.94 26.68 6.04
CA SER B 81 -37.14 26.68 6.87
C SER B 81 -37.64 28.11 7.00
N PRO B 82 -38.64 28.51 6.20
CA PRO B 82 -39.15 29.88 6.31
C PRO B 82 -39.71 30.22 7.67
N ASN B 83 -40.33 29.26 8.36
CA ASN B 83 -40.92 29.51 9.67
C ASN B 83 -39.94 29.31 10.82
N PHE B 84 -38.72 28.84 10.53
CA PHE B 84 -37.69 28.64 11.54
C PHE B 84 -38.18 27.72 12.67
N THR B 85 -38.68 26.55 12.27
CA THR B 85 -39.20 25.57 13.21
C THR B 85 -38.43 24.26 13.23
N LYS B 86 -37.66 23.94 12.20
CA LYS B 86 -36.89 22.71 12.19
C LYS B 86 -35.77 22.77 13.22
N LYS B 87 -35.54 21.63 13.89
CA LYS B 87 -34.52 21.58 14.93
C LYS B 87 -33.12 21.79 14.35
N SER B 88 -32.84 21.19 13.18
CA SER B 88 -31.51 21.29 12.61
C SER B 88 -31.18 22.73 12.22
N ILE B 89 -32.12 23.41 11.55
CA ILE B 89 -31.85 24.79 11.13
C ILE B 89 -31.75 25.71 12.35
N LYS B 90 -32.55 25.45 13.39
CA LYS B 90 -32.46 26.26 14.61
C LYS B 90 -31.10 26.08 15.28
N GLU B 91 -30.62 24.84 15.36
CA GLU B 91 -29.31 24.58 15.94
C GLU B 91 -28.20 25.22 15.11
N ILE B 92 -28.33 25.16 13.78
CA ILE B 92 -27.33 25.78 12.91
C ILE B 92 -27.31 27.28 13.11
N ALA B 93 -28.49 27.90 13.19
CA ALA B 93 -28.56 29.35 13.42
C ALA B 93 -27.98 29.72 14.77
N SER B 94 -28.26 28.93 15.80
CA SER B 94 -27.70 29.20 17.12
C SER B 94 -26.18 29.08 17.11
N SER B 95 -25.65 28.06 16.44
CA SER B 95 -24.20 27.91 16.36
C SER B 95 -23.56 29.07 15.61
N ILE B 96 -24.18 29.50 14.51
CA ILE B 96 -23.65 30.63 13.75
C ILE B 96 -23.69 31.91 14.59
N SER B 97 -24.77 32.12 15.32
CA SER B 97 -24.86 33.29 16.19
C SER B 97 -23.80 33.26 17.28
N ARG B 98 -23.56 32.08 17.86
CA ARG B 98 -22.53 31.95 18.89
C ARG B 98 -21.14 32.23 18.31
N LEU B 99 -20.87 31.71 17.11
CA LEU B 99 -19.57 31.92 16.49
C LEU B 99 -19.34 33.37 16.13
N THR B 100 -20.33 34.01 15.50
CA THR B 100 -20.19 35.40 15.06
C THR B 100 -20.48 36.40 16.16
N GLY B 101 -21.06 35.98 17.29
CA GLY B 101 -21.36 36.88 18.38
C GLY B 101 -22.62 37.70 18.22
N VAL B 102 -23.38 37.48 17.16
CA VAL B 102 -24.61 38.24 16.93
C VAL B 102 -25.70 37.69 17.85
N ILE B 103 -26.34 38.58 18.61
CA ILE B 103 -27.35 38.17 19.57
C ILE B 103 -28.75 38.22 18.97
N ASP B 104 -29.07 39.30 18.25
CA ASP B 104 -30.41 39.50 17.70
C ASP B 104 -30.46 38.93 16.28
N TYR B 105 -31.37 37.98 16.06
CA TYR B 105 -31.55 37.38 14.74
C TYR B 105 -32.96 36.82 14.66
N LYS B 106 -33.42 36.64 13.42
CA LYS B 106 -34.75 36.09 13.17
C LYS B 106 -34.73 34.79 12.36
N GLY B 107 -33.71 34.58 11.53
CA GLY B 107 -33.63 33.36 10.75
C GLY B 107 -32.31 33.32 9.99
N TYR B 108 -32.04 32.14 9.42
CA TYR B 108 -30.81 31.93 8.66
C TYR B 108 -31.15 31.17 7.39
N ASN B 109 -30.59 31.63 6.27
CA ASN B 109 -30.73 30.97 4.98
C ASN B 109 -29.35 30.76 4.40
N LEU B 110 -29.00 29.51 4.10
CA LEU B 110 -27.71 29.20 3.52
C LEU B 110 -27.59 29.57 2.04
N ASN B 111 -28.72 29.78 1.37
CA ASN B 111 -28.68 30.14 -0.05
C ASN B 111 -28.29 31.59 -0.29
N ILE B 112 -28.44 32.46 0.72
CA ILE B 112 -28.08 33.86 0.55
C ILE B 112 -26.58 34.02 0.41
N ILE B 113 -25.80 33.24 1.16
CA ILE B 113 -24.35 33.36 1.12
C ILE B 113 -23.84 32.99 -0.27
N ASP B 114 -22.94 33.81 -0.80
CA ASP B 114 -22.31 33.56 -2.09
C ASP B 114 -21.01 32.81 -1.87
N GLY B 115 -20.95 31.57 -2.35
CA GLY B 115 -19.79 30.70 -2.18
C GLY B 115 -20.10 29.35 -1.58
N VAL B 116 -21.22 29.22 -0.87
CA VAL B 116 -21.62 27.96 -0.28
C VAL B 116 -22.89 27.47 -0.98
N ILE B 117 -23.05 26.15 -1.05
CA ILE B 117 -24.16 25.52 -1.74
C ILE B 117 -24.85 24.54 -0.79
N PRO B 118 -26.14 24.69 -0.53
CA PRO B 118 -26.85 23.67 0.26
C PRO B 118 -27.34 22.53 -0.62
N TRP B 119 -26.95 21.31 -0.30
CA TRP B 119 -27.25 20.15 -1.12
C TRP B 119 -27.79 19.02 -0.25
N ASN B 120 -28.61 18.16 -0.87
CA ASN B 120 -29.12 16.96 -0.24
C ASN B 120 -28.65 15.76 -1.04
N TYR B 121 -28.09 14.77 -0.35
CA TYR B 121 -27.67 13.54 -1.04
C TYR B 121 -28.87 12.84 -1.66
N TYR B 122 -29.91 12.60 -0.87
CA TYR B 122 -31.16 12.04 -1.36
C TYR B 122 -32.13 13.18 -1.64
N LEU B 123 -32.61 13.28 -2.87
CA LEU B 123 -33.40 14.41 -3.30
C LEU B 123 -34.88 14.29 -2.97
N SER B 124 -35.32 13.15 -2.44
CA SER B 124 -36.72 12.97 -2.09
C SER B 124 -36.83 12.01 -0.91
N CYS B 125 -37.94 12.11 -0.20
CA CYS B 125 -38.18 11.31 0.98
C CYS B 125 -39.66 11.32 1.30
N LYS B 126 -40.20 10.16 1.67
CA LYS B 126 -41.60 10.06 2.03
C LYS B 126 -41.84 10.63 3.42
N LEU B 127 -42.96 11.33 3.59
CA LEU B 127 -43.27 11.94 4.88
C LEU B 127 -43.47 10.86 5.94
N GLY B 128 -42.82 11.05 7.09
CA GLY B 128 -42.92 10.12 8.19
C GLY B 128 -42.02 8.92 8.11
N GLU B 129 -41.22 8.79 7.05
CA GLU B 129 -40.30 7.66 6.89
C GLU B 129 -38.93 8.21 6.50
N THR B 130 -38.07 8.37 7.50
CA THR B 130 -36.74 8.96 7.28
C THR B 130 -35.83 7.99 6.54
N LYS B 131 -35.19 8.48 5.48
CA LYS B 131 -34.21 7.70 4.71
C LYS B 131 -34.82 6.41 4.17
N SER B 132 -35.99 6.54 3.54
CA SER B 132 -36.70 5.41 2.95
C SER B 132 -36.64 5.43 1.42
N HIS B 133 -35.69 6.17 0.84
CA HIS B 133 -35.62 6.30 -0.61
C HIS B 133 -34.19 6.15 -1.15
N ALA B 134 -33.31 5.46 -0.42
CA ALA B 134 -31.92 5.36 -0.84
C ALA B 134 -31.78 4.58 -2.14
N ILE B 135 -32.54 3.49 -2.28
CA ILE B 135 -32.40 2.61 -3.44
C ILE B 135 -32.78 3.34 -4.72
N TYR B 136 -33.83 4.16 -4.66
CA TYR B 136 -34.28 4.88 -5.84
C TYR B 136 -33.23 5.88 -6.32
N TRP B 137 -32.58 6.58 -5.39
CA TRP B 137 -31.76 7.73 -5.73
C TRP B 137 -30.27 7.44 -5.85
N ASP B 138 -29.79 6.32 -5.29
CA ASP B 138 -28.36 6.08 -5.12
C ASP B 138 -27.48 6.56 -6.28
N LYS B 139 -27.78 6.10 -7.51
CA LYS B 139 -26.90 6.40 -8.63
C LYS B 139 -26.98 7.88 -9.03
N ILE B 140 -28.19 8.43 -9.06
CA ILE B 140 -28.35 9.85 -9.39
C ILE B 140 -27.63 10.71 -8.36
N SER B 141 -27.78 10.36 -7.09
CA SER B 141 -27.10 11.08 -6.02
C SER B 141 -25.59 11.02 -6.17
N LYS B 142 -25.05 9.83 -6.49
CA LYS B 142 -23.61 9.72 -6.68
C LYS B 142 -23.14 10.56 -7.85
N LEU B 143 -23.87 10.54 -8.95
CA LEU B 143 -23.48 11.31 -10.13
C LEU B 143 -23.48 12.82 -9.83
N LEU B 144 -24.56 13.29 -9.18
CA LEU B 144 -24.64 14.71 -8.86
C LEU B 144 -23.57 15.12 -7.86
N LEU B 145 -23.29 14.27 -6.87
CA LEU B 145 -22.26 14.60 -5.89
C LEU B 145 -20.88 14.63 -6.50
N GLN B 146 -20.58 13.70 -7.41
CA GLN B 146 -19.27 13.73 -8.06
C GLN B 146 -19.17 14.87 -9.06
N HIS B 147 -20.30 15.39 -9.55
CA HIS B 147 -20.23 16.63 -10.34
C HIS B 147 -19.98 17.85 -9.46
N ILE B 148 -20.63 17.92 -8.30
CA ILE B 148 -20.39 19.02 -7.37
C ILE B 148 -18.95 19.03 -6.89
N THR B 149 -18.44 17.85 -6.52
CA THR B 149 -17.11 17.74 -5.93
C THR B 149 -16.01 18.21 -6.89
N LYS B 150 -16.26 18.15 -8.20
CA LYS B 150 -15.26 18.57 -9.17
C LYS B 150 -15.12 20.08 -9.25
N HIS B 151 -16.02 20.85 -8.63
CA HIS B 151 -15.98 22.30 -8.70
C HIS B 151 -15.82 22.99 -7.36
N VAL B 152 -16.27 22.39 -6.26
CA VAL B 152 -16.12 22.99 -4.93
C VAL B 152 -14.67 22.85 -4.48
N SER B 153 -14.30 23.58 -3.43
CA SER B 153 -12.96 23.52 -2.88
C SER B 153 -12.84 22.56 -1.71
N VAL B 154 -13.67 22.72 -0.69
CA VAL B 154 -13.71 21.82 0.46
C VAL B 154 -15.15 21.37 0.66
N LEU B 155 -15.33 20.11 1.02
CA LEU B 155 -16.65 19.54 1.23
C LEU B 155 -16.78 19.04 2.66
N TYR B 156 -17.83 19.48 3.34
CA TYR B 156 -18.08 19.15 4.74
C TYR B 156 -19.34 18.31 4.85
N CYS B 157 -19.27 17.25 5.64
CA CYS B 157 -20.37 16.31 5.81
C CYS B 157 -20.99 16.47 7.19
N LEU B 158 -22.32 16.34 7.24
CA LEU B 158 -23.06 16.40 8.50
C LEU B 158 -23.57 15.00 8.83
N GLY B 159 -23.20 14.51 10.01
CA GLY B 159 -23.58 13.17 10.41
C GLY B 159 -22.47 12.15 10.22
N LYS B 160 -21.98 11.60 11.34
CA LYS B 160 -20.87 10.65 11.25
C LYS B 160 -21.32 9.33 10.64
N THR B 161 -22.46 8.80 11.10
CA THR B 161 -22.91 7.50 10.60
C THR B 161 -23.36 7.58 9.15
N ASP B 162 -24.02 8.68 8.77
CA ASP B 162 -24.55 8.80 7.42
C ASP B 162 -23.43 8.83 6.38
N PHE B 163 -22.35 9.57 6.67
CA PHE B 163 -21.22 9.72 5.77
C PHE B 163 -19.97 9.02 6.30
N SER B 164 -20.16 7.82 6.87
CA SER B 164 -19.04 7.11 7.47
C SER B 164 -17.98 6.73 6.45
N ASN B 165 -18.41 6.29 5.27
CA ASN B 165 -17.49 5.87 4.21
C ASN B 165 -17.73 6.65 2.93
N ILE B 166 -17.91 7.97 3.05
CA ILE B 166 -18.17 8.80 1.89
C ILE B 166 -16.98 8.88 0.95
N ARG B 167 -15.78 8.59 1.45
CA ARG B 167 -14.59 8.66 0.58
C ARG B 167 -14.65 7.63 -0.53
N ALA B 168 -15.10 6.42 -0.22
CA ALA B 168 -15.19 5.38 -1.25
C ALA B 168 -16.25 5.71 -2.28
N LYS B 169 -17.23 6.54 -1.93
CA LYS B 169 -18.30 6.89 -2.87
C LYS B 169 -17.78 7.77 -4.00
N LEU B 170 -16.76 8.58 -3.75
CA LEU B 170 -16.21 9.50 -4.73
C LEU B 170 -14.83 9.03 -5.16
N GLU B 171 -14.65 8.83 -6.46
CA GLU B 171 -13.35 8.37 -6.97
C GLU B 171 -12.32 9.48 -6.94
N SER B 172 -12.73 10.71 -7.19
CA SER B 172 -11.80 11.83 -7.26
C SER B 172 -11.31 12.21 -5.86
N PRO B 173 -9.99 12.24 -5.63
CA PRO B 173 -9.49 12.68 -4.32
C PRO B 173 -9.65 14.18 -4.12
N VAL B 174 -10.52 14.56 -3.19
CA VAL B 174 -10.81 15.96 -2.90
C VAL B 174 -10.83 16.14 -1.39
N THR B 175 -10.29 17.27 -0.92
CA THR B 175 -10.29 17.61 0.49
C THR B 175 -11.69 17.45 1.08
N THR B 176 -11.81 16.55 2.06
CA THR B 176 -13.09 16.22 2.67
C THR B 176 -12.97 16.30 4.18
N ILE B 177 -14.02 16.82 4.83
CA ILE B 177 -14.09 16.85 6.28
C ILE B 177 -15.45 16.28 6.68
N VAL B 178 -15.44 15.42 7.70
CA VAL B 178 -16.65 14.74 8.18
C VAL B 178 -16.93 15.23 9.59
N GLY B 179 -18.15 15.71 9.82
CA GLY B 179 -18.57 16.20 11.11
C GLY B 179 -19.49 15.25 11.83
N TYR B 180 -19.90 15.67 13.04
CA TYR B 180 -20.76 14.86 13.88
C TYR B 180 -22.22 15.13 13.55
N HIS B 181 -23.11 14.52 14.33
CA HIS B 181 -24.54 14.66 14.09
C HIS B 181 -24.98 16.10 14.36
N PRO B 182 -25.84 16.67 13.52
CA PRO B 182 -26.31 18.04 13.77
C PRO B 182 -27.04 18.21 15.08
N ALA B 183 -27.75 17.19 15.55
CA ALA B 183 -28.50 17.24 16.80
C ALA B 183 -28.11 16.07 17.69
N ALA B 184 -26.81 15.84 17.83
CA ALA B 184 -26.32 14.74 18.65
C ALA B 184 -26.61 14.98 20.12
N ARG B 185 -26.90 13.90 20.82
CA ARG B 185 -27.14 13.97 22.26
C ARG B 185 -25.84 14.24 23.00
N ASP B 186 -25.97 14.80 24.21
CA ASP B 186 -24.85 15.15 25.07
C ASP B 186 -24.14 16.43 24.63
N HIS B 187 -24.81 17.26 23.83
CA HIS B 187 -24.25 18.53 23.34
C HIS B 187 -22.94 18.31 22.59
N GLN B 188 -22.88 17.23 21.80
CA GLN B 188 -21.68 16.96 21.01
C GLN B 188 -21.49 18.01 19.93
N PHE B 189 -22.58 18.45 19.29
CA PHE B 189 -22.49 19.44 18.23
C PHE B 189 -22.09 20.82 18.74
N GLU B 190 -22.24 21.07 20.04
CA GLU B 190 -21.89 22.39 20.57
C GLU B 190 -20.39 22.64 20.51
N LYS B 191 -19.57 21.60 20.63
CA LYS B 191 -18.12 21.74 20.60
C LYS B 191 -17.55 21.68 19.20
N ASP B 192 -18.39 21.48 18.18
CA ASP B 192 -17.90 21.33 16.82
C ASP B 192 -17.23 22.62 16.34
N ARG B 193 -16.10 22.48 15.65
CA ARG B 193 -15.30 23.61 15.19
C ARG B 193 -15.00 23.49 13.70
N SER B 194 -15.95 22.97 12.92
CA SER B 194 -15.71 22.81 11.48
C SER B 194 -15.78 24.13 10.75
N PHE B 195 -16.57 25.08 11.25
CA PHE B 195 -16.74 26.36 10.56
C PHE B 195 -15.45 27.17 10.53
N GLU B 196 -14.47 26.84 11.37
CA GLU B 196 -13.18 27.52 11.36
C GLU B 196 -12.19 26.80 10.45
N ILE B 197 -12.13 25.47 10.54
CA ILE B 197 -11.23 24.73 9.65
C ILE B 197 -11.64 24.93 8.20
N ILE B 198 -12.93 25.17 7.95
CA ILE B 198 -13.41 25.35 6.59
C ILE B 198 -12.73 26.56 5.95
N ASN B 199 -12.77 27.72 6.61
CA ASN B 199 -12.14 28.86 5.97
C ASN B 199 -10.64 28.92 6.20
N VAL B 200 -10.09 28.17 7.15
CA VAL B 200 -8.64 28.00 7.19
C VAL B 200 -8.15 27.31 5.93
N LEU B 201 -8.82 26.23 5.53
CA LEU B 201 -8.47 25.60 4.26
C LEU B 201 -8.82 26.47 3.07
N LEU B 202 -9.91 27.24 3.17
CA LEU B 202 -10.28 28.14 2.08
C LEU B 202 -9.17 29.16 1.81
N GLU B 203 -8.65 29.77 2.87
CA GLU B 203 -7.49 30.65 2.72
C GLU B 203 -6.28 29.86 2.24
N LEU B 204 -6.07 28.66 2.77
CA LEU B 204 -4.98 27.82 2.31
C LEU B 204 -5.15 27.44 0.84
N ASP B 205 -6.40 27.31 0.39
CA ASP B 205 -6.69 27.03 -1.01
C ASP B 205 -6.69 28.28 -1.88
N ASN B 206 -6.14 29.39 -1.37
CA ASN B 206 -6.08 30.66 -2.10
C ASN B 206 -7.47 31.12 -2.52
N LYS B 207 -8.44 30.96 -1.63
CA LYS B 207 -9.81 31.38 -1.88
C LYS B 207 -10.29 32.29 -0.75
N THR B 208 -11.16 33.22 -1.09
CA THR B 208 -11.64 34.18 -0.11
C THR B 208 -12.51 33.48 0.93
N PRO B 209 -12.30 33.77 2.22
CA PRO B 209 -13.19 33.22 3.26
C PRO B 209 -14.65 33.59 3.04
N ILE B 210 -15.55 32.96 3.79
CA ILE B 210 -16.99 33.12 3.61
C ILE B 210 -17.52 34.02 4.70
N ASN B 211 -18.27 35.06 4.30
CA ASN B 211 -18.92 35.97 5.24
C ASN B 211 -20.24 35.32 5.66
N TRP B 212 -20.20 34.61 6.79
CA TRP B 212 -21.36 33.85 7.24
C TRP B 212 -22.53 34.75 7.59
N ALA B 213 -22.26 35.97 8.06
CA ALA B 213 -23.32 36.86 8.52
C ALA B 213 -24.32 37.18 7.41
N GLN B 214 -23.92 37.06 6.14
CA GLN B 214 -24.85 37.31 5.04
C GLN B 214 -26.03 36.34 5.05
N GLY B 215 -25.86 35.16 5.64
CA GLY B 215 -26.95 34.19 5.68
C GLY B 215 -28.05 34.52 6.67
N PHE B 216 -27.84 35.50 7.55
CA PHE B 216 -28.85 35.85 8.53
C PHE B 216 -30.04 36.53 7.87
N ILE B 217 -31.21 36.34 8.47
CA ILE B 217 -32.45 36.94 8.01
C ILE B 217 -32.98 37.85 9.10
N TYR B 218 -33.25 39.11 8.75
CA TYR B 218 -33.76 40.08 9.71
C TYR B 218 -35.13 40.60 9.27
N MET C 1 -12.67 15.20 13.45
CA MET C 1 -11.74 16.10 14.13
C MET C 1 -12.44 17.32 14.70
N THR C 2 -12.54 17.36 16.04
CA THR C 2 -13.20 18.43 16.75
C THR C 2 -12.26 19.28 17.59
N SER C 3 -11.18 18.70 18.11
CA SER C 3 -10.28 19.43 18.99
C SER C 3 -9.58 20.56 18.23
N SER C 4 -9.21 21.61 18.97
CA SER C 4 -8.58 22.78 18.38
C SER C 4 -7.12 22.55 17.98
N ALA C 5 -6.54 21.41 18.34
CA ALA C 5 -5.14 21.15 18.00
C ALA C 5 -4.93 21.13 16.49
N ASP C 6 -5.83 20.48 15.77
CA ASP C 6 -5.70 20.40 14.31
C ASP C 6 -5.78 21.77 13.66
N LEU C 7 -6.70 22.62 14.12
CA LEU C 7 -6.84 23.95 13.55
C LEU C 7 -5.69 24.88 13.95
N THR C 8 -5.15 24.72 15.15
CA THR C 8 -3.93 25.44 15.51
C THR C 8 -2.77 25.03 14.63
N ASN C 9 -2.63 23.72 14.40
CA ASN C 9 -1.59 23.22 13.51
C ASN C 9 -1.79 23.76 12.10
N LEU C 10 -3.04 23.89 11.68
CA LEU C 10 -3.34 24.42 10.36
C LEU C 10 -2.92 25.88 10.23
N LYS C 11 -3.20 26.71 11.23
CA LYS C 11 -2.68 28.08 11.11
C LYS C 11 -1.17 28.10 11.21
N GLU C 12 -0.57 27.14 11.92
CA GLU C 12 0.89 27.06 11.95
C GLU C 12 1.45 26.81 10.56
N LEU C 13 0.85 25.88 9.81
CA LEU C 13 1.27 25.66 8.43
C LEU C 13 0.99 26.88 7.56
N LEU C 14 -0.13 27.56 7.81
CA LEU C 14 -0.42 28.78 7.05
C LEU C 14 0.67 29.83 7.26
N SER C 15 1.08 30.01 8.51
CA SER C 15 2.14 30.97 8.81
C SER C 15 3.47 30.54 8.21
N LEU C 16 3.77 29.23 8.27
CA LEU C 16 5.01 28.73 7.68
C LEU C 16 5.03 28.95 6.17
N TYR C 17 3.90 28.70 5.51
CA TYR C 17 3.82 28.96 4.07
C TYR C 17 3.92 30.44 3.75
N LYS C 18 3.36 31.30 4.61
CA LYS C 18 3.50 32.74 4.39
C LYS C 18 4.95 33.19 4.52
N SER C 19 5.75 32.49 5.33
CA SER C 19 7.15 32.85 5.51
C SER C 19 8.05 31.68 5.14
N LEU C 20 7.78 31.04 4.00
CA LEU C 20 8.54 29.87 3.59
C LEU C 20 9.99 30.23 3.31
N ARG C 21 10.89 29.34 3.71
CA ARG C 21 12.33 29.48 3.47
C ARG C 21 12.90 28.11 3.19
N PHE C 22 13.21 27.84 1.92
CA PHE C 22 13.72 26.52 1.52
C PHE C 22 15.12 26.24 2.04
N SER C 23 15.84 27.26 2.51
CA SER C 23 17.20 27.07 2.97
C SER C 23 17.27 26.20 4.22
N ASP C 24 16.36 26.41 5.17
CA ASP C 24 16.38 25.68 6.43
C ASP C 24 15.95 24.25 6.21
N SER C 25 16.89 23.30 6.34
CA SER C 25 16.59 21.90 6.09
C SER C 25 15.58 21.36 7.10
N VAL C 26 15.74 21.71 8.38
CA VAL C 26 14.83 21.20 9.41
C VAL C 26 13.42 21.74 9.20
N ALA C 27 13.30 23.03 8.88
CA ALA C 27 11.98 23.61 8.66
C ALA C 27 11.28 22.98 7.47
N ILE C 28 12.01 22.75 6.37
CA ILE C 28 11.41 22.13 5.20
C ILE C 28 11.05 20.68 5.49
N GLU C 29 11.88 19.98 6.26
CA GLU C 29 11.55 18.60 6.62
C GLU C 29 10.27 18.53 7.45
N LYS C 30 10.14 19.42 8.44
CA LYS C 30 8.93 19.45 9.25
C LYS C 30 7.71 19.82 8.40
N TYR C 31 7.88 20.80 7.50
CA TYR C 31 6.78 21.20 6.62
C TYR C 31 6.34 20.04 5.74
N ASN C 32 7.30 19.31 5.17
CA ASN C 32 6.97 18.18 4.31
C ASN C 32 6.28 17.07 5.10
N SER C 33 6.76 16.79 6.32
CA SER C 33 6.12 15.77 7.14
C SER C 33 4.69 16.15 7.48
N LEU C 34 4.45 17.41 7.84
CA LEU C 34 3.10 17.83 8.19
C LEU C 34 2.20 17.88 6.96
N VAL C 35 2.76 18.24 5.80
CA VAL C 35 1.99 18.18 4.55
C VAL C 35 1.59 16.74 4.23
N GLU C 36 2.52 15.81 4.41
CA GLU C 36 2.20 14.40 4.19
C GLU C 36 1.11 13.94 5.15
N TRP C 37 1.20 14.33 6.43
CA TRP C 37 0.17 13.96 7.39
C TRP C 37 -1.19 14.51 6.99
N GLY C 38 -1.23 15.78 6.58
CA GLY C 38 -2.50 16.38 6.18
C GLY C 38 -3.08 15.75 4.93
N THR C 39 -2.24 15.49 3.92
CA THR C 39 -2.73 14.93 2.67
C THR C 39 -3.04 13.45 2.77
N SER C 40 -2.53 12.76 3.79
CA SER C 40 -2.94 11.38 4.03
C SER C 40 -4.19 11.30 4.89
N THR C 41 -4.32 12.18 5.88
CA THR C 41 -5.50 12.17 6.73
C THR C 41 -6.74 12.74 6.04
N TYR C 42 -6.57 13.83 5.29
CA TYR C 42 -7.69 14.48 4.62
C TYR C 42 -7.76 14.17 3.13
N TRP C 43 -6.89 13.29 2.63
CA TRP C 43 -6.90 12.77 1.27
C TRP C 43 -6.46 13.82 0.25
N LYS C 44 -6.33 15.07 0.67
CA LYS C 44 -5.83 16.15 -0.17
C LYS C 44 -5.71 17.45 0.62
N ILE C 45 -4.81 18.33 0.20
CA ILE C 45 -4.70 19.69 0.72
C ILE C 45 -4.37 20.62 -0.44
N GLY C 46 -4.52 21.92 -0.19
CA GLY C 46 -4.24 22.90 -1.22
C GLY C 46 -2.77 23.22 -1.42
N VAL C 47 -1.89 22.70 -0.57
CA VAL C 47 -0.46 22.94 -0.69
C VAL C 47 0.30 21.63 -0.72
N ILE C 57 15.35 36.45 -0.89
CA ILE C 57 14.81 37.73 -0.44
C ILE C 57 14.80 38.73 -1.59
N SER C 58 14.91 38.21 -2.82
CA SER C 58 14.96 39.08 -4.00
C SER C 58 13.66 39.83 -4.21
N ASP C 59 12.51 39.21 -3.97
CA ASP C 59 11.24 39.86 -4.28
C ASP C 59 10.91 40.98 -3.29
N TYR C 60 11.60 41.03 -2.14
CA TYR C 60 11.44 42.17 -1.26
C TYR C 60 12.14 43.42 -1.78
N TYR C 61 12.98 43.29 -2.80
CA TYR C 61 13.71 44.42 -3.37
C TYR C 61 13.21 44.67 -4.79
N ASP C 62 12.95 45.93 -5.11
CA ASP C 62 12.47 46.30 -6.42
C ASP C 62 13.64 46.39 -7.39
N GLU C 63 13.40 46.94 -8.58
CA GLU C 63 14.45 47.09 -9.57
C GLU C 63 15.50 48.09 -9.10
N VAL C 64 16.76 47.78 -9.38
CA VAL C 64 17.87 48.59 -8.90
C VAL C 64 18.00 49.84 -9.78
N LYS C 65 18.30 50.97 -9.14
CA LYS C 65 18.43 52.24 -9.82
C LYS C 65 19.90 52.64 -9.91
N ASN C 66 20.34 53.06 -11.09
CA ASN C 66 21.73 53.44 -11.32
C ASN C 66 21.87 54.79 -12.02
N LYS C 67 20.77 55.54 -12.17
CA LYS C 67 20.80 56.81 -12.85
C LYS C 67 20.11 57.87 -12.01
N PRO C 68 20.52 59.13 -12.15
CA PRO C 68 19.85 60.21 -11.40
C PRO C 68 18.37 60.32 -11.78
N PHE C 69 17.55 60.66 -10.79
CA PHE C 69 16.12 60.80 -11.01
C PHE C 69 15.54 61.69 -9.92
N ASN C 70 14.39 62.28 -10.22
CA ASN C 70 13.69 63.09 -9.23
C ASN C 70 12.99 62.17 -8.23
N ILE C 71 12.98 62.59 -6.96
CA ILE C 71 12.40 61.80 -5.88
C ILE C 71 11.14 62.49 -5.38
N ASP C 72 10.24 61.69 -4.82
CA ASP C 72 9.00 62.21 -4.26
C ASP C 72 9.26 62.82 -2.89
N PRO C 73 8.87 64.06 -2.65
CA PRO C 73 9.08 64.66 -1.32
C PRO C 73 8.37 63.88 -0.23
N GLY C 74 9.02 63.79 0.93
CA GLY C 74 8.45 63.06 2.05
C GLY C 74 9.53 62.73 3.06
N TYR C 75 9.15 61.84 3.99
CA TYR C 75 10.04 61.38 5.04
C TYR C 75 10.62 60.03 4.66
N TYR C 76 11.95 59.93 4.70
CA TYR C 76 12.64 58.71 4.29
C TYR C 76 13.72 58.37 5.30
N ILE C 77 14.06 57.10 5.34
CA ILE C 77 15.17 56.59 6.17
C ILE C 77 16.18 55.97 5.24
N PHE C 78 17.41 56.47 5.29
CA PHE C 78 18.51 56.02 4.45
C PHE C 78 19.49 55.20 5.27
N LEU C 79 19.88 54.04 4.75
CA LEU C 79 20.80 53.13 5.40
C LEU C 79 21.86 52.67 4.41
N PRO C 80 23.08 52.41 4.88
CA PRO C 80 24.15 52.03 3.97
C PRO C 80 24.25 50.51 3.77
N VAL C 81 24.26 50.07 2.53
CA VAL C 81 24.52 48.68 2.20
C VAL C 81 26.03 48.52 2.01
N TYR C 82 26.61 47.60 2.77
CA TYR C 82 28.05 47.36 2.76
C TYR C 82 28.41 46.28 1.76
N PHE C 83 29.69 46.21 1.42
CA PHE C 83 30.21 45.17 0.55
C PHE C 83 30.65 44.00 1.42
N GLY C 84 29.85 42.94 1.42
CA GLY C 84 30.17 41.77 2.21
C GLY C 84 29.11 40.71 2.02
N SER C 85 29.40 39.53 2.57
CA SER C 85 28.45 38.42 2.50
C SER C 85 27.20 38.75 3.30
N VAL C 86 26.05 38.45 2.71
CA VAL C 86 24.75 38.80 3.28
C VAL C 86 24.14 37.56 3.93
N PHE C 87 23.56 37.74 5.11
CA PHE C 87 22.88 36.69 5.85
C PHE C 87 21.51 37.19 6.28
N ILE C 88 20.54 36.27 6.31
CA ILE C 88 19.19 36.58 6.77
C ILE C 88 18.86 35.66 7.94
N TYR C 89 18.41 36.25 9.04
CA TYR C 89 18.10 35.50 10.25
C TYR C 89 16.62 35.67 10.58
N SER C 90 15.90 34.56 10.72
CA SER C 90 14.48 34.59 10.99
C SER C 90 14.16 33.73 12.21
N LYS C 91 13.06 34.05 12.88
CA LYS C 91 12.64 33.30 14.05
C LYS C 91 12.23 31.88 13.66
N GLY C 92 12.65 30.91 14.45
CA GLY C 92 12.37 29.52 14.18
C GLY C 92 13.26 28.85 13.17
N LYS C 93 14.20 29.59 12.58
CA LYS C 93 15.14 29.04 11.60
C LYS C 93 16.54 29.51 11.95
N ASN C 94 17.53 28.74 11.49
CA ASN C 94 18.93 29.08 11.72
C ASN C 94 19.38 30.19 10.79
N MET C 95 20.66 30.53 10.88
CA MET C 95 21.23 31.55 10.01
C MET C 95 21.19 31.07 8.55
N VAL C 96 20.92 31.99 7.64
CA VAL C 96 20.78 31.68 6.22
C VAL C 96 21.52 32.72 5.40
N GLU C 97 22.34 32.26 4.46
CA GLU C 97 23.00 33.12 3.50
C GLU C 97 22.43 32.87 2.11
N LEU C 98 22.40 33.92 1.30
CA LEU C 98 21.80 33.85 -0.03
C LEU C 98 22.59 32.92 -0.94
N GLY C 99 21.87 32.21 -1.80
CA GLY C 99 22.48 31.35 -2.78
C GLY C 99 22.69 29.91 -2.32
N SER C 100 23.65 29.70 -1.42
CA SER C 100 23.96 28.35 -0.98
C SER C 100 22.81 27.74 -0.18
N GLY C 101 22.19 28.52 0.69
CA GLY C 101 21.11 28.02 1.53
C GLY C 101 21.55 27.30 2.77
N ASN C 102 22.86 27.27 3.07
CA ASN C 102 23.37 26.60 4.25
C ASN C 102 23.24 27.53 5.46
N SER C 103 23.90 27.18 6.55
CA SER C 103 23.89 27.98 7.77
C SER C 103 25.33 28.35 8.15
N PHE C 104 25.47 29.02 9.29
CA PHE C 104 26.77 29.44 9.80
C PHE C 104 26.81 29.18 11.30
N GLN C 105 27.92 29.60 11.93
CA GLN C 105 28.12 29.41 13.36
C GLN C 105 28.39 30.77 14.01
N ILE C 106 27.59 31.08 15.02
CA ILE C 106 27.74 32.34 15.76
C ILE C 106 27.76 32.03 17.24
N PRO C 107 28.33 32.92 18.06
CA PRO C 107 28.32 32.71 19.51
C PRO C 107 26.91 32.63 20.05
N ASP C 108 26.73 31.82 21.11
CA ASP C 108 25.41 31.62 21.69
C ASP C 108 24.84 32.91 22.27
N GLU C 109 25.70 33.79 22.78
CA GLU C 109 25.22 35.07 23.30
C GLU C 109 24.61 35.91 22.19
N ILE C 110 25.23 35.93 21.02
CA ILE C 110 24.69 36.68 19.89
C ILE C 110 23.35 36.10 19.45
N ARG C 111 23.24 34.77 19.43
CA ARG C 111 21.98 34.13 19.07
C ARG C 111 20.90 34.47 20.09
N SER C 112 21.23 34.47 21.37
CA SER C 112 20.26 34.83 22.40
C SER C 112 19.81 36.29 22.25
N ALA C 113 20.75 37.19 21.96
CA ALA C 113 20.40 38.59 21.76
C ALA C 113 19.50 38.75 20.54
N CYS C 114 19.80 38.02 19.45
CA CYS C 114 18.96 38.10 18.26
C CYS C 114 17.57 37.55 18.53
N ASN C 115 17.47 36.47 19.31
CA ASN C 115 16.16 35.93 19.67
C ASN C 115 15.38 36.92 20.53
N LYS C 116 16.06 37.58 21.46
CA LYS C 116 15.39 38.58 22.28
C LYS C 116 14.91 39.77 21.45
N VAL C 117 15.69 40.14 20.42
CA VAL C 117 15.24 41.19 19.51
C VAL C 117 14.04 40.73 18.71
N LEU C 118 14.07 39.49 18.22
CA LEU C 118 13.03 39.03 17.30
C LEU C 118 11.71 38.80 18.00
N ASP C 119 11.73 38.15 19.17
CA ASP C 119 10.47 37.81 19.82
C ASP C 119 9.78 39.01 20.45
N SER C 120 10.47 40.15 20.57
CA SER C 120 9.84 41.34 21.12
C SER C 120 8.72 41.84 20.21
N ASP C 121 8.95 41.85 18.90
CA ASP C 121 7.96 42.28 17.92
C ASP C 121 7.78 41.17 16.88
N ASN C 122 6.54 40.70 16.74
CA ASN C 122 6.25 39.63 15.79
C ASN C 122 6.22 40.10 14.34
N GLY C 123 6.24 41.41 14.10
CA GLY C 123 6.17 41.92 12.74
C GLY C 123 7.48 41.94 11.99
N ILE C 124 8.59 41.62 12.65
CA ILE C 124 9.90 41.63 12.00
C ILE C 124 10.07 40.29 11.28
N ASP C 125 10.09 40.33 9.95
CA ASP C 125 10.20 39.10 9.17
C ASP C 125 11.57 38.46 9.36
N PHE C 126 12.64 39.23 9.19
CA PHE C 126 14.00 38.72 9.37
C PHE C 126 14.95 39.90 9.50
N LEU C 127 16.16 39.59 9.97
CA LEU C 127 17.20 40.58 10.19
C LEU C 127 18.38 40.31 9.25
N ARG C 128 19.07 41.38 8.88
CA ARG C 128 20.17 41.34 7.93
C ARG C 128 21.51 41.34 8.66
N PHE C 129 22.41 40.47 8.23
CA PHE C 129 23.75 40.35 8.78
C PHE C 129 24.76 40.56 7.66
N VAL C 130 25.80 41.34 7.95
CA VAL C 130 26.89 41.54 7.00
C VAL C 130 28.13 40.90 7.60
N LEU C 131 28.72 39.96 6.85
CA LEU C 131 29.90 39.22 7.28
C LEU C 131 31.03 39.45 6.28
N LEU C 132 32.20 39.83 6.79
CA LEU C 132 33.37 40.05 5.96
C LEU C 132 34.60 39.88 6.82
N ASN C 133 35.33 38.78 6.62
CA ASN C 133 36.55 38.46 7.36
C ASN C 133 36.25 38.39 8.87
N ASN C 134 35.42 37.42 9.22
CA ASN C 134 34.98 37.13 10.59
C ASN C 134 34.59 38.40 11.34
N ARG C 135 33.57 39.07 10.80
CA ARG C 135 33.03 40.28 11.43
C ARG C 135 31.55 40.38 11.06
N TRP C 136 30.68 40.19 12.05
CA TRP C 136 29.23 40.26 11.85
C TRP C 136 28.73 41.62 12.29
N ILE C 137 28.04 42.32 11.39
CA ILE C 137 27.52 43.65 11.67
C ILE C 137 26.09 43.75 11.17
N MET C 138 25.37 44.74 11.66
CA MET C 138 23.98 44.97 11.24
C MET C 138 23.92 46.01 10.14
N GLU C 139 23.09 45.73 9.13
CA GLU C 139 22.91 46.63 8.00
C GLU C 139 21.48 47.16 7.89
N ASP C 140 20.49 46.27 7.87
CA ASP C 140 19.11 46.67 7.69
C ASP C 140 18.20 45.62 8.30
N ALA C 141 16.89 45.86 8.22
CA ALA C 141 15.90 44.92 8.72
C ALA C 141 14.58 45.18 8.00
N ILE C 142 13.72 44.16 8.01
CA ILE C 142 12.41 44.23 7.37
C ILE C 142 11.36 43.87 8.40
N SER C 143 10.45 44.81 8.65
CA SER C 143 9.35 44.59 9.59
C SER C 143 8.12 45.32 9.08
N LYS C 144 6.97 44.66 9.22
CA LYS C 144 5.72 45.22 8.72
C LYS C 144 5.06 46.19 9.69
N TYR C 145 5.52 46.28 10.92
CA TYR C 145 4.92 47.14 11.92
C TYR C 145 5.90 48.12 12.55
N GLN C 146 7.14 47.70 12.80
CA GLN C 146 8.14 48.53 13.47
C GLN C 146 9.20 48.96 12.48
N SER C 147 9.53 50.25 12.50
CA SER C 147 10.60 50.76 11.66
C SER C 147 11.94 50.22 12.12
N PRO C 148 12.88 49.99 11.18
CA PRO C 148 14.22 49.52 11.58
C PRO C 148 14.93 50.46 12.53
N VAL C 149 14.65 51.77 12.44
CA VAL C 149 15.26 52.73 13.35
C VAL C 149 14.84 52.42 14.78
N ASN C 150 13.57 52.03 14.98
CA ASN C 150 13.08 51.72 16.32
C ASN C 150 13.83 50.54 16.93
N ILE C 151 14.07 49.49 16.14
CA ILE C 151 14.78 48.32 16.65
C ILE C 151 16.29 48.51 16.67
N PHE C 152 16.80 49.55 16.01
CA PHE C 152 18.24 49.82 16.06
C PHE C 152 18.68 50.17 17.48
N LYS C 153 17.85 50.93 18.20
CA LYS C 153 18.19 51.25 19.59
C LYS C 153 18.23 50.00 20.45
N LEU C 154 17.27 49.08 20.26
CA LEU C 154 17.27 47.84 21.01
C LEU C 154 18.50 46.99 20.67
N ALA C 155 18.86 46.95 19.39
CA ALA C 155 20.05 46.19 18.98
C ALA C 155 21.31 46.78 19.60
N SER C 156 21.41 48.11 19.65
CA SER C 156 22.56 48.75 20.25
C SER C 156 22.59 48.52 21.76
N GLU C 157 21.42 48.46 22.39
CA GLU C 157 21.36 48.24 23.83
C GLU C 157 21.93 46.89 24.21
N TYR C 158 21.65 45.86 23.41
CA TYR C 158 22.15 44.51 23.67
C TYR C 158 23.65 44.37 23.44
N GLY C 159 24.30 45.38 22.86
CA GLY C 159 25.72 45.34 22.60
C GLY C 159 26.10 45.10 21.15
N LEU C 160 25.15 44.69 20.31
CA LEU C 160 25.43 44.49 18.89
C LEU C 160 25.58 45.84 18.20
N ASN C 161 26.52 45.91 17.26
CA ASN C 161 26.76 47.14 16.52
C ASN C 161 25.57 47.46 15.64
N ILE C 162 25.38 48.76 15.36
CA ILE C 162 24.24 49.23 14.59
C ILE C 162 24.75 50.09 13.43
N PRO C 163 24.05 50.14 12.31
CA PRO C 163 24.50 50.93 11.17
C PRO C 163 24.18 52.42 11.38
N ASN C 164 24.52 53.21 10.36
CA ASN C 164 24.28 54.65 10.36
C ASN C 164 23.01 54.93 9.57
N TYR C 165 21.95 55.31 10.29
CA TYR C 165 20.65 55.60 9.67
C TYR C 165 20.42 57.10 9.66
N LEU C 166 19.95 57.62 8.53
CA LEU C 166 19.66 59.04 8.38
C LEU C 166 18.18 59.22 8.08
N GLU C 167 17.50 59.99 8.94
CA GLU C 167 16.08 60.29 8.77
C GLU C 167 15.97 61.66 8.14
N ILE C 168 15.56 61.72 6.87
CA ILE C 168 15.53 62.95 6.10
C ILE C 168 14.11 63.22 5.64
N GLU C 169 13.62 64.43 5.91
CA GLU C 169 12.31 64.86 5.45
C GLU C 169 12.49 65.74 4.22
N ILE C 170 11.85 65.35 3.11
CA ILE C 170 11.97 66.05 1.84
C ILE C 170 10.71 66.88 1.62
N GLU C 171 10.88 68.17 1.37
CA GLU C 171 9.78 69.10 1.15
C GLU C 171 9.49 69.35 -0.33
N GLU C 172 10.52 69.63 -1.11
CA GLU C 172 10.39 69.90 -2.53
C GLU C 172 10.99 68.76 -3.34
N ASP C 173 10.88 68.86 -4.66
CA ASP C 173 11.43 67.83 -5.54
C ASP C 173 12.95 67.84 -5.47
N THR C 174 13.54 66.66 -5.32
CA THR C 174 14.99 66.50 -5.20
C THR C 174 15.47 65.48 -6.22
N LEU C 175 16.51 65.83 -6.96
CA LEU C 175 17.11 64.94 -7.94
C LEU C 175 18.23 64.16 -7.29
N PHE C 176 18.15 62.83 -7.37
CA PHE C 176 19.16 61.96 -6.75
C PHE C 176 20.33 61.77 -7.72
N ASP C 177 21.08 62.85 -7.91
CA ASP C 177 22.19 62.86 -8.83
C ASP C 177 23.48 62.42 -8.13
N ASP C 178 24.59 62.51 -8.85
CA ASP C 178 25.88 62.09 -8.31
C ASP C 178 26.28 62.95 -7.12
N GLU C 179 26.07 64.27 -7.22
CA GLU C 179 26.48 65.17 -6.15
C GLU C 179 25.68 64.90 -4.88
N LEU C 180 24.38 64.61 -5.00
CA LEU C 180 23.58 64.28 -3.83
C LEU C 180 24.06 62.98 -3.19
N TYR C 181 24.42 62.00 -4.01
CA TYR C 181 24.97 60.74 -3.47
C TYR C 181 26.27 60.99 -2.73
N SER C 182 27.13 61.86 -3.27
CA SER C 182 28.38 62.19 -2.60
C SER C 182 28.12 62.89 -1.27
N ILE C 183 27.15 63.81 -1.24
CA ILE C 183 26.80 64.48 0.00
C ILE C 183 26.29 63.49 1.02
N MET C 184 25.43 62.56 0.59
CA MET C 184 24.93 61.54 1.51
C MET C 184 26.07 60.67 2.04
N GLU C 185 26.99 60.27 1.17
CA GLU C 185 28.11 59.45 1.61
C GLU C 185 28.99 60.19 2.62
N ARG C 186 29.25 61.47 2.36
CA ARG C 186 30.04 62.27 3.30
C ARG C 186 29.31 62.44 4.63
N SER C 187 28.00 62.64 4.60
CA SER C 187 27.24 62.76 5.85
C SER C 187 27.25 61.44 6.61
N PHE C 188 27.24 60.31 5.90
CA PHE C 188 27.26 59.02 6.56
C PHE C 188 28.56 58.80 7.31
N ASP C 189 29.69 59.02 6.64
CA ASP C 189 31.02 59.01 7.26
C ASP C 189 31.30 57.68 7.96
N ASP C 190 31.37 56.61 7.15
CA ASP C 190 31.67 55.28 7.64
C ASP C 190 32.92 54.76 6.95
N THR C 191 33.84 54.20 7.75
CA THR C 191 35.10 53.69 7.21
C THR C 191 34.85 52.47 6.33
N PHE C 192 33.89 51.64 6.69
CA PHE C 192 33.60 50.43 5.93
C PHE C 192 33.07 50.81 4.54
N PRO C 193 33.30 49.96 3.54
CA PRO C 193 32.88 50.30 2.17
C PRO C 193 31.37 50.47 2.06
N LYS C 194 30.97 51.40 1.21
CA LYS C 194 29.57 51.72 0.95
C LYS C 194 29.23 51.16 -0.43
N ILE C 195 28.60 49.98 -0.47
CA ILE C 195 28.29 49.42 -1.78
C ILE C 195 26.99 49.98 -2.34
N SER C 196 26.07 50.41 -1.48
CA SER C 196 24.80 50.94 -1.99
C SER C 196 24.13 51.77 -0.89
N ILE C 197 23.04 52.43 -1.26
CA ILE C 197 22.23 53.21 -0.32
C ILE C 197 20.78 52.75 -0.45
N SER C 198 20.21 52.24 0.64
CA SER C 198 18.85 51.74 0.65
C SER C 198 17.97 52.69 1.44
N TYR C 199 16.89 53.17 0.82
CA TYR C 199 16.02 54.12 1.50
C TYR C 199 14.59 53.58 1.56
N ILE C 200 13.95 53.79 2.70
CA ILE C 200 12.60 53.32 2.96
C ILE C 200 11.73 54.53 3.27
N LYS C 201 10.58 54.63 2.59
CA LYS C 201 9.63 55.70 2.86
C LYS C 201 8.75 55.33 4.04
N LEU C 202 8.38 56.33 4.84
CA LEU C 202 7.52 56.10 5.99
C LEU C 202 6.16 55.58 5.53
N GLY C 203 5.68 54.53 6.19
CA GLY C 203 4.41 53.93 5.85
C GLY C 203 4.43 53.03 4.64
N GLU C 204 5.59 52.77 4.05
CA GLU C 204 5.72 51.93 2.87
C GLU C 204 6.49 50.67 3.21
N LEU C 205 5.95 49.52 2.84
CA LEU C 205 6.59 48.24 3.11
C LEU C 205 7.62 47.87 2.06
N LYS C 206 7.48 48.39 0.84
CA LYS C 206 8.43 48.07 -0.22
C LYS C 206 9.79 48.68 0.08
N ARG C 207 10.85 47.95 -0.27
CA ARG C 207 12.22 48.37 -0.05
C ARG C 207 12.87 48.72 -1.38
N GLN C 208 13.43 49.92 -1.46
CA GLN C 208 14.09 50.39 -2.68
C GLN C 208 15.52 50.83 -2.37
N VAL C 209 16.43 50.50 -3.29
CA VAL C 209 17.86 50.64 -3.11
C VAL C 209 18.45 51.29 -4.36
N VAL C 210 19.54 52.04 -4.18
CA VAL C 210 20.22 52.72 -5.28
C VAL C 210 21.71 52.38 -5.21
N ASP C 211 22.27 52.01 -6.36
CA ASP C 211 23.69 51.69 -6.49
C ASP C 211 24.17 52.14 -7.86
N PHE C 212 24.80 53.31 -7.92
CA PHE C 212 25.49 53.72 -9.13
C PHE C 212 26.70 52.82 -9.38
N PHE C 213 26.94 52.52 -10.67
CA PHE C 213 28.09 51.70 -11.04
C PHE C 213 28.53 52.08 -12.44
N LYS C 214 29.79 51.77 -12.74
CA LYS C 214 30.38 52.04 -14.04
C LYS C 214 31.56 51.11 -14.25
N PHE C 215 31.86 50.82 -15.51
CA PHE C 215 32.83 49.79 -15.86
C PHE C 215 34.04 50.38 -16.58
N SER C 216 35.17 49.69 -16.45
CA SER C 216 36.38 50.04 -17.18
C SER C 216 37.23 48.78 -17.33
N PHE C 217 38.41 48.93 -17.93
CA PHE C 217 39.36 47.84 -18.09
C PHE C 217 40.68 48.23 -17.44
N MET C 218 41.24 47.32 -16.66
CA MET C 218 42.40 47.65 -15.84
C MET C 218 43.25 46.40 -15.67
N TYR C 219 44.55 46.61 -15.48
CA TYR C 219 45.52 45.53 -15.44
C TYR C 219 45.80 45.08 -14.00
N ILE C 220 46.21 43.83 -13.85
CA ILE C 220 46.54 43.26 -12.56
C ILE C 220 47.97 42.73 -12.60
N GLU C 221 48.77 43.10 -11.60
CA GLU C 221 50.16 42.63 -11.55
C GLU C 221 50.22 41.15 -11.17
N SER C 222 49.47 40.76 -10.14
CA SER C 222 49.43 39.38 -9.66
C SER C 222 48.31 39.27 -8.63
N ILE C 223 48.04 38.05 -8.20
CA ILE C 223 47.04 37.77 -7.18
C ILE C 223 47.72 37.08 -6.01
N LYS C 224 47.62 37.67 -4.82
CA LYS C 224 48.21 37.14 -3.61
C LYS C 224 47.12 36.70 -2.65
N VAL C 225 47.53 36.28 -1.45
CA VAL C 225 46.61 35.93 -0.38
C VAL C 225 47.22 36.40 0.94
N ASP C 226 46.36 36.90 1.83
CA ASP C 226 46.81 37.52 3.07
C ASP C 226 46.28 36.76 4.28
N ARG C 227 47.05 36.80 5.36
CA ARG C 227 46.67 36.13 6.60
C ARG C 227 45.57 36.91 7.32
N ILE C 228 44.55 36.19 7.75
CA ILE C 228 43.44 36.79 8.47
C ILE C 228 43.33 36.29 9.91
N GLY C 229 43.75 35.06 10.19
CA GLY C 229 43.67 34.54 11.54
C GLY C 229 44.00 33.06 11.64
N ASP C 230 43.18 32.33 12.38
CA ASP C 230 43.41 30.90 12.62
C ASP C 230 43.00 30.12 11.38
N ASN C 231 43.96 29.93 10.48
CA ASN C 231 43.77 29.13 9.26
C ASN C 231 42.62 29.64 8.42
N ILE C 232 42.49 30.97 8.32
CA ILE C 232 41.53 31.61 7.45
C ILE C 232 42.26 32.59 6.55
N PHE C 233 42.10 32.42 5.24
CA PHE C 233 42.79 33.24 4.25
C PHE C 233 41.82 33.67 3.17
N ILE C 234 42.03 34.87 2.63
CA ILE C 234 41.21 35.39 1.54
C ILE C 234 42.13 35.92 0.45
N PRO C 235 41.85 35.62 -0.82
CA PRO C 235 42.74 36.08 -1.89
C PRO C 235 42.79 37.60 -1.97
N SER C 236 43.97 38.11 -2.33
CA SER C 236 44.21 39.55 -2.48
C SER C 236 44.81 39.79 -3.84
N VAL C 237 44.21 40.67 -4.62
CA VAL C 237 44.70 40.99 -5.96
C VAL C 237 45.40 42.34 -5.94
N ILE C 238 46.56 42.42 -6.59
CA ILE C 238 47.33 43.65 -6.66
C ILE C 238 47.39 44.10 -8.11
N THR C 239 47.35 45.41 -8.32
CA THR C 239 47.33 45.99 -9.65
C THR C 239 48.64 46.74 -9.91
N LYS C 240 48.71 47.39 -11.08
CA LYS C 240 49.87 48.18 -11.43
C LYS C 240 50.03 49.38 -10.50
N SER C 241 48.93 50.04 -10.15
CA SER C 241 48.97 51.18 -9.24
C SER C 241 49.08 50.77 -7.79
N GLY C 242 48.98 49.48 -7.48
CA GLY C 242 49.08 49.00 -6.12
C GLY C 242 47.81 49.10 -5.30
N LYS C 243 46.72 49.57 -5.87
CA LYS C 243 45.46 49.67 -5.15
C LYS C 243 44.81 48.29 -5.04
N LYS C 244 44.17 48.04 -3.90
CA LYS C 244 43.60 46.73 -3.62
C LYS C 244 42.15 46.68 -4.09
N ILE C 245 41.82 45.62 -4.82
CA ILE C 245 40.45 45.37 -5.29
C ILE C 245 39.85 44.29 -4.43
N LEU C 246 38.78 44.62 -3.72
CA LEU C 246 38.15 43.66 -2.82
C LEU C 246 37.48 42.54 -3.60
N VAL C 247 37.62 41.31 -3.10
CA VAL C 247 37.02 40.13 -3.69
C VAL C 247 36.15 39.47 -2.63
N LYS C 248 34.94 39.05 -3.04
CA LYS C 248 34.01 38.43 -2.10
C LYS C 248 34.58 37.15 -1.52
N ASP C 249 34.81 36.15 -2.37
CA ASP C 249 35.25 34.84 -1.92
C ASP C 249 35.87 34.10 -3.10
N VAL C 250 36.18 32.82 -2.90
CA VAL C 250 36.71 31.99 -3.97
C VAL C 250 35.65 31.81 -5.07
N ASP C 251 34.38 31.72 -4.66
CA ASP C 251 33.29 31.57 -5.63
C ASP C 251 33.24 32.78 -6.57
N HIS C 252 33.36 33.98 -6.01
CA HIS C 252 33.38 35.17 -6.85
C HIS C 252 34.58 35.16 -7.79
N LEU C 253 35.74 34.76 -7.29
CA LEU C 253 36.94 34.73 -8.12
C LEU C 253 36.79 33.76 -9.29
N ILE C 254 36.26 32.56 -9.04
CA ILE C 254 36.14 31.59 -10.11
C ILE C 254 35.04 31.99 -11.09
N ARG C 255 33.91 32.51 -10.58
CA ARG C 255 32.83 32.92 -11.47
C ARG C 255 33.20 34.16 -12.28
N SER C 256 34.15 34.95 -11.81
CA SER C 256 34.65 36.07 -12.61
C SER C 256 35.63 35.63 -13.69
N LYS C 257 36.16 34.41 -13.59
CA LYS C 257 37.10 33.85 -14.55
C LYS C 257 38.32 34.76 -14.71
N VAL C 258 38.99 35.00 -13.58
CA VAL C 258 40.16 35.88 -13.58
C VAL C 258 41.34 35.15 -14.24
N ARG C 259 42.19 35.92 -14.91
CA ARG C 259 43.38 35.40 -15.55
C ARG C 259 44.59 36.25 -15.16
N GLU C 260 45.71 35.59 -14.87
CA GLU C 260 46.90 36.26 -14.41
C GLU C 260 47.53 37.10 -15.51
N HIS C 261 47.99 38.30 -15.13
CA HIS C 261 48.74 39.19 -16.02
C HIS C 261 47.95 39.55 -17.27
N THR C 262 46.68 39.90 -17.08
CA THR C 262 45.82 40.30 -18.18
C THR C 262 44.97 41.49 -17.77
N PHE C 263 44.50 42.23 -18.77
CA PHE C 263 43.55 43.30 -18.55
C PHE C 263 42.15 42.72 -18.34
N VAL C 264 41.50 43.13 -17.25
CA VAL C 264 40.19 42.62 -16.90
C VAL C 264 39.24 43.80 -16.69
N LYS C 265 37.95 43.52 -16.90
CA LYS C 265 36.93 44.54 -16.70
C LYS C 265 36.55 44.64 -15.22
N VAL C 266 36.47 45.86 -14.73
CA VAL C 266 36.26 46.14 -13.31
C VAL C 266 35.18 47.21 -13.17
N LYS C 267 34.27 47.01 -12.22
CA LYS C 267 33.19 47.94 -11.95
C LYS C 267 33.60 48.81 -10.77
N LYS C 268 33.63 50.13 -10.97
CA LYS C 268 34.26 51.05 -10.03
C LYS C 268 33.23 51.98 -9.40
N LYS C 269 33.49 52.34 -8.15
CA LYS C 269 32.75 53.35 -7.40
C LYS C 269 33.60 54.61 -7.26
N ASN C 270 33.11 55.57 -6.48
CA ASN C 270 33.88 56.78 -6.24
C ASN C 270 34.99 56.54 -5.21
N THR C 271 35.01 55.38 -4.57
CA THR C 271 35.99 55.07 -3.55
C THR C 271 36.71 53.74 -3.76
N PHE C 272 36.04 52.76 -4.37
CA PHE C 272 36.62 51.43 -4.53
C PHE C 272 36.11 50.80 -5.81
N SER C 273 36.92 49.89 -6.36
CA SER C 273 36.61 49.18 -7.60
C SER C 273 36.65 47.68 -7.33
N ILE C 274 35.69 46.96 -7.90
CA ILE C 274 35.50 45.54 -7.63
C ILE C 274 35.41 44.78 -8.94
N LEU C 275 35.98 43.58 -8.96
CA LEU C 275 35.80 42.68 -10.09
C LEU C 275 34.35 42.22 -10.17
N TYR C 276 33.86 42.01 -11.39
CA TYR C 276 32.49 41.62 -11.65
C TYR C 276 32.48 40.32 -12.46
N ASP C 277 31.36 39.61 -12.38
CA ASP C 277 31.29 38.26 -12.94
C ASP C 277 31.44 38.29 -14.47
N TYR C 278 31.92 37.17 -15.00
CA TYR C 278 32.15 37.02 -16.43
C TYR C 278 30.86 36.54 -17.09
N ASP C 279 30.29 37.38 -17.96
CA ASP C 279 29.06 37.08 -18.66
C ASP C 279 29.27 36.63 -20.10
N GLY C 280 30.51 36.32 -20.48
CA GLY C 280 30.81 35.91 -21.84
C GLY C 280 30.37 34.50 -22.14
N ASN C 281 30.44 34.15 -23.42
CA ASN C 281 30.03 32.84 -23.91
C ASN C 281 31.22 31.90 -24.11
N GLY C 282 32.26 32.04 -23.28
CA GLY C 282 33.42 31.19 -23.43
C GLY C 282 33.15 29.75 -23.02
N THR C 283 34.05 28.87 -23.45
CA THR C 283 33.96 27.45 -23.15
C THR C 283 34.85 27.02 -22.00
N GLU C 284 35.40 27.97 -21.25
CA GLU C 284 36.29 27.65 -20.13
C GLU C 284 35.54 26.85 -19.07
N THR C 285 36.21 25.82 -18.55
CA THR C 285 35.63 24.95 -17.54
C THR C 285 36.16 25.29 -16.16
N ARG C 286 35.27 25.20 -15.16
CA ARG C 286 35.64 25.57 -13.80
C ARG C 286 36.72 24.64 -13.23
N GLY C 287 36.64 23.36 -13.54
CA GLY C 287 37.52 22.38 -12.92
C GLY C 287 38.99 22.67 -13.13
N GLU C 288 39.38 22.98 -14.37
CA GLU C 288 40.77 23.32 -14.65
C GLU C 288 41.17 24.70 -14.14
N VAL C 289 40.21 25.64 -14.06
CA VAL C 289 40.49 26.93 -13.43
C VAL C 289 40.84 26.73 -11.97
N ILE C 290 40.18 25.78 -11.30
CA ILE C 290 40.48 25.48 -9.91
C ILE C 290 41.93 25.07 -9.72
N LYS C 291 42.46 24.20 -10.57
CA LYS C 291 43.86 23.81 -10.44
C LYS C 291 44.81 24.89 -10.92
N ARG C 292 44.43 25.68 -11.93
CA ARG C 292 45.30 26.75 -12.39
C ARG C 292 45.49 27.82 -11.32
N ILE C 293 44.41 28.24 -10.66
CA ILE C 293 44.53 29.28 -9.64
C ILE C 293 45.32 28.76 -8.45
N ILE C 294 45.15 27.47 -8.11
CA ILE C 294 45.92 26.88 -7.03
C ILE C 294 47.40 26.86 -7.39
N ASP C 295 47.73 26.48 -8.62
CA ASP C 295 49.13 26.45 -9.05
C ASP C 295 49.74 27.85 -9.01
N THR C 296 48.99 28.85 -9.48
CA THR C 296 49.49 30.22 -9.43
C THR C 296 49.69 30.69 -8.00
N ILE C 297 48.76 30.37 -7.10
CA ILE C 297 48.88 30.82 -5.72
C ILE C 297 49.74 29.88 -4.88
N GLY C 298 49.97 28.65 -5.35
CA GLY C 298 50.76 27.70 -4.58
C GLY C 298 49.96 26.49 -4.14
N ARG C 299 50.62 25.34 -4.02
CA ARG C 299 49.96 24.10 -3.67
C ARG C 299 49.77 23.92 -2.17
N ASP C 300 50.21 24.88 -1.36
CA ASP C 300 50.14 24.78 0.09
C ASP C 300 48.83 25.33 0.65
N TYR C 301 47.88 25.68 -0.21
CA TYR C 301 46.58 26.17 0.22
C TYR C 301 45.49 25.24 -0.29
N TYR C 302 44.45 25.06 0.51
CA TYR C 302 43.31 24.26 0.08
C TYR C 302 42.03 25.06 0.25
N VAL C 303 41.07 24.80 -0.64
CA VAL C 303 39.84 25.58 -0.72
C VAL C 303 38.85 25.01 0.26
N ASN C 304 38.61 25.73 1.36
CA ASN C 304 37.60 25.34 2.34
C ASN C 304 36.27 25.99 1.99
N GLY C 305 35.82 25.79 0.75
CA GLY C 305 34.59 26.41 0.30
C GLY C 305 34.81 27.78 -0.29
N LYS C 306 34.56 28.82 0.50
CA LYS C 306 34.68 30.20 0.05
C LYS C 306 36.04 30.81 0.35
N TYR C 307 36.92 30.11 1.05
CA TYR C 307 38.20 30.69 1.47
C TYR C 307 39.36 29.74 1.22
N PHE C 308 40.54 30.10 1.71
CA PHE C 308 41.73 29.27 1.61
C PHE C 308 42.25 28.96 3.01
N SER C 309 42.81 27.77 3.16
CA SER C 309 43.31 27.31 4.45
C SER C 309 44.66 26.62 4.28
N LYS C 310 45.44 26.61 5.36
CA LYS C 310 46.83 26.20 5.31
C LYS C 310 46.95 24.68 5.19
N VAL C 311 48.20 24.23 5.10
CA VAL C 311 48.55 22.82 5.11
C VAL C 311 49.69 22.56 6.11
N GLY C 312 49.94 23.52 7.00
CA GLY C 312 51.13 23.45 7.83
C GLY C 312 51.16 22.23 8.72
N ILE C 313 52.37 21.73 8.97
CA ILE C 313 52.54 20.51 9.74
C ILE C 313 52.21 20.76 11.20
N ALA C 314 53.01 21.61 11.87
CA ALA C 314 52.83 21.95 13.28
C ALA C 314 52.52 20.71 14.12
N GLY C 315 51.25 20.29 14.14
CA GLY C 315 50.87 19.03 14.74
C GLY C 315 50.39 19.06 16.16
N LEU C 316 51.22 19.49 17.10
CA LEU C 316 50.85 19.44 18.51
C LEU C 316 50.28 20.76 19.01
N LYS C 317 50.53 21.87 18.31
CA LYS C 317 50.07 23.18 18.74
C LYS C 317 48.69 23.53 18.17
N GLN C 318 47.74 22.61 18.29
CA GLN C 318 46.34 22.91 17.99
C GLN C 318 45.36 22.47 19.08
N LEU C 319 45.58 21.33 19.74
CA LEU C 319 44.65 20.89 20.77
C LEU C 319 44.61 21.89 21.91
N THR C 320 45.75 22.53 22.21
CA THR C 320 45.75 23.63 23.17
C THR C 320 44.94 24.80 22.64
N ASN C 321 45.10 25.12 21.35
CA ASN C 321 44.37 26.25 20.77
C ASN C 321 42.88 25.95 20.69
N LYS C 322 42.52 24.78 20.16
CA LYS C 322 41.11 24.42 20.03
C LYS C 322 40.43 24.23 21.37
N LEU C 323 41.14 23.67 22.36
CA LEU C 323 40.61 23.48 23.70
C LEU C 323 40.75 24.72 24.57
N ASP C 324 41.49 25.73 24.10
CA ASP C 324 41.69 26.98 24.83
C ASP C 324 42.35 26.74 26.19
N ILE C 325 43.52 26.10 26.16
CA ILE C 325 44.32 25.85 27.34
C ILE C 325 45.74 26.32 27.09
N ASN C 326 46.61 26.11 28.08
CA ASN C 326 47.99 26.57 27.99
C ASN C 326 48.78 25.68 27.03
N GLU C 327 50.02 26.09 26.77
CA GLU C 327 50.90 25.38 25.86
C GLU C 327 51.29 24.02 26.43
N CYS C 328 51.61 23.09 25.53
CA CYS C 328 51.98 21.73 25.89
C CYS C 328 53.38 21.41 25.40
N ALA C 329 54.09 20.58 26.17
CA ALA C 329 55.44 20.14 25.83
C ALA C 329 55.53 18.64 25.62
N THR C 330 55.07 17.85 26.58
CA THR C 330 55.14 16.39 26.51
C THR C 330 53.75 15.80 26.71
N VAL C 331 53.66 14.47 26.57
CA VAL C 331 52.36 13.80 26.66
C VAL C 331 51.83 13.83 28.09
N ASP C 332 52.70 13.55 29.06
CA ASP C 332 52.25 13.44 30.45
C ASP C 332 51.70 14.77 30.97
N GLU C 333 52.41 15.87 30.69
CA GLU C 333 51.91 17.16 31.15
C GLU C 333 50.66 17.57 30.39
N LEU C 334 50.54 17.18 29.12
CA LEU C 334 49.30 17.40 28.38
C LEU C 334 48.13 16.69 29.05
N VAL C 335 48.35 15.43 29.44
CA VAL C 335 47.32 14.68 30.14
C VAL C 335 46.95 15.38 31.44
N ASP C 336 47.96 15.84 32.19
CA ASP C 336 47.69 16.52 33.45
C ASP C 336 46.91 17.81 33.24
N GLU C 337 47.27 18.59 32.21
CA GLU C 337 46.55 19.83 31.91
C GLU C 337 45.11 19.56 31.54
N ILE C 338 44.85 18.51 30.77
CA ILE C 338 43.45 18.16 30.50
C ILE C 338 42.77 17.70 31.78
N ASN C 339 43.50 16.99 32.65
CA ASN C 339 42.92 16.49 33.89
C ASN C 339 42.43 17.62 34.78
N LYS C 340 43.24 18.68 34.95
CA LYS C 340 42.83 19.73 35.87
C LYS C 340 41.71 20.60 35.30
N SER C 341 41.40 20.45 34.01
CA SER C 341 40.26 21.17 33.45
C SER C 341 38.96 20.68 34.05
N GLY C 342 38.02 21.61 34.25
CA GLY C 342 36.79 21.28 34.95
C GLY C 342 35.52 21.53 34.16
N THR C 343 35.56 22.43 33.19
CA THR C 343 34.37 22.81 32.43
C THR C 343 34.42 22.35 30.98
N VAL C 344 35.51 22.68 30.26
CA VAL C 344 35.63 22.29 28.86
C VAL C 344 35.78 20.77 28.74
N LYS C 345 36.16 20.10 29.82
CA LYS C 345 36.35 18.64 29.80
C LYS C 345 35.12 17.90 29.29
N ARG C 346 33.91 18.40 29.58
CA ARG C 346 32.70 17.72 29.12
C ARG C 346 32.66 17.60 27.60
N LYS C 347 33.24 18.58 26.89
CA LYS C 347 33.28 18.49 25.43
C LYS C 347 34.02 17.24 24.97
N ILE C 348 35.03 16.82 25.73
CA ILE C 348 35.74 15.59 25.41
C ILE C 348 34.84 14.38 25.62
N LYS C 349 33.99 14.43 26.64
CA LYS C 349 33.19 13.28 27.05
C LYS C 349 31.87 13.16 26.30
N ASN C 350 31.54 14.10 25.43
CA ASN C 350 30.29 14.08 24.69
C ASN C 350 30.47 14.12 23.18
N GLN C 351 31.71 14.34 22.72
CA GLN C 351 31.97 14.46 21.30
C GLN C 351 33.06 13.48 20.88
N SER C 352 32.91 12.96 19.66
CA SER C 352 33.71 11.83 19.21
C SER C 352 35.17 12.23 18.99
N VAL C 353 35.98 11.28 18.55
CA VAL C 353 37.41 11.50 18.38
C VAL C 353 37.74 11.93 16.96
N PHE C 354 37.16 11.28 15.97
CA PHE C 354 37.41 11.64 14.57
C PHE C 354 36.97 13.07 14.30
N ASP C 355 35.78 13.44 14.78
CA ASP C 355 35.31 14.81 14.59
C ASP C 355 36.18 15.81 15.33
N LEU C 356 36.65 15.44 16.53
CA LEU C 356 37.52 16.33 17.28
C LEU C 356 38.83 16.57 16.54
N SER C 357 39.42 15.52 15.98
CA SER C 357 40.65 15.68 15.22
C SER C 357 40.41 16.50 13.96
N ARG C 358 39.28 16.28 13.29
CA ARG C 358 38.95 17.06 12.09
C ARG C 358 38.80 18.54 12.43
N GLU C 359 38.15 18.86 13.54
CA GLU C 359 38.06 20.24 13.98
C GLU C 359 39.43 20.79 14.35
N CYS C 360 40.29 19.98 14.97
CA CYS C 360 41.62 20.43 15.32
C CYS C 360 42.46 20.79 14.11
N LEU C 361 42.36 20.01 13.02
CA LEU C 361 43.11 20.32 11.81
C LEU C 361 42.34 21.11 10.77
N GLY C 362 41.07 21.41 11.00
CA GLY C 362 40.34 22.33 10.14
C GLY C 362 39.97 21.82 8.76
N TYR C 363 39.89 20.50 8.58
CA TYR C 363 39.48 19.97 7.28
C TYR C 363 38.01 20.24 7.03
N PRO C 364 37.58 20.23 5.77
CA PRO C 364 36.14 20.27 5.48
C PRO C 364 35.48 18.96 5.85
N GLU C 365 34.15 19.00 5.91
CA GLU C 365 33.39 17.81 6.31
C GLU C 365 33.18 16.86 5.13
N ALA C 366 32.49 17.33 4.09
CA ALA C 366 32.15 16.47 2.96
C ALA C 366 33.38 15.96 2.25
N ASP C 367 34.35 16.85 2.01
CA ASP C 367 35.55 16.45 1.29
C ASP C 367 36.34 15.40 2.06
N PHE C 368 36.49 15.58 3.37
CA PHE C 368 37.25 14.62 4.16
C PHE C 368 36.50 13.30 4.29
N ILE C 369 35.17 13.35 4.38
CA ILE C 369 34.39 12.12 4.43
C ILE C 369 34.55 11.34 3.12
N THR C 370 34.52 12.04 1.99
CA THR C 370 34.78 11.38 0.71
C THR C 370 36.20 10.84 0.65
N LEU C 371 37.17 11.56 1.23
CA LEU C 371 38.56 11.11 1.20
C LEU C 371 38.74 9.82 1.99
N VAL C 372 38.19 9.75 3.20
CA VAL C 372 38.41 8.59 4.06
C VAL C 372 37.65 7.36 3.60
N ASN C 373 36.71 7.51 2.66
CA ASN C 373 35.94 6.38 2.16
C ASN C 373 36.55 5.75 0.91
N ASN C 374 37.74 6.19 0.51
CA ASN C 374 38.38 5.67 -0.70
C ASN C 374 39.74 5.05 -0.46
N MET C 375 40.23 5.02 0.78
CA MET C 375 41.53 4.45 1.09
C MET C 375 41.40 3.39 2.18
N ARG C 376 42.44 2.59 2.34
CA ARG C 376 42.47 1.50 3.31
C ARG C 376 43.51 1.78 4.39
N PHE C 377 43.22 1.30 5.59
CA PHE C 377 44.08 1.47 6.76
C PHE C 377 44.53 0.11 7.28
N LYS C 378 45.32 0.17 8.36
CA LYS C 378 45.72 -1.01 9.10
C LYS C 378 45.69 -0.66 10.58
N ILE C 379 44.66 -1.12 11.28
CA ILE C 379 44.40 -0.73 12.66
C ILE C 379 44.96 -1.82 13.57
N GLU C 380 45.70 -1.39 14.59
CA GLU C 380 46.29 -2.31 15.57
C GLU C 380 46.21 -1.68 16.96
N ASN C 381 45.75 -2.47 17.93
CA ASN C 381 45.65 -2.04 19.33
C ASN C 381 44.84 -0.76 19.45
N CYS C 382 43.70 -0.74 18.73
CA CYS C 382 42.81 0.43 18.67
C CYS C 382 43.52 1.67 18.12
N LYS C 383 44.59 1.46 17.34
CA LYS C 383 45.37 2.55 16.78
C LYS C 383 45.66 2.26 15.32
N VAL C 384 45.85 3.33 14.55
CA VAL C 384 46.20 3.21 13.14
C VAL C 384 47.70 3.36 12.99
N VAL C 385 48.32 2.45 12.22
CA VAL C 385 49.75 2.41 12.04
C VAL C 385 50.15 2.60 10.57
N ASN C 386 49.43 1.98 9.65
CA ASN C 386 49.74 2.05 8.24
C ASN C 386 48.49 2.43 7.45
N PHE C 387 48.71 3.08 6.31
CA PHE C 387 47.61 3.51 5.46
C PHE C 387 48.07 3.48 4.01
N ASN C 388 47.10 3.35 3.10
CA ASN C 388 47.39 3.37 1.68
C ASN C 388 46.11 3.73 0.92
N ILE C 389 46.30 4.13 -0.34
CA ILE C 389 45.17 4.48 -1.18
C ILE C 389 44.67 3.24 -1.91
N GLU C 390 43.39 3.24 -2.28
CA GLU C 390 42.78 2.14 -3.01
C GLU C 390 42.42 2.54 -4.44
N ASN C 391 41.71 3.66 -4.61
CA ASN C 391 41.32 4.14 -5.93
C ASN C 391 41.95 5.52 -6.12
N THR C 392 42.60 5.71 -7.27
CA THR C 392 43.33 6.95 -7.54
C THR C 392 42.51 7.98 -8.31
N ASN C 393 41.30 7.64 -8.74
CA ASN C 393 40.48 8.60 -9.48
C ASN C 393 40.09 9.79 -8.59
N CYS C 394 39.78 9.52 -7.33
CA CYS C 394 39.31 10.57 -6.43
C CYS C 394 40.34 11.65 -6.18
N LEU C 395 41.61 11.41 -6.50
CA LEU C 395 42.63 12.45 -6.40
C LEU C 395 42.63 13.40 -7.60
N ASN C 396 41.56 13.39 -8.41
CA ASN C 396 41.49 14.35 -9.51
C ASN C 396 41.45 15.78 -8.99
N ASN C 397 40.73 16.01 -7.90
CA ASN C 397 40.70 17.31 -7.26
C ASN C 397 42.03 17.57 -6.54
N PRO C 398 42.76 18.63 -6.88
CA PRO C 398 44.06 18.86 -6.23
C PRO C 398 43.98 19.07 -4.74
N SER C 399 42.88 19.64 -4.22
CA SER C 399 42.74 19.81 -2.79
C SER C 399 42.74 18.47 -2.07
N ILE C 400 42.09 17.46 -2.67
CA ILE C 400 42.13 16.12 -2.11
C ILE C 400 43.56 15.59 -2.08
N GLU C 401 44.35 15.89 -3.11
CA GLU C 401 45.76 15.49 -3.10
C GLU C 401 46.52 16.17 -1.97
N THR C 402 46.25 17.46 -1.74
CA THR C 402 46.93 18.17 -0.66
C THR C 402 46.57 17.57 0.70
N ILE C 403 45.28 17.26 0.91
CA ILE C 403 44.87 16.64 2.17
C ILE C 403 45.49 15.26 2.32
N TYR C 404 45.60 14.52 1.20
CA TYR C 404 46.27 13.22 1.23
C TYR C 404 47.72 13.37 1.66
N GLY C 405 48.40 14.40 1.16
CA GLY C 405 49.77 14.66 1.57
C GLY C 405 49.87 15.04 3.03
N ASN C 406 48.92 15.82 3.53
CA ASN C 406 48.96 16.30 4.91
C ASN C 406 48.43 15.25 5.88
N PHE C 407 47.89 14.15 5.38
CA PHE C 407 47.32 13.09 6.21
C PHE C 407 48.31 12.54 7.23
N ASN C 408 49.61 12.65 6.96
CA ASN C 408 50.62 12.11 7.86
C ASN C 408 50.69 12.87 9.18
N GLN C 409 50.04 14.02 9.29
CA GLN C 409 49.91 14.72 10.56
C GLN C 409 48.56 14.53 11.21
N PHE C 410 47.49 14.37 10.41
CA PHE C 410 46.20 13.99 10.97
C PHE C 410 46.30 12.64 11.66
N VAL C 411 47.06 11.71 11.09
CA VAL C 411 47.22 10.41 11.72
C VAL C 411 47.89 10.56 13.08
N SER C 412 48.92 11.41 13.18
CA SER C 412 49.63 11.58 14.43
C SER C 412 48.77 12.25 15.49
N ILE C 413 48.03 13.30 15.10
CA ILE C 413 47.18 13.96 16.07
C ILE C 413 46.05 13.05 16.51
N PHE C 414 45.54 12.22 15.60
CA PHE C 414 44.54 11.23 15.98
C PHE C 414 45.10 10.24 16.99
N ASN C 415 46.34 9.78 16.76
CA ASN C 415 46.95 8.85 17.70
C ASN C 415 47.12 9.49 19.07
N THR C 416 47.56 10.76 19.11
CA THR C 416 47.73 11.44 20.38
C THR C 416 46.40 11.61 21.12
N VAL C 417 45.34 11.97 20.39
CA VAL C 417 44.04 12.14 21.03
C VAL C 417 43.54 10.82 21.58
N THR C 418 43.72 9.73 20.81
CA THR C 418 43.32 8.42 21.30
C THR C 418 44.13 8.02 22.54
N ASP C 419 45.44 8.32 22.54
CA ASP C 419 46.26 8.01 23.70
C ASP C 419 45.78 8.76 24.94
N VAL C 420 45.50 10.06 24.81
CA VAL C 420 45.06 10.82 25.97
C VAL C 420 43.67 10.36 26.42
N LYS C 421 42.80 9.99 25.46
CA LYS C 421 41.49 9.46 25.83
C LYS C 421 41.62 8.15 26.60
N LYS C 422 42.52 7.27 26.17
CA LYS C 422 42.74 6.02 26.90
C LYS C 422 43.31 6.28 28.28
N ARG C 423 44.25 7.23 28.39
CA ARG C 423 44.84 7.53 29.68
C ARG C 423 43.83 8.10 30.66
N LEU C 424 42.98 9.02 30.19
CA LEU C 424 41.98 9.62 31.08
C LEU C 424 40.92 8.60 31.48
N PHE C 425 40.41 7.84 30.51
CA PHE C 425 39.50 6.72 30.78
C PHE C 425 39.61 5.67 29.67
#